data_5JMY
#
_entry.id   5JMY
#
_cell.length_a   59.737
_cell.length_b   109.139
_cell.length_c   248.003
_cell.angle_alpha   90.00
_cell.angle_beta   90.00
_cell.angle_gamma   90.00
#
_symmetry.space_group_name_H-M   'P 21 21 21'
#
loop_
_entity.id
_entity.type
_entity.pdbx_description
1 polymer Neprilysin
2 branched 2-acetamido-2-deoxy-beta-D-glucopyranose-(1-4)-2-acetamido-2-deoxy-beta-D-glucopyranose
3 non-polymer 2-acetamido-2-deoxy-beta-D-glucopyranose
4 non-polymer 'ZINC ION'
5 non-polymer Sacubitrilat
6 water water
#
_entity_poly.entity_id   1
_entity_poly.type   'polypeptide(L)'
_entity_poly.pdbx_seq_one_letter_code
;DDGICKSSDCIKSAARLIQNMDATTEPCTDFFKYACGGWLKRNVIPETSSRYGNFDILRDELEVVLKDVLQEPKTEDIVA
VQKAKALYRSCINESAIDSRGGEPLLKLLPDIYGWPVATENWEQKYGASWTAEKAIAQLNSKYGKKVLINLFVGTDDKNS
VNHVIHIDQPRLGLPSRDYYECTGIYKEACTAYVDFMISVARLIRQEERLPIDENQLALEMNKVMELEKEIANATAKPED
RNDPMLLYNKMTLAQIQNNFSLEINGKPFSWLNFTNEIMSTVNISITNEEDVVVYAPEYLTKLKPILTKYSARDLQNLMS
WRFIMDLVSSLSRTYKESRNAFRKALYGTTSETATWRRCANYVNGNMENAVGRLYVEAAFAGESKHVVEDLIAQIREVFI
QTLDDLTWMDAETKKRAEEKALAIKERIGYPDDIVSNDNKLNNEYLELNYKEDEYFENIIQNLKFSQSKQLKKLREKVDK
DEWISGAAVVNAFYSSGRNQIVFPAGILQPPFFSAQQSNSLNYGGIGMVIGHEITHGFDDNGRNFNKDGDLVDWWTQQSA
SNFKEQSQCMVYQYGNFSWDLAGGQHLNGINTLGENIADNGGLGQAYRAYQNYIKKNGEEKLLPGLDLNHKQLFFLNFAQ
VWCGTYRPEYAVNSIKTDVHSPGNFRIIGTLQNSAEFSEAFHCRKNSYMNPEKKCRVW
;
_entity_poly.pdbx_strand_id   A,B
#
# COMPACT_ATOMS: atom_id res chain seq x y z
N GLY A 3 -34.27 1.15 -24.08
CA GLY A 3 -33.12 0.49 -24.71
C GLY A 3 -31.82 0.67 -23.95
N ILE A 4 -31.89 0.55 -22.62
CA ILE A 4 -30.74 0.71 -21.73
C ILE A 4 -30.49 -0.64 -21.08
N CYS A 5 -29.24 -1.06 -21.03
CA CYS A 5 -28.85 -2.30 -20.38
C CYS A 5 -28.88 -2.06 -18.89
N LYS A 6 -29.56 -2.91 -18.12
CA LYS A 6 -29.65 -2.69 -16.68
C LYS A 6 -29.17 -3.91 -15.86
N SER A 7 -28.32 -4.74 -16.47
CA SER A 7 -27.73 -5.91 -15.82
C SER A 7 -26.65 -5.46 -14.79
N SER A 8 -26.30 -6.37 -13.84
CA SER A 8 -25.24 -6.16 -12.84
C SER A 8 -23.94 -5.79 -13.53
N ASP A 9 -23.62 -6.50 -14.62
CA ASP A 9 -22.41 -6.31 -15.41
C ASP A 9 -22.35 -4.96 -16.12
N CYS A 10 -23.48 -4.51 -16.67
CA CYS A 10 -23.57 -3.20 -17.32
C CYS A 10 -23.40 -2.07 -16.28
N ILE A 11 -23.98 -2.22 -15.08
CA ILE A 11 -23.88 -1.22 -14.00
C ILE A 11 -22.41 -1.07 -13.54
N LYS A 12 -21.70 -2.19 -13.39
CA LYS A 12 -20.29 -2.19 -13.02
C LYS A 12 -19.43 -1.55 -14.09
N SER A 13 -19.67 -1.86 -15.40
CA SER A 13 -18.92 -1.22 -16.48
C SER A 13 -19.17 0.28 -16.48
N ALA A 14 -20.46 0.68 -16.36
CA ALA A 14 -20.85 2.08 -16.36
C ALA A 14 -20.23 2.84 -15.20
N ALA A 15 -20.31 2.32 -13.96
CA ALA A 15 -19.75 2.95 -12.76
C ALA A 15 -18.25 3.22 -12.93
N ARG A 16 -17.49 2.22 -13.40
CA ARG A 16 -16.05 2.33 -13.62
C ARG A 16 -15.78 3.46 -14.62
N LEU A 17 -16.45 3.44 -15.77
CA LEU A 17 -16.28 4.46 -16.82
C LEU A 17 -16.61 5.85 -16.30
N ILE A 18 -17.70 5.98 -15.52
CA ILE A 18 -18.13 7.25 -14.91
C ILE A 18 -17.12 7.78 -13.89
N GLN A 19 -16.71 6.91 -12.98
CA GLN A 19 -15.77 7.27 -11.91
C GLN A 19 -14.42 7.73 -12.42
N ASN A 20 -13.92 7.16 -13.57
CA ASN A 20 -12.59 7.54 -14.08
C ASN A 20 -12.56 8.82 -14.87
N MET A 21 -13.65 9.18 -15.50
CA MET A 21 -13.66 10.32 -16.37
C MET A 21 -13.91 11.67 -15.70
N ASP A 22 -13.53 12.72 -16.41
CA ASP A 22 -13.78 14.12 -16.01
C ASP A 22 -14.62 14.71 -17.12
N ALA A 23 -15.95 14.64 -16.94
CA ALA A 23 -16.92 15.14 -17.92
C ALA A 23 -16.90 16.69 -18.11
N THR A 24 -16.13 17.45 -17.29
CA THR A 24 -15.98 18.93 -17.42
C THR A 24 -14.85 19.31 -18.40
N THR A 25 -14.13 18.31 -18.90
CA THR A 25 -13.06 18.52 -19.86
C THR A 25 -13.65 18.28 -21.23
N GLU A 26 -13.25 19.10 -22.21
CA GLU A 26 -13.71 18.98 -23.57
C GLU A 26 -12.93 17.81 -24.24
N PRO A 27 -13.64 16.71 -24.68
CA PRO A 27 -12.93 15.56 -25.29
C PRO A 27 -11.94 15.89 -26.39
N CYS A 28 -12.24 16.93 -27.17
CA CYS A 28 -11.40 17.33 -28.29
C CYS A 28 -10.26 18.24 -27.87
N THR A 29 -10.28 18.71 -26.62
CA THR A 29 -9.17 19.52 -26.10
C THR A 29 -8.10 18.58 -25.51
N ASP A 30 -8.51 17.59 -24.68
CA ASP A 30 -7.58 16.63 -24.07
C ASP A 30 -8.37 15.38 -23.74
N PHE A 31 -8.35 14.39 -24.63
CA PHE A 31 -9.15 13.20 -24.36
C PHE A 31 -8.63 12.38 -23.20
N PHE A 32 -7.32 12.47 -22.91
CA PHE A 32 -6.75 11.74 -21.77
C PHE A 32 -7.33 12.30 -20.47
N LYS A 33 -7.41 13.63 -20.36
CA LYS A 33 -7.99 14.27 -19.19
C LYS A 33 -9.50 14.03 -19.13
N TYR A 34 -10.17 13.99 -20.29
CA TYR A 34 -11.62 13.68 -20.30
C TYR A 34 -11.84 12.24 -19.88
N ALA A 35 -11.06 11.31 -20.42
CA ALA A 35 -11.27 9.89 -20.09
C ALA A 35 -10.79 9.52 -18.70
N CYS A 36 -9.73 10.20 -18.22
CA CYS A 36 -9.06 9.79 -16.99
C CYS A 36 -8.99 10.80 -15.86
N GLY A 37 -9.48 12.03 -16.06
CA GLY A 37 -9.45 13.08 -15.07
C GLY A 37 -9.99 12.74 -13.71
N GLY A 38 -11.05 11.93 -13.63
CA GLY A 38 -11.64 11.52 -12.36
C GLY A 38 -10.70 10.60 -11.60
N TRP A 39 -10.05 9.66 -12.32
CA TRP A 39 -9.09 8.75 -11.71
C TRP A 39 -7.93 9.57 -11.17
N LEU A 40 -7.47 10.53 -11.96
CA LEU A 40 -6.31 11.38 -11.62
C LEU A 40 -6.56 12.21 -10.36
N LYS A 41 -7.76 12.77 -10.22
CA LYS A 41 -8.14 13.57 -9.05
C LYS A 41 -8.22 12.71 -7.78
N ARG A 42 -8.73 11.48 -7.90
CA ARG A 42 -8.94 10.58 -6.77
C ARG A 42 -7.73 9.77 -6.31
N ASN A 43 -6.78 9.52 -7.20
CA ASN A 43 -5.70 8.64 -6.82
C ASN A 43 -4.37 9.34 -6.50
N VAL A 44 -3.58 8.68 -5.64
CA VAL A 44 -2.23 9.07 -5.26
C VAL A 44 -1.38 7.82 -5.56
N ILE A 45 -0.14 8.04 -6.03
CA ILE A 45 0.74 6.90 -6.32
C ILE A 45 1.16 6.28 -4.99
N PRO A 46 0.97 4.97 -4.78
CA PRO A 46 1.42 4.35 -3.52
C PRO A 46 2.95 4.53 -3.33
N GLU A 47 3.42 4.51 -2.08
CA GLU A 47 4.87 4.67 -1.78
C GLU A 47 5.76 3.61 -2.43
N THR A 48 5.19 2.44 -2.73
CA THR A 48 5.92 1.32 -3.30
C THR A 48 5.78 1.26 -4.83
N SER A 49 5.03 2.17 -5.46
CA SER A 49 4.83 2.14 -6.93
C SER A 49 5.60 3.23 -7.65
N SER A 50 6.18 2.91 -8.78
CA SER A 50 6.94 3.93 -9.54
C SER A 50 5.99 4.53 -10.59
N ARG A 51 4.92 3.78 -10.86
CA ARG A 51 3.86 4.18 -11.78
C ARG A 51 2.59 3.57 -11.21
N TYR A 52 1.46 4.26 -11.30
CA TYR A 52 0.22 3.70 -10.76
C TYR A 52 -0.87 4.09 -11.71
N GLY A 53 -1.84 3.19 -11.88
CA GLY A 53 -2.94 3.41 -12.81
C GLY A 53 -3.78 2.17 -12.98
N ASN A 54 -4.84 2.24 -13.83
CA ASN A 54 -5.75 1.08 -14.04
C ASN A 54 -5.03 -0.18 -14.43
N PHE A 55 -4.00 -0.04 -15.27
CA PHE A 55 -3.24 -1.17 -15.78
C PHE A 55 -2.38 -1.83 -14.70
N ASP A 56 -1.65 -1.02 -13.89
CA ASP A 56 -0.82 -1.50 -12.79
C ASP A 56 -1.68 -2.11 -11.70
N ILE A 57 -2.91 -1.59 -11.50
CA ILE A 57 -3.87 -2.11 -10.52
C ILE A 57 -4.22 -3.56 -10.90
N LEU A 58 -4.38 -3.86 -12.22
CA LEU A 58 -4.69 -5.19 -12.69
C LEU A 58 -3.62 -6.16 -12.31
N ARG A 59 -2.35 -5.72 -12.36
CA ARG A 59 -1.18 -6.53 -12.00
C ARG A 59 -1.13 -6.72 -10.51
N ASP A 60 -1.44 -5.64 -9.73
CA ASP A 60 -1.47 -5.74 -8.27
C ASP A 60 -2.55 -6.75 -7.88
N GLU A 61 -3.69 -6.72 -8.57
CA GLU A 61 -4.80 -7.65 -8.28
C GLU A 61 -4.49 -9.10 -8.65
N LEU A 62 -3.68 -9.30 -9.68
CA LEU A 62 -3.26 -10.64 -10.07
C LEU A 62 -2.32 -11.18 -8.98
N GLU A 63 -1.47 -10.31 -8.37
CA GLU A 63 -0.58 -10.76 -7.28
C GLU A 63 -1.40 -11.25 -6.11
N VAL A 64 -2.58 -10.63 -5.86
CA VAL A 64 -3.49 -11.05 -4.78
C VAL A 64 -3.91 -12.51 -5.02
N VAL A 65 -4.27 -12.82 -6.26
CA VAL A 65 -4.64 -14.20 -6.65
C VAL A 65 -3.47 -15.14 -6.40
N LEU A 66 -2.24 -14.74 -6.81
CA LEU A 66 -1.05 -15.58 -6.59
C LEU A 66 -0.81 -15.85 -5.12
N LYS A 67 -0.98 -14.83 -4.26
CA LYS A 67 -0.82 -15.01 -2.81
C LYS A 67 -1.85 -16.06 -2.32
N ASP A 68 -3.13 -15.91 -2.72
CA ASP A 68 -4.18 -16.86 -2.31
C ASP A 68 -3.87 -18.30 -2.70
N VAL A 69 -3.32 -18.52 -3.91
CA VAL A 69 -3.05 -19.90 -4.41
C VAL A 69 -1.68 -20.45 -4.01
N LEU A 70 -0.76 -19.63 -3.52
CA LEU A 70 0.54 -20.13 -3.10
C LEU A 70 0.69 -20.28 -1.59
N GLN A 71 -0.03 -19.48 -0.82
CA GLN A 71 0.18 -19.38 0.62
C GLN A 71 -0.34 -20.53 1.48
N GLU A 72 -1.24 -21.36 0.95
CA GLU A 72 -1.81 -22.45 1.70
C GLU A 72 -1.57 -23.82 1.06
N PRO A 73 -0.86 -24.75 1.74
CA PRO A 73 -0.75 -26.12 1.22
C PRO A 73 -2.14 -26.78 1.16
N LYS A 74 -2.33 -27.73 0.22
CA LYS A 74 -3.57 -28.50 0.00
C LYS A 74 -3.12 -29.95 -0.24
N THR A 75 -3.90 -30.94 0.26
CA THR A 75 -3.52 -32.36 0.10
C THR A 75 -3.46 -32.78 -1.35
N GLU A 76 -4.35 -32.23 -2.19
CA GLU A 76 -4.40 -32.55 -3.61
C GLU A 76 -3.20 -32.04 -4.42
N ASP A 77 -2.40 -31.10 -3.87
CA ASP A 77 -1.24 -30.51 -4.59
C ASP A 77 -0.29 -31.54 -5.20
N ILE A 78 -0.05 -31.45 -6.50
CA ILE A 78 0.93 -32.28 -7.21
C ILE A 78 2.30 -31.75 -6.82
N VAL A 79 3.35 -32.56 -7.02
CA VAL A 79 4.73 -32.21 -6.66
C VAL A 79 5.15 -30.82 -7.23
N ALA A 80 4.89 -30.54 -8.52
CA ALA A 80 5.23 -29.24 -9.14
C ALA A 80 4.64 -28.07 -8.29
N VAL A 81 3.38 -28.20 -7.84
CA VAL A 81 2.71 -27.22 -7.01
C VAL A 81 3.35 -27.16 -5.60
N GLN A 82 3.67 -28.33 -5.03
CA GLN A 82 4.34 -28.42 -3.73
C GLN A 82 5.67 -27.65 -3.76
N LYS A 83 6.43 -27.77 -4.86
CA LYS A 83 7.71 -27.10 -5.06
C LYS A 83 7.52 -25.59 -5.15
N ALA A 84 6.49 -25.12 -5.88
CA ALA A 84 6.18 -23.67 -6.00
C ALA A 84 5.81 -23.10 -4.63
N LYS A 85 5.00 -23.82 -3.84
CA LYS A 85 4.57 -23.37 -2.52
C LYS A 85 5.72 -23.37 -1.51
N ALA A 86 6.63 -24.35 -1.60
CA ALA A 86 7.80 -24.43 -0.75
C ALA A 86 8.78 -23.28 -1.10
N LEU A 87 8.92 -22.97 -2.40
CA LEU A 87 9.73 -21.83 -2.85
C LEU A 87 9.14 -20.53 -2.29
N TYR A 88 7.82 -20.34 -2.42
CA TYR A 88 7.13 -19.19 -1.87
C TYR A 88 7.34 -19.05 -0.35
N ARG A 89 7.21 -20.17 0.41
CA ARG A 89 7.40 -20.16 1.87
C ARG A 89 8.82 -19.73 2.25
N SER A 90 9.85 -20.22 1.54
CA SER A 90 11.24 -19.80 1.80
C SER A 90 11.45 -18.29 1.52
N CYS A 91 10.79 -17.77 0.50
CA CYS A 91 10.87 -16.37 0.12
C CYS A 91 10.25 -15.42 1.18
N ILE A 92 9.07 -15.77 1.72
CA ILE A 92 8.35 -14.90 2.67
C ILE A 92 8.86 -15.03 4.12
N ASN A 93 9.72 -16.03 4.40
CA ASN A 93 10.22 -16.19 5.77
C ASN A 93 11.39 -15.23 6.04
N GLU A 94 11.03 -13.98 6.35
CA GLU A 94 11.96 -12.90 6.63
C GLU A 94 12.74 -13.11 7.93
N SER A 95 12.21 -13.87 8.91
CA SER A 95 12.96 -14.13 10.15
C SER A 95 14.16 -15.06 9.89
N ALA A 96 13.99 -16.12 9.05
CA ALA A 96 15.10 -17.03 8.67
C ALA A 96 16.11 -16.28 7.82
N ILE A 97 15.62 -15.44 6.88
CA ILE A 97 16.51 -14.64 6.03
C ILE A 97 17.34 -13.69 6.89
N ASP A 98 16.68 -12.94 7.80
CA ASP A 98 17.40 -12.00 8.67
C ASP A 98 18.46 -12.68 9.57
N SER A 99 18.17 -13.89 10.06
CA SER A 99 19.11 -14.65 10.91
C SER A 99 20.39 -15.06 10.18
N ARG A 100 20.35 -15.21 8.83
CA ARG A 100 21.52 -15.60 8.05
C ARG A 100 22.47 -14.40 7.72
N GLY A 101 22.01 -13.17 7.96
CA GLY A 101 22.78 -11.97 7.70
C GLY A 101 23.26 -11.92 6.27
N GLY A 102 24.56 -11.75 6.08
CA GLY A 102 25.18 -11.70 4.77
C GLY A 102 25.95 -12.96 4.45
N GLU A 103 25.95 -13.94 5.38
CA GLU A 103 26.64 -15.24 5.29
C GLU A 103 26.41 -15.96 3.97
N PRO A 104 25.17 -16.10 3.43
CA PRO A 104 25.02 -16.77 2.13
C PRO A 104 25.82 -16.09 1.00
N LEU A 105 25.95 -14.74 1.02
CA LEU A 105 26.74 -14.00 0.02
C LEU A 105 28.24 -14.26 0.23
N LEU A 106 28.72 -14.22 1.49
CA LEU A 106 30.13 -14.43 1.82
C LEU A 106 30.61 -15.79 1.33
N LYS A 107 29.75 -16.80 1.47
CA LYS A 107 30.03 -18.17 1.05
C LYS A 107 30.08 -18.30 -0.47
N LEU A 108 29.35 -17.42 -1.18
CA LEU A 108 29.27 -17.41 -2.65
C LEU A 108 30.44 -16.66 -3.26
N LEU A 109 30.91 -15.58 -2.62
CA LEU A 109 31.96 -14.69 -3.09
C LEU A 109 33.23 -15.42 -3.67
N PRO A 110 33.82 -16.48 -3.05
CA PRO A 110 35.00 -17.12 -3.67
C PRO A 110 34.77 -17.75 -5.05
N ASP A 111 33.53 -18.20 -5.30
CA ASP A 111 33.16 -18.87 -6.54
C ASP A 111 33.01 -17.92 -7.75
N ILE A 112 33.11 -16.61 -7.51
CA ILE A 112 33.03 -15.59 -8.56
C ILE A 112 34.34 -14.82 -8.63
N TYR A 113 35.40 -15.36 -7.98
CA TYR A 113 36.75 -14.78 -7.83
C TYR A 113 36.73 -13.59 -6.86
N GLY A 114 35.82 -13.63 -5.88
CA GLY A 114 35.65 -12.61 -4.84
C GLY A 114 35.29 -11.21 -5.31
N TRP A 115 35.20 -10.26 -4.36
CA TRP A 115 34.94 -8.84 -4.64
C TRP A 115 36.15 -8.10 -4.03
N PRO A 116 37.15 -7.76 -4.89
CA PRO A 116 38.43 -7.21 -4.38
C PRO A 116 38.33 -6.25 -3.20
N VAL A 117 37.49 -5.21 -3.30
CA VAL A 117 37.27 -4.16 -2.28
C VAL A 117 36.88 -4.72 -0.91
N ALA A 118 36.21 -5.86 -0.91
CA ALA A 118 35.72 -6.49 0.31
C ALA A 118 36.55 -7.71 0.71
N THR A 119 37.72 -7.88 0.05
CA THR A 119 38.70 -8.96 0.23
C THR A 119 40.05 -8.39 0.70
N GLU A 120 40.68 -9.04 1.68
CA GLU A 120 42.04 -8.64 2.09
C GLU A 120 43.00 -9.49 1.25
N ASN A 121 44.05 -8.87 0.66
CA ASN A 121 45.05 -9.53 -0.20
C ASN A 121 44.42 -10.28 -1.36
N TRP A 122 43.51 -9.58 -2.11
CA TRP A 122 42.81 -10.16 -3.27
C TRP A 122 43.76 -10.75 -4.34
N GLU A 123 44.77 -9.98 -4.74
CA GLU A 123 45.78 -10.34 -5.73
C GLU A 123 46.44 -11.68 -5.41
N GLN A 124 46.78 -11.91 -4.12
CA GLN A 124 47.40 -13.15 -3.64
C GLN A 124 46.44 -14.33 -3.76
N LYS A 125 45.20 -14.12 -3.29
CA LYS A 125 44.14 -15.12 -3.23
C LYS A 125 43.60 -15.58 -4.59
N TYR A 126 43.35 -14.65 -5.53
CA TYR A 126 42.70 -15.02 -6.80
C TYR A 126 43.49 -14.74 -8.07
N GLY A 127 44.34 -13.70 -8.03
CA GLY A 127 45.15 -13.24 -9.16
C GLY A 127 45.91 -14.29 -9.94
N ALA A 128 46.31 -15.37 -9.24
CA ALA A 128 47.05 -16.49 -9.82
C ALA A 128 46.20 -17.29 -10.81
N SER A 129 44.91 -17.48 -10.48
CA SER A 129 43.96 -18.22 -11.32
C SER A 129 42.95 -17.29 -12.04
N TRP A 130 43.21 -15.98 -12.08
CA TRP A 130 42.30 -15.04 -12.72
C TRP A 130 42.64 -14.73 -14.20
N THR A 131 41.70 -15.04 -15.11
CA THR A 131 41.68 -14.68 -16.53
C THR A 131 40.29 -14.08 -16.78
N ALA A 132 40.18 -13.10 -17.69
CA ALA A 132 38.91 -12.48 -18.03
C ALA A 132 37.94 -13.52 -18.55
N GLU A 133 38.47 -14.48 -19.36
CA GLU A 133 37.76 -15.58 -19.99
C GLU A 133 37.02 -16.40 -18.94
N LYS A 134 37.73 -16.73 -17.87
CA LYS A 134 37.17 -17.53 -16.79
C LYS A 134 36.21 -16.74 -15.90
N ALA A 135 36.56 -15.49 -15.55
CA ALA A 135 35.78 -14.59 -14.69
C ALA A 135 34.44 -14.19 -15.33
N ILE A 136 34.45 -13.79 -16.61
CA ILE A 136 33.22 -13.43 -17.33
C ILE A 136 32.35 -14.67 -17.50
N ALA A 137 32.98 -15.79 -17.93
CA ALA A 137 32.26 -17.06 -18.15
C ALA A 137 31.62 -17.64 -16.90
N GLN A 138 32.29 -17.51 -15.73
CA GLN A 138 31.77 -18.03 -14.45
C GLN A 138 30.45 -17.38 -14.09
N LEU A 139 30.40 -16.05 -14.13
CA LEU A 139 29.20 -15.26 -13.83
C LEU A 139 28.09 -15.57 -14.79
N ASN A 140 28.42 -15.74 -16.09
CA ASN A 140 27.49 -16.06 -17.17
C ASN A 140 26.87 -17.45 -17.01
N SER A 141 27.67 -18.50 -17.13
CA SER A 141 27.25 -19.90 -17.16
C SER A 141 26.62 -20.41 -15.86
N LYS A 142 27.15 -19.99 -14.73
CA LYS A 142 26.61 -20.48 -13.48
C LYS A 142 25.51 -19.60 -12.91
N TYR A 143 25.55 -18.27 -13.15
CA TYR A 143 24.62 -17.36 -12.49
C TYR A 143 23.78 -16.49 -13.40
N GLY A 144 23.95 -16.59 -14.72
CA GLY A 144 23.20 -15.81 -15.69
C GLY A 144 23.51 -14.33 -15.63
N LYS A 145 24.62 -13.93 -15.00
CA LYS A 145 25.04 -12.55 -14.88
C LYS A 145 26.00 -12.22 -16.04
N LYS A 146 25.59 -11.34 -16.94
CA LYS A 146 26.36 -11.01 -18.14
C LYS A 146 27.06 -9.69 -17.99
N VAL A 147 28.37 -9.76 -17.82
CA VAL A 147 29.20 -8.56 -17.57
C VAL A 147 30.24 -8.43 -18.69
N LEU A 148 30.51 -7.17 -19.16
CA LEU A 148 31.47 -6.80 -20.20
C LEU A 148 31.13 -7.35 -21.57
N ILE A 149 30.98 -8.66 -21.69
CA ILE A 149 30.63 -9.32 -22.95
C ILE A 149 29.41 -10.14 -22.65
N ASN A 150 28.31 -9.89 -23.37
CA ASN A 150 27.09 -10.67 -23.21
C ASN A 150 27.06 -11.81 -24.24
N LEU A 151 27.36 -13.03 -23.79
CA LEU A 151 27.35 -14.24 -24.60
C LEU A 151 26.08 -15.02 -24.23
N PHE A 152 25.24 -15.31 -25.24
CA PHE A 152 24.05 -16.12 -24.97
C PHE A 152 23.69 -17.06 -26.10
N VAL A 153 22.87 -18.08 -25.80
CA VAL A 153 22.25 -19.03 -26.74
C VAL A 153 20.81 -18.54 -26.94
N GLY A 154 20.42 -18.35 -28.19
CA GLY A 154 19.08 -17.91 -28.59
C GLY A 154 18.73 -18.32 -30.00
N THR A 155 17.50 -18.05 -30.42
CA THR A 155 16.96 -18.37 -31.76
C THR A 155 17.78 -17.64 -32.86
N ASP A 156 18.12 -18.37 -33.94
CA ASP A 156 18.81 -17.78 -35.09
C ASP A 156 17.79 -16.95 -35.84
N ASP A 157 18.04 -15.66 -35.96
CA ASP A 157 17.14 -14.71 -36.65
C ASP A 157 16.86 -15.11 -38.09
N LYS A 158 17.88 -15.63 -38.80
CA LYS A 158 17.77 -16.02 -40.21
C LYS A 158 17.34 -17.50 -40.38
N ASN A 159 17.31 -18.27 -39.27
CA ASN A 159 16.91 -19.69 -39.27
C ASN A 159 16.16 -20.00 -37.95
N SER A 160 14.90 -19.55 -37.88
CA SER A 160 14.02 -19.62 -36.72
C SER A 160 13.96 -21.00 -36.02
N VAL A 161 14.22 -22.10 -36.74
CA VAL A 161 14.15 -23.45 -36.19
C VAL A 161 15.37 -23.84 -35.34
N ASN A 162 16.45 -23.10 -35.43
CA ASN A 162 17.66 -23.45 -34.70
C ASN A 162 18.06 -22.38 -33.69
N HIS A 163 19.03 -22.76 -32.85
CA HIS A 163 19.68 -21.93 -31.85
C HIS A 163 21.07 -21.62 -32.31
N VAL A 164 21.56 -20.44 -31.93
CA VAL A 164 22.92 -20.00 -32.20
C VAL A 164 23.47 -19.21 -31.02
N ILE A 165 24.78 -19.13 -30.94
CA ILE A 165 25.42 -18.33 -29.94
C ILE A 165 25.38 -16.89 -30.48
N HIS A 166 25.09 -15.93 -29.60
CA HIS A 166 25.06 -14.50 -29.91
C HIS A 166 26.10 -13.85 -29.02
N ILE A 167 26.63 -12.72 -29.48
CA ILE A 167 27.57 -11.89 -28.73
C ILE A 167 27.02 -10.49 -28.82
N ASP A 168 26.77 -9.89 -27.66
CA ASP A 168 26.21 -8.56 -27.59
C ASP A 168 26.84 -7.78 -26.46
N GLN A 169 26.61 -6.46 -26.45
CA GLN A 169 27.06 -5.55 -25.40
C GLN A 169 26.21 -5.94 -24.13
N PRO A 170 26.77 -5.80 -22.92
CA PRO A 170 25.97 -6.15 -21.74
C PRO A 170 25.11 -4.98 -21.24
N ARG A 171 24.19 -5.27 -20.31
CA ARG A 171 23.39 -4.23 -19.68
C ARG A 171 24.26 -3.48 -18.66
N LEU A 172 23.83 -2.32 -18.20
CA LEU A 172 24.54 -1.48 -17.23
C LEU A 172 23.87 -1.57 -15.85
N GLY A 173 24.57 -1.13 -14.81
CA GLY A 173 24.04 -1.06 -13.45
C GLY A 173 22.95 -0.03 -13.35
N LEU A 174 23.09 1.07 -14.08
CA LEU A 174 22.11 2.12 -14.18
C LEU A 174 21.14 1.82 -15.34
N PRO A 175 19.91 2.44 -15.38
CA PRO A 175 18.89 2.04 -16.37
C PRO A 175 19.30 2.13 -17.85
N SER A 176 20.02 3.20 -18.23
CA SER A 176 20.47 3.37 -19.61
C SER A 176 21.82 4.07 -19.63
N ARG A 177 22.47 4.08 -20.81
CA ARG A 177 23.77 4.75 -21.01
C ARG A 177 23.73 6.26 -20.69
N ASP A 178 22.54 6.90 -20.88
CA ASP A 178 22.31 8.31 -20.60
C ASP A 178 22.63 8.70 -19.17
N TYR A 179 22.36 7.81 -18.20
CA TYR A 179 22.58 8.06 -16.79
C TYR A 179 24.05 8.33 -16.49
N TYR A 180 24.97 7.71 -17.24
CA TYR A 180 26.41 7.81 -17.01
C TYR A 180 26.99 9.21 -17.35
N GLU A 181 26.16 10.13 -17.88
CA GLU A 181 26.51 11.53 -18.06
C GLU A 181 26.80 12.11 -16.67
N CYS A 182 25.96 11.70 -15.68
CA CYS A 182 26.04 12.03 -14.24
C CYS A 182 25.88 13.51 -13.92
N THR A 183 25.11 14.23 -14.72
CA THR A 183 24.83 15.65 -14.51
C THR A 183 23.34 15.89 -14.66
N GLY A 184 22.86 16.96 -14.04
CA GLY A 184 21.46 17.34 -14.05
C GLY A 184 20.55 16.29 -13.45
N ILE A 185 19.59 15.81 -14.24
CA ILE A 185 18.58 14.81 -13.82
C ILE A 185 19.17 13.44 -13.46
N TYR A 186 20.46 13.19 -13.83
CA TYR A 186 21.21 11.94 -13.57
C TYR A 186 22.16 12.01 -12.39
N LYS A 187 22.44 13.21 -11.86
CA LYS A 187 23.36 13.39 -10.74
C LYS A 187 22.95 12.56 -9.52
N GLU A 188 21.71 12.71 -9.02
CA GLU A 188 21.25 11.98 -7.85
C GLU A 188 21.43 10.44 -7.99
N ALA A 189 21.13 9.87 -9.17
CA ALA A 189 21.22 8.44 -9.44
C ALA A 189 22.65 7.97 -9.43
N CYS A 190 23.59 8.80 -9.99
CA CYS A 190 25.01 8.47 -10.05
C CYS A 190 25.58 8.49 -8.66
N THR A 191 25.20 9.48 -7.87
CA THR A 191 25.62 9.60 -6.47
C THR A 191 25.09 8.40 -5.65
N ALA A 192 23.80 8.08 -5.79
CA ALA A 192 23.19 6.97 -5.06
C ALA A 192 23.82 5.63 -5.43
N TYR A 193 24.19 5.46 -6.71
CA TYR A 193 24.81 4.25 -7.25
C TYR A 193 26.16 3.92 -6.61
N VAL A 194 27.04 4.91 -6.54
CA VAL A 194 28.39 4.78 -5.95
C VAL A 194 28.29 4.62 -4.45
N ASP A 195 27.39 5.38 -3.80
CA ASP A 195 27.10 5.27 -2.36
C ASP A 195 26.59 3.89 -2.02
N PHE A 196 25.79 3.30 -2.93
CA PHE A 196 25.26 1.94 -2.79
C PHE A 196 26.44 0.95 -2.82
N MET A 197 27.36 1.07 -3.79
CA MET A 197 28.55 0.21 -3.89
C MET A 197 29.34 0.24 -2.59
N ILE A 198 29.61 1.47 -2.08
CA ILE A 198 30.35 1.72 -0.83
C ILE A 198 29.61 1.14 0.36
N SER A 199 28.26 1.38 0.46
CA SER A 199 27.48 0.83 1.58
C SER A 199 27.59 -0.67 1.62
N VAL A 200 27.55 -1.36 0.47
CA VAL A 200 27.61 -2.83 0.45
C VAL A 200 29.03 -3.34 0.78
N ALA A 201 30.07 -2.71 0.21
CA ALA A 201 31.48 -3.03 0.47
C ALA A 201 31.72 -2.91 1.99
N ARG A 202 31.21 -1.82 2.61
CA ARG A 202 31.31 -1.54 4.04
C ARG A 202 30.62 -2.62 4.85
N LEU A 203 29.41 -3.06 4.47
CA LEU A 203 28.72 -4.15 5.19
C LEU A 203 29.46 -5.48 5.13
N ILE A 204 29.96 -5.85 3.96
CA ILE A 204 30.68 -7.10 3.71
C ILE A 204 31.97 -7.12 4.53
N ARG A 205 32.74 -6.01 4.48
CA ARG A 205 33.98 -5.82 5.24
C ARG A 205 33.68 -5.89 6.74
N GLN A 206 32.59 -5.23 7.20
CA GLN A 206 32.20 -5.28 8.62
C GLN A 206 31.83 -6.70 9.07
N GLU A 207 31.11 -7.45 8.23
CA GLU A 207 30.71 -8.82 8.60
C GLU A 207 31.90 -9.77 8.62
N GLU A 208 32.83 -9.63 7.64
CA GLU A 208 34.06 -10.44 7.53
C GLU A 208 35.08 -10.07 8.64
N ARG A 209 34.77 -9.00 9.41
CA ARG A 209 35.57 -8.44 10.51
C ARG A 209 36.89 -7.90 10.01
N LEU A 210 36.86 -7.27 8.83
CA LEU A 210 38.00 -6.65 8.16
C LEU A 210 38.08 -5.15 8.49
N PRO A 211 39.29 -4.54 8.50
CA PRO A 211 39.36 -3.09 8.79
C PRO A 211 38.78 -2.28 7.65
N ILE A 212 38.27 -1.08 7.96
CA ILE A 212 37.67 -0.20 6.95
C ILE A 212 38.30 1.19 6.90
N ASP A 213 38.83 1.52 5.71
CA ASP A 213 39.42 2.81 5.36
C ASP A 213 38.40 3.45 4.38
N GLU A 214 37.59 4.37 4.90
CA GLU A 214 36.54 5.06 4.16
C GLU A 214 37.04 5.68 2.87
N ASN A 215 38.20 6.37 2.88
CA ASN A 215 38.74 6.99 1.66
C ASN A 215 39.15 5.97 0.61
N GLN A 216 39.55 4.78 1.01
CA GLN A 216 39.92 3.68 0.10
C GLN A 216 38.65 3.04 -0.51
N LEU A 217 37.52 2.96 0.27
CA LEU A 217 36.25 2.42 -0.25
C LEU A 217 35.78 3.38 -1.32
N ALA A 218 35.81 4.69 -1.00
CA ALA A 218 35.42 5.76 -1.93
C ALA A 218 36.25 5.74 -3.21
N LEU A 219 37.60 5.61 -3.08
CA LEU A 219 38.51 5.55 -4.21
C LEU A 219 38.23 4.33 -5.12
N GLU A 220 38.16 3.13 -4.54
CA GLU A 220 37.93 1.91 -5.29
C GLU A 220 36.59 1.89 -6.03
N MET A 221 35.52 2.38 -5.38
CA MET A 221 34.19 2.33 -5.98
C MET A 221 34.00 3.44 -6.98
N ASN A 222 34.70 4.57 -6.78
CA ASN A 222 34.67 5.64 -7.77
C ASN A 222 35.35 5.19 -9.05
N LYS A 223 36.35 4.30 -8.93
CA LYS A 223 37.05 3.72 -10.07
C LYS A 223 36.15 2.72 -10.85
N VAL A 224 35.28 1.98 -10.13
CA VAL A 224 34.31 1.04 -10.70
C VAL A 224 33.36 1.89 -11.56
N MET A 225 32.91 3.02 -11.00
CA MET A 225 32.06 3.97 -11.73
C MET A 225 32.76 4.53 -12.98
N GLU A 226 34.08 4.85 -12.90
CA GLU A 226 34.77 5.39 -14.07
C GLU A 226 34.93 4.35 -15.16
N LEU A 227 35.17 3.09 -14.77
CA LEU A 227 35.26 1.99 -15.71
C LEU A 227 33.88 1.82 -16.37
N GLU A 228 32.80 1.78 -15.57
CA GLU A 228 31.46 1.56 -16.12
C GLU A 228 30.97 2.69 -17.02
N LYS A 229 31.40 3.95 -16.73
CA LYS A 229 31.08 5.11 -17.56
C LYS A 229 31.70 4.91 -18.92
N GLU A 230 32.93 4.29 -18.99
CA GLU A 230 33.63 4.03 -20.27
C GLU A 230 32.92 2.92 -21.02
N ILE A 231 32.51 1.87 -20.32
CA ILE A 231 31.71 0.79 -20.92
C ILE A 231 30.40 1.33 -21.47
N ALA A 232 29.65 2.13 -20.68
CA ALA A 232 28.38 2.75 -21.09
C ALA A 232 28.55 3.54 -22.37
N ASN A 233 29.55 4.45 -22.42
CA ASN A 233 29.85 5.26 -23.60
C ASN A 233 30.25 4.44 -24.87
N ALA A 234 30.79 3.23 -24.68
CA ALA A 234 31.15 2.32 -25.78
C ALA A 234 29.95 1.54 -26.35
N THR A 235 28.85 1.43 -25.58
CA THR A 235 27.66 0.69 -26.03
C THR A 235 26.95 1.49 -27.12
N ALA A 236 26.31 0.78 -28.04
CA ALA A 236 25.54 1.40 -29.12
C ALA A 236 24.21 1.89 -28.51
N LYS A 237 23.74 3.09 -28.96
CA LYS A 237 22.48 3.68 -28.53
C LYS A 237 21.34 2.79 -29.06
N PRO A 238 20.17 2.73 -28.39
CA PRO A 238 19.05 1.92 -28.93
C PRO A 238 18.65 2.26 -30.39
N GLU A 239 18.72 3.57 -30.78
CA GLU A 239 18.44 4.11 -32.14
C GLU A 239 19.30 3.43 -33.23
N ASP A 240 20.50 2.97 -32.87
CA ASP A 240 21.43 2.34 -33.77
C ASP A 240 21.35 0.81 -33.71
N ARG A 241 20.29 0.27 -33.07
CA ARG A 241 20.07 -1.17 -32.90
C ARG A 241 18.63 -1.57 -33.30
N ASN A 242 17.89 -0.62 -33.91
CA ASN A 242 16.48 -0.77 -34.31
C ASN A 242 16.27 -1.53 -35.63
N ASP A 243 17.35 -1.70 -36.44
CA ASP A 243 17.29 -2.40 -37.73
C ASP A 243 17.84 -3.82 -37.53
N PRO A 244 16.98 -4.86 -37.54
CA PRO A 244 17.50 -6.21 -37.28
C PRO A 244 18.44 -6.74 -38.38
N MET A 245 18.34 -6.19 -39.61
CA MET A 245 19.20 -6.57 -40.76
C MET A 245 20.64 -6.12 -40.49
N LEU A 246 20.81 -4.85 -40.04
CA LEU A 246 22.11 -4.26 -39.72
C LEU A 246 22.73 -4.85 -38.47
N LEU A 247 21.89 -5.26 -37.50
CA LEU A 247 22.34 -5.83 -36.23
C LEU A 247 22.88 -7.25 -36.41
N TYR A 248 22.23 -8.05 -37.25
CA TYR A 248 22.62 -9.43 -37.52
C TYR A 248 23.95 -9.51 -38.31
N ASN A 249 25.02 -10.02 -37.65
CA ASN A 249 26.35 -10.23 -38.23
C ASN A 249 26.86 -11.62 -37.86
N LYS A 250 26.52 -12.63 -38.68
CA LYS A 250 26.94 -14.02 -38.48
C LYS A 250 28.41 -14.16 -38.90
N MET A 251 29.22 -14.75 -38.00
CA MET A 251 30.65 -14.98 -38.17
C MET A 251 31.02 -16.30 -37.50
N THR A 252 32.26 -16.78 -37.71
CA THR A 252 32.76 -17.98 -37.05
C THR A 252 33.67 -17.49 -35.91
N LEU A 253 33.90 -18.32 -34.88
CA LEU A 253 34.80 -17.96 -33.76
C LEU A 253 36.20 -17.57 -34.24
N ALA A 254 36.67 -18.19 -35.33
CA ALA A 254 37.92 -17.88 -36.02
C ALA A 254 37.88 -16.42 -36.49
N GLN A 255 36.79 -16.03 -37.20
CA GLN A 255 36.64 -14.65 -37.71
C GLN A 255 36.60 -13.61 -36.59
N ILE A 256 35.87 -13.93 -35.48
CA ILE A 256 35.77 -13.07 -34.29
C ILE A 256 37.17 -12.84 -33.65
N GLN A 257 38.00 -13.88 -33.59
CA GLN A 257 39.34 -13.78 -32.99
C GLN A 257 40.28 -12.82 -33.76
N ASN A 258 40.15 -12.78 -35.11
CA ASN A 258 40.91 -11.87 -35.98
C ASN A 258 40.40 -10.44 -35.79
N ASN A 259 39.13 -10.21 -36.17
CA ASN A 259 38.39 -8.96 -36.16
C ASN A 259 38.19 -8.27 -34.82
N PHE A 260 37.87 -9.04 -33.76
CA PHE A 260 37.56 -8.45 -32.45
C PHE A 260 38.44 -8.94 -31.35
N SER A 261 39.75 -8.82 -31.55
CA SER A 261 40.71 -9.22 -30.54
C SER A 261 40.64 -8.23 -29.35
N LEU A 262 40.99 -8.69 -28.15
CA LEU A 262 41.04 -7.86 -26.94
C LEU A 262 42.28 -8.25 -26.13
N GLU A 263 42.86 -7.30 -25.37
CA GLU A 263 44.00 -7.54 -24.47
C GLU A 263 43.56 -7.16 -23.06
N ILE A 264 43.38 -8.16 -22.19
CA ILE A 264 42.93 -7.91 -20.83
C ILE A 264 43.98 -8.37 -19.81
N ASN A 265 44.42 -7.45 -18.90
CA ASN A 265 45.40 -7.68 -17.84
C ASN A 265 46.74 -8.21 -18.44
N GLY A 266 47.04 -7.77 -19.66
CA GLY A 266 48.22 -8.18 -20.42
C GLY A 266 48.15 -9.59 -20.98
N LYS A 267 46.92 -10.14 -21.15
CA LYS A 267 46.68 -11.47 -21.69
C LYS A 267 45.82 -11.35 -22.97
N PRO A 268 46.20 -11.96 -24.11
CA PRO A 268 45.33 -11.85 -25.30
C PRO A 268 44.07 -12.72 -25.15
N PHE A 269 42.90 -12.06 -25.21
CA PHE A 269 41.60 -12.69 -25.01
C PHE A 269 41.32 -13.78 -26.02
N SER A 270 41.01 -14.99 -25.54
CA SER A 270 40.68 -16.12 -26.39
C SER A 270 39.17 -16.37 -26.41
N TRP A 271 38.52 -15.93 -27.49
CA TRP A 271 37.09 -16.10 -27.74
C TRP A 271 36.71 -17.57 -27.69
N LEU A 272 37.56 -18.47 -28.25
CA LEU A 272 37.31 -19.91 -28.23
C LEU A 272 37.31 -20.48 -26.80
N ASN A 273 38.26 -20.03 -25.94
CA ASN A 273 38.40 -20.45 -24.55
C ASN A 273 37.17 -20.01 -23.76
N PHE A 274 36.77 -18.73 -23.93
CA PHE A 274 35.61 -18.09 -23.31
C PHE A 274 34.35 -18.86 -23.67
N THR A 275 34.10 -19.11 -24.98
CA THR A 275 32.93 -19.85 -25.47
C THR A 275 32.86 -21.26 -24.86
N ASN A 276 34.01 -21.95 -24.74
CA ASN A 276 34.09 -23.29 -24.14
C ASN A 276 33.95 -23.29 -22.63
N GLU A 277 34.43 -22.24 -21.96
CA GLU A 277 34.32 -22.07 -20.49
C GLU A 277 32.82 -22.00 -20.12
N ILE A 278 32.00 -21.40 -20.98
CA ILE A 278 30.56 -21.32 -20.82
C ILE A 278 29.92 -22.65 -21.28
N MET A 279 30.14 -23.05 -22.54
CA MET A 279 29.49 -24.23 -23.17
C MET A 279 29.79 -25.56 -22.49
N SER A 280 30.93 -25.68 -21.78
CA SER A 280 31.30 -26.89 -21.03
C SER A 280 30.32 -27.19 -19.91
N THR A 281 29.72 -26.14 -19.31
CA THR A 281 28.73 -26.23 -18.22
C THR A 281 27.63 -27.24 -18.57
N VAL A 282 27.22 -27.35 -19.85
CA VAL A 282 26.24 -28.35 -20.28
C VAL A 282 26.84 -29.36 -21.29
N ASN A 283 28.15 -29.62 -21.15
CA ASN A 283 28.96 -30.59 -21.91
C ASN A 283 28.79 -30.49 -23.45
N ILE A 284 29.24 -29.35 -24.00
CA ILE A 284 29.24 -29.01 -25.42
C ILE A 284 30.60 -28.39 -25.73
N SER A 285 31.37 -29.02 -26.63
CA SER A 285 32.68 -28.49 -27.05
C SER A 285 32.48 -27.64 -28.30
N ILE A 286 33.26 -26.56 -28.42
CA ILE A 286 33.16 -25.59 -29.51
C ILE A 286 34.52 -25.44 -30.23
N THR A 287 34.46 -25.30 -31.58
CA THR A 287 35.64 -25.08 -32.45
C THR A 287 35.48 -23.76 -33.19
N ASN A 288 36.57 -23.29 -33.85
CA ASN A 288 36.56 -22.03 -34.61
C ASN A 288 35.60 -22.07 -35.82
N GLU A 289 34.95 -23.22 -36.07
CA GLU A 289 33.97 -23.45 -37.13
C GLU A 289 32.54 -23.07 -36.69
N GLU A 290 32.34 -22.84 -35.36
CA GLU A 290 31.04 -22.50 -34.80
C GLU A 290 30.61 -21.15 -35.29
N ASP A 291 29.38 -21.09 -35.82
CA ASP A 291 28.75 -19.85 -36.26
C ASP A 291 28.25 -19.09 -35.03
N VAL A 292 28.48 -17.78 -35.01
CA VAL A 292 28.15 -16.86 -33.90
C VAL A 292 27.51 -15.59 -34.49
N VAL A 293 26.38 -15.14 -33.89
CA VAL A 293 25.75 -13.90 -34.31
C VAL A 293 26.32 -12.79 -33.43
N VAL A 294 26.97 -11.82 -34.05
CA VAL A 294 27.55 -10.70 -33.34
C VAL A 294 26.61 -9.51 -33.50
N TYR A 295 25.91 -9.12 -32.40
CA TYR A 295 25.01 -7.96 -32.42
C TYR A 295 25.74 -6.68 -32.16
N ALA A 296 26.92 -6.76 -31.50
CA ALA A 296 27.66 -5.55 -31.14
C ALA A 296 29.12 -5.50 -31.64
N PRO A 297 29.39 -5.54 -32.97
CA PRO A 297 30.78 -5.48 -33.45
C PRO A 297 31.48 -4.15 -33.11
N GLU A 298 30.77 -3.01 -33.24
CA GLU A 298 31.28 -1.68 -32.90
C GLU A 298 31.70 -1.58 -31.44
N TYR A 299 30.90 -2.19 -30.53
CA TYR A 299 31.17 -2.18 -29.08
C TYR A 299 32.42 -2.97 -28.73
N LEU A 300 32.59 -4.17 -29.36
CA LEU A 300 33.75 -5.03 -29.10
C LEU A 300 35.04 -4.31 -29.54
N THR A 301 34.93 -3.50 -30.63
CA THR A 301 36.04 -2.69 -31.18
C THR A 301 36.43 -1.59 -30.21
N LYS A 302 35.43 -0.84 -29.70
CA LYS A 302 35.65 0.24 -28.72
C LYS A 302 36.13 -0.29 -27.33
N LEU A 303 35.81 -1.54 -27.01
CA LEU A 303 36.18 -2.19 -25.76
C LEU A 303 37.71 -2.42 -25.69
N LYS A 304 38.32 -2.85 -26.81
CA LYS A 304 39.77 -3.13 -26.94
C LYS A 304 40.65 -2.05 -26.28
N PRO A 305 40.56 -0.72 -26.59
CA PRO A 305 41.40 0.25 -25.87
C PRO A 305 40.99 0.56 -24.43
N ILE A 306 39.72 0.28 -24.05
CA ILE A 306 39.24 0.51 -22.69
C ILE A 306 39.83 -0.53 -21.70
N LEU A 307 39.70 -1.83 -22.03
CA LEU A 307 40.08 -2.97 -21.18
C LEU A 307 41.60 -3.11 -20.95
N THR A 308 42.45 -2.51 -21.81
CA THR A 308 43.92 -2.53 -21.65
C THR A 308 44.34 -1.61 -20.49
N LYS A 309 43.51 -0.58 -20.16
CA LYS A 309 43.76 0.44 -19.12
C LYS A 309 43.44 0.00 -17.68
N TYR A 310 42.78 -1.14 -17.51
CA TYR A 310 42.36 -1.58 -16.18
C TYR A 310 42.95 -2.92 -15.82
N SER A 311 43.21 -3.08 -14.54
CA SER A 311 43.77 -4.29 -13.95
C SER A 311 42.68 -5.35 -13.67
N ALA A 312 43.10 -6.58 -13.31
CA ALA A 312 42.25 -7.70 -12.93
C ALA A 312 41.39 -7.28 -11.76
N ARG A 313 41.99 -6.50 -10.85
CA ARG A 313 41.37 -5.98 -9.64
C ARG A 313 40.21 -5.03 -9.96
N ASP A 314 40.46 -4.03 -10.83
CA ASP A 314 39.48 -3.03 -11.23
C ASP A 314 38.29 -3.68 -11.93
N LEU A 315 38.58 -4.64 -12.81
CA LEU A 315 37.56 -5.36 -13.56
C LEU A 315 36.69 -6.24 -12.68
N GLN A 316 37.32 -7.02 -11.76
CA GLN A 316 36.60 -7.91 -10.85
C GLN A 316 35.78 -7.12 -9.85
N ASN A 317 36.23 -5.89 -9.53
CA ASN A 317 35.47 -4.98 -8.64
C ASN A 317 34.11 -4.61 -9.31
N LEU A 318 34.11 -4.41 -10.65
CA LEU A 318 32.89 -4.09 -11.37
C LEU A 318 32.03 -5.33 -11.55
N MET A 319 32.61 -6.41 -12.09
CA MET A 319 31.94 -7.68 -12.41
C MET A 319 31.24 -8.28 -11.23
N SER A 320 31.92 -8.32 -10.07
CA SER A 320 31.32 -8.82 -8.85
C SER A 320 30.23 -7.89 -8.33
N TRP A 321 30.46 -6.56 -8.39
CA TRP A 321 29.44 -5.59 -7.96
C TRP A 321 28.13 -5.77 -8.73
N ARG A 322 28.22 -5.93 -10.06
CA ARG A 322 27.08 -6.12 -10.97
C ARG A 322 26.24 -7.33 -10.59
N PHE A 323 26.86 -8.33 -9.94
CA PHE A 323 26.12 -9.50 -9.45
C PHE A 323 25.54 -9.22 -8.08
N ILE A 324 26.40 -8.73 -7.13
CA ILE A 324 26.10 -8.40 -5.72
C ILE A 324 24.88 -7.46 -5.62
N MET A 325 24.85 -6.43 -6.51
CA MET A 325 23.78 -5.45 -6.70
C MET A 325 22.39 -6.12 -6.65
N ASP A 326 22.27 -7.25 -7.35
CA ASP A 326 21.04 -8.03 -7.54
C ASP A 326 20.71 -8.94 -6.37
N LEU A 327 21.71 -9.31 -5.57
CA LEU A 327 21.54 -10.29 -4.49
C LEU A 327 21.26 -9.70 -3.13
N VAL A 328 21.60 -8.43 -2.96
CA VAL A 328 21.47 -7.67 -1.73
C VAL A 328 19.99 -7.71 -1.21
N SER A 329 19.00 -7.70 -2.12
CA SER A 329 17.57 -7.76 -1.75
C SER A 329 17.15 -9.12 -1.19
N SER A 330 17.96 -10.18 -1.40
CA SER A 330 17.70 -11.54 -0.94
C SER A 330 18.41 -11.88 0.37
N LEU A 331 19.09 -10.89 0.95
CA LEU A 331 19.83 -11.06 2.21
C LEU A 331 19.08 -10.36 3.36
N SER A 332 19.70 -10.23 4.55
CA SER A 332 19.06 -9.65 5.73
C SER A 332 18.66 -8.19 5.51
N ARG A 333 17.79 -7.66 6.40
CA ARG A 333 17.29 -6.29 6.39
C ARG A 333 18.41 -5.24 6.22
N THR A 334 19.59 -5.45 6.84
CA THR A 334 20.73 -4.52 6.77
C THR A 334 21.21 -4.35 5.31
N TYR A 335 21.33 -5.45 4.61
CA TYR A 335 21.67 -5.46 3.21
C TYR A 335 20.54 -4.85 2.37
N LYS A 336 19.28 -5.23 2.64
CA LYS A 336 18.12 -4.70 1.91
C LYS A 336 18.12 -3.18 1.97
N GLU A 337 18.31 -2.59 3.18
CA GLU A 337 18.36 -1.14 3.45
C GLU A 337 19.39 -0.39 2.60
N SER A 338 20.54 -1.01 2.30
CA SER A 338 21.64 -0.37 1.57
C SER A 338 21.24 0.13 0.17
N ARG A 339 20.18 -0.48 -0.40
CA ARG A 339 19.66 -0.16 -1.74
C ARG A 339 18.64 0.99 -1.72
N ASN A 340 18.21 1.44 -0.53
CA ASN A 340 17.11 2.42 -0.42
C ASN A 340 17.26 3.67 -1.28
N ALA A 341 18.39 4.42 -1.21
CA ALA A 341 18.54 5.66 -2.00
C ALA A 341 18.66 5.40 -3.49
N PHE A 342 19.29 4.29 -3.85
CA PHE A 342 19.45 3.86 -5.24
C PHE A 342 18.07 3.59 -5.84
N ARG A 343 17.21 2.81 -5.16
CA ARG A 343 15.85 2.52 -5.59
C ARG A 343 15.05 3.80 -5.71
N LYS A 344 15.15 4.72 -4.73
CA LYS A 344 14.44 5.99 -4.79
C LYS A 344 14.91 6.85 -5.99
N ALA A 345 16.22 6.82 -6.32
CA ALA A 345 16.71 7.64 -7.44
C ALA A 345 16.24 7.10 -8.80
N LEU A 346 16.13 5.76 -8.92
CA LEU A 346 15.70 5.16 -10.18
C LEU A 346 14.18 5.01 -10.34
N TYR A 347 13.44 4.87 -9.25
CA TYR A 347 12.02 4.55 -9.26
C TYR A 347 11.14 5.54 -8.52
N GLY A 348 11.73 6.30 -7.60
CA GLY A 348 11.04 7.27 -6.75
C GLY A 348 10.30 6.68 -5.57
N THR A 349 10.36 5.37 -5.43
CA THR A 349 9.64 4.66 -4.37
C THR A 349 10.36 4.79 -3.02
N THR A 350 9.61 5.02 -1.94
CA THR A 350 10.14 5.21 -0.59
C THR A 350 10.25 3.93 0.19
N SER A 351 9.68 2.85 -0.32
CA SER A 351 9.89 1.54 0.25
C SER A 351 9.76 0.46 -0.82
N GLU A 352 10.18 -0.74 -0.48
CA GLU A 352 10.07 -1.91 -1.34
C GLU A 352 8.64 -2.39 -1.25
N THR A 353 8.19 -3.03 -2.31
CA THR A 353 6.88 -3.65 -2.41
C THR A 353 6.78 -4.75 -1.35
N ALA A 354 5.55 -5.07 -0.85
CA ALA A 354 5.32 -6.11 0.13
C ALA A 354 6.09 -7.39 -0.23
N THR A 355 6.73 -8.01 0.78
CA THR A 355 7.47 -9.26 0.60
C THR A 355 6.64 -10.31 -0.14
N TRP A 356 5.39 -10.57 0.28
CA TRP A 356 4.56 -11.57 -0.37
C TRP A 356 4.38 -11.30 -1.87
N ARG A 357 4.31 -10.01 -2.28
CA ARG A 357 4.15 -9.60 -3.70
C ARG A 357 5.40 -9.90 -4.48
N ARG A 358 6.57 -9.52 -3.95
CA ARG A 358 7.85 -9.81 -4.58
C ARG A 358 8.01 -11.33 -4.71
N CYS A 359 7.60 -12.05 -3.67
CA CYS A 359 7.72 -13.52 -3.64
C CYS A 359 6.77 -14.23 -4.60
N ALA A 360 5.49 -13.81 -4.63
CA ALA A 360 4.52 -14.36 -5.60
C ALA A 360 5.07 -14.11 -7.02
N ASN A 361 5.60 -12.90 -7.31
CA ASN A 361 6.18 -12.58 -8.61
C ASN A 361 7.45 -13.38 -8.90
N TYR A 362 8.29 -13.57 -7.89
CA TYR A 362 9.50 -14.36 -8.08
C TYR A 362 9.14 -15.82 -8.44
N VAL A 363 8.18 -16.44 -7.71
N VAL A 363 8.17 -16.44 -7.70
CA VAL A 363 7.83 -17.85 -7.98
CA VAL A 363 7.78 -17.83 -7.95
C VAL A 363 7.12 -17.97 -9.35
C VAL A 363 7.18 -17.93 -9.35
N ASN A 364 6.31 -16.97 -9.71
CA ASN A 364 5.66 -16.93 -11.02
C ASN A 364 6.71 -16.88 -12.14
N GLY A 365 7.77 -16.10 -11.94
CA GLY A 365 8.82 -15.94 -12.92
C GLY A 365 9.68 -17.16 -13.16
N ASN A 366 9.85 -17.97 -12.12
CA ASN A 366 10.72 -19.15 -12.16
C ASN A 366 9.99 -20.45 -12.39
N MET A 367 8.67 -20.47 -12.17
CA MET A 367 7.79 -21.67 -12.29
C MET A 367 6.53 -21.23 -12.96
N GLU A 368 6.66 -20.63 -14.15
CA GLU A 368 5.53 -20.04 -14.85
C GLU A 368 4.41 -21.03 -15.15
N ASN A 369 4.77 -22.33 -15.39
CA ASN A 369 3.76 -23.34 -15.70
C ASN A 369 2.98 -23.82 -14.47
N ALA A 370 3.67 -24.03 -13.33
CA ALA A 370 3.03 -24.45 -12.06
C ALA A 370 2.12 -23.31 -11.55
N VAL A 371 2.64 -22.07 -11.55
CA VAL A 371 1.88 -20.91 -11.06
C VAL A 371 0.78 -20.57 -12.06
N GLY A 372 1.04 -20.79 -13.34
CA GLY A 372 0.02 -20.56 -14.37
C GLY A 372 -1.19 -21.45 -14.17
N ARG A 373 -0.93 -22.73 -13.83
CA ARG A 373 -1.97 -23.73 -13.52
C ARG A 373 -2.81 -23.27 -12.33
N LEU A 374 -2.16 -22.88 -11.24
CA LEU A 374 -2.85 -22.41 -10.03
C LEU A 374 -3.68 -21.17 -10.30
N TYR A 375 -3.11 -20.25 -11.08
CA TYR A 375 -3.82 -19.04 -11.45
C TYR A 375 -5.09 -19.32 -12.25
N VAL A 376 -4.99 -20.08 -13.36
CA VAL A 376 -6.16 -20.32 -14.26
C VAL A 376 -7.29 -21.07 -13.57
N GLU A 377 -6.98 -21.97 -12.64
CA GLU A 377 -7.99 -22.68 -11.87
C GLU A 377 -8.75 -21.75 -10.96
N ALA A 378 -8.07 -20.75 -10.42
CA ALA A 378 -8.70 -19.83 -9.51
C ALA A 378 -9.40 -18.66 -10.19
N ALA A 379 -8.82 -18.14 -11.28
CA ALA A 379 -9.31 -16.88 -11.84
C ALA A 379 -9.83 -16.87 -13.28
N PHE A 380 -9.49 -17.86 -14.11
CA PHE A 380 -9.84 -17.80 -15.51
C PHE A 380 -10.96 -18.72 -15.91
N ALA A 381 -11.89 -18.16 -16.70
CA ALA A 381 -13.06 -18.82 -17.27
C ALA A 381 -12.68 -20.03 -18.12
N GLY A 382 -11.87 -19.81 -19.16
CA GLY A 382 -11.48 -20.92 -20.03
C GLY A 382 -12.48 -21.04 -21.16
N GLU A 383 -13.77 -20.87 -20.84
CA GLU A 383 -14.83 -20.89 -21.83
C GLU A 383 -14.69 -19.64 -22.66
N SER A 384 -14.13 -18.58 -22.06
CA SER A 384 -13.88 -17.30 -22.71
C SER A 384 -12.77 -17.38 -23.79
N LYS A 385 -12.01 -18.50 -23.85
CA LYS A 385 -10.91 -18.69 -24.79
C LYS A 385 -11.42 -18.66 -26.25
N HIS A 386 -12.63 -19.20 -26.45
CA HIS A 386 -13.35 -19.31 -27.70
C HIS A 386 -13.83 -17.93 -28.19
N VAL A 387 -14.31 -17.08 -27.28
CA VAL A 387 -14.76 -15.71 -27.61
C VAL A 387 -13.59 -14.85 -28.13
N VAL A 388 -12.42 -14.95 -27.47
CA VAL A 388 -11.20 -14.24 -27.86
C VAL A 388 -10.68 -14.79 -29.25
N GLU A 389 -10.80 -16.11 -29.46
CA GLU A 389 -10.42 -16.81 -30.71
C GLU A 389 -11.18 -16.17 -31.90
N ASP A 390 -12.48 -15.88 -31.73
CA ASP A 390 -13.34 -15.25 -32.72
C ASP A 390 -12.91 -13.79 -32.97
N LEU A 391 -12.65 -13.03 -31.89
CA LEU A 391 -12.20 -11.65 -31.93
C LEU A 391 -10.89 -11.56 -32.69
N ILE A 392 -9.95 -12.52 -32.43
CA ILE A 392 -8.69 -12.59 -33.16
C ILE A 392 -8.95 -12.76 -34.67
N ALA A 393 -9.86 -13.69 -35.05
CA ALA A 393 -10.22 -13.94 -36.46
C ALA A 393 -10.77 -12.68 -37.09
N GLN A 394 -11.68 -11.97 -36.41
CA GLN A 394 -12.23 -10.71 -36.90
C GLN A 394 -11.15 -9.67 -37.13
N ILE A 395 -10.16 -9.55 -36.19
CA ILE A 395 -9.09 -8.54 -36.32
C ILE A 395 -8.09 -8.92 -37.40
N ARG A 396 -7.69 -10.19 -37.48
CA ARG A 396 -6.78 -10.68 -38.51
C ARG A 396 -7.41 -10.40 -39.90
N GLU A 397 -8.74 -10.63 -40.04
CA GLU A 397 -9.45 -10.39 -41.29
C GLU A 397 -9.40 -8.94 -41.67
N VAL A 398 -9.67 -8.04 -40.69
CA VAL A 398 -9.63 -6.59 -40.95
C VAL A 398 -8.25 -6.19 -41.43
N PHE A 399 -7.20 -6.70 -40.79
CA PHE A 399 -5.82 -6.37 -41.16
C PHE A 399 -5.55 -6.72 -42.63
N ILE A 400 -5.96 -7.93 -43.04
CA ILE A 400 -5.82 -8.48 -44.41
C ILE A 400 -6.61 -7.58 -45.41
N GLN A 401 -7.85 -7.18 -45.06
CA GLN A 401 -8.69 -6.27 -45.85
C GLN A 401 -8.01 -4.91 -46.06
N THR A 402 -7.48 -4.32 -44.98
CA THR A 402 -6.77 -3.01 -44.94
C THR A 402 -5.64 -2.96 -45.96
N LEU A 403 -4.96 -4.10 -46.19
CA LEU A 403 -3.84 -4.20 -47.12
C LEU A 403 -4.16 -3.66 -48.52
N ASP A 404 -5.32 -4.03 -49.06
CA ASP A 404 -5.70 -3.62 -50.41
C ASP A 404 -6.04 -2.13 -50.51
N ASP A 405 -6.34 -1.51 -49.37
CA ASP A 405 -6.65 -0.10 -49.32
C ASP A 405 -5.41 0.77 -49.06
N LEU A 406 -4.20 0.16 -49.16
CA LEU A 406 -2.91 0.85 -48.96
C LEU A 406 -2.31 1.22 -50.31
N THR A 407 -2.29 2.51 -50.62
CA THR A 407 -1.78 3.01 -51.90
C THR A 407 -0.26 3.06 -51.99
N TRP A 408 0.42 3.05 -50.85
CA TRP A 408 1.89 3.19 -50.82
C TRP A 408 2.64 1.84 -50.92
N MET A 409 1.93 0.72 -51.00
CA MET A 409 2.54 -0.61 -51.09
C MET A 409 2.16 -1.26 -52.43
N ASP A 410 3.12 -1.86 -53.11
CA ASP A 410 2.82 -2.53 -54.38
C ASP A 410 2.17 -3.89 -54.18
N ALA A 411 1.54 -4.43 -55.25
CA ALA A 411 0.76 -5.66 -55.32
C ALA A 411 1.48 -6.88 -54.82
N GLU A 412 2.79 -7.01 -55.14
CA GLU A 412 3.60 -8.14 -54.72
C GLU A 412 3.85 -8.10 -53.20
N THR A 413 4.19 -6.90 -52.66
CA THR A 413 4.43 -6.72 -51.22
C THR A 413 3.10 -6.86 -50.47
N LYS A 414 1.96 -6.50 -51.08
CA LYS A 414 0.61 -6.71 -50.48
C LYS A 414 0.29 -8.19 -50.33
N LYS A 415 0.70 -9.01 -51.31
CA LYS A 415 0.42 -10.44 -51.32
C LYS A 415 1.24 -11.15 -50.24
N ARG A 416 2.52 -10.78 -50.10
CA ARG A 416 3.47 -11.34 -49.13
C ARG A 416 3.07 -10.98 -47.69
N ALA A 417 2.53 -9.76 -47.49
CA ALA A 417 2.07 -9.27 -46.19
C ALA A 417 0.84 -10.07 -45.77
N GLU A 418 -0.05 -10.37 -46.75
CA GLU A 418 -1.25 -11.18 -46.54
C GLU A 418 -0.86 -12.62 -46.14
N GLU A 419 0.19 -13.19 -46.76
CA GLU A 419 0.69 -14.53 -46.48
C GLU A 419 1.20 -14.60 -45.06
N LYS A 420 1.93 -13.57 -44.62
CA LYS A 420 2.43 -13.55 -43.23
C LYS A 420 1.26 -13.39 -42.25
N ALA A 421 0.34 -12.45 -42.53
CA ALA A 421 -0.86 -12.23 -41.69
C ALA A 421 -1.71 -13.51 -41.54
N LEU A 422 -1.81 -14.31 -42.61
CA LEU A 422 -2.58 -15.56 -42.59
C LEU A 422 -1.91 -16.64 -41.77
N ALA A 423 -0.57 -16.66 -41.78
CA ALA A 423 0.27 -17.63 -41.08
C ALA A 423 0.48 -17.38 -39.59
N ILE A 424 -0.01 -16.24 -39.03
CA ILE A 424 0.16 -15.92 -37.60
C ILE A 424 -0.57 -16.93 -36.73
N LYS A 425 0.18 -17.60 -35.83
CA LYS A 425 -0.39 -18.56 -34.89
C LYS A 425 -0.78 -17.81 -33.62
N GLU A 426 -1.97 -18.08 -33.09
CA GLU A 426 -2.49 -17.48 -31.87
C GLU A 426 -2.38 -18.44 -30.67
N ARG A 427 -2.18 -17.90 -29.45
CA ARG A 427 -2.10 -18.66 -28.20
C ARG A 427 -2.96 -17.92 -27.20
N ILE A 428 -4.05 -18.53 -26.77
CA ILE A 428 -5.01 -17.88 -25.88
C ILE A 428 -5.13 -18.54 -24.49
N GLY A 429 -5.11 -17.69 -23.45
CA GLY A 429 -5.29 -18.09 -22.07
C GLY A 429 -4.14 -18.88 -21.46
N TYR A 430 -4.07 -20.16 -21.74
CA TYR A 430 -3.01 -21.00 -21.13
C TYR A 430 -2.78 -22.24 -21.98
N PRO A 431 -1.62 -22.94 -21.88
CA PRO A 431 -1.48 -24.23 -22.59
C PRO A 431 -2.32 -25.27 -21.85
N ASP A 432 -3.23 -25.96 -22.53
CA ASP A 432 -4.11 -26.94 -21.89
C ASP A 432 -3.36 -27.96 -20.97
N ASP A 433 -2.15 -28.38 -21.38
CA ASP A 433 -1.26 -29.33 -20.71
C ASP A 433 -0.91 -29.02 -19.25
N ILE A 434 -0.80 -27.73 -18.88
CA ILE A 434 -0.45 -27.34 -17.50
C ILE A 434 -1.55 -27.75 -16.53
N VAL A 435 -2.79 -27.86 -17.03
CA VAL A 435 -3.93 -28.27 -16.23
C VAL A 435 -4.20 -29.78 -16.38
N SER A 436 -4.16 -30.30 -17.63
CA SER A 436 -4.50 -31.68 -17.96
C SER A 436 -3.37 -32.73 -17.86
N ASN A 437 -2.10 -32.30 -17.74
CA ASN A 437 -0.97 -33.21 -17.70
C ASN A 437 -0.05 -32.93 -16.53
N ASP A 438 -0.48 -33.40 -15.33
CA ASP A 438 0.22 -33.26 -14.04
C ASP A 438 1.61 -33.80 -14.10
N ASN A 439 1.82 -34.93 -14.79
CA ASN A 439 3.14 -35.56 -14.81
C ASN A 439 4.16 -34.81 -15.66
N LYS A 440 3.76 -34.29 -16.81
CA LYS A 440 4.61 -33.46 -17.67
C LYS A 440 5.10 -32.25 -16.87
N LEU A 441 4.18 -31.64 -16.06
CA LEU A 441 4.44 -30.50 -15.20
C LEU A 441 5.39 -30.88 -14.05
N ASN A 442 5.18 -32.06 -13.41
CA ASN A 442 6.10 -32.53 -12.37
C ASN A 442 7.50 -32.77 -12.94
N ASN A 443 7.57 -33.38 -14.15
CA ASN A 443 8.84 -33.66 -14.81
C ASN A 443 9.60 -32.40 -15.18
N GLU A 444 8.88 -31.30 -15.48
CA GLU A 444 9.53 -30.03 -15.83
C GLU A 444 10.41 -29.56 -14.69
N TYR A 445 9.97 -29.73 -13.43
CA TYR A 445 10.73 -29.24 -12.29
C TYR A 445 11.51 -30.34 -11.53
N LEU A 446 11.72 -31.51 -12.15
CA LEU A 446 12.41 -32.66 -11.58
C LEU A 446 13.68 -32.30 -10.83
N GLU A 447 14.60 -31.59 -11.49
CA GLU A 447 15.91 -31.17 -11.00
C GLU A 447 15.91 -30.11 -9.88
N LEU A 448 14.73 -29.55 -9.54
CA LEU A 448 14.61 -28.51 -8.50
C LEU A 448 14.27 -29.09 -7.17
N ASN A 449 15.08 -28.80 -6.16
CA ASN A 449 14.86 -29.25 -4.80
C ASN A 449 15.14 -28.09 -3.87
N TYR A 450 14.07 -27.53 -3.36
CA TYR A 450 14.12 -26.38 -2.48
C TYR A 450 14.09 -26.75 -1.01
N LYS A 451 14.82 -25.98 -0.22
CA LYS A 451 14.86 -26.08 1.24
C LYS A 451 14.05 -24.88 1.72
N GLU A 452 13.08 -25.09 2.59
CA GLU A 452 12.21 -24.03 3.08
C GLU A 452 12.91 -22.97 3.91
N ASP A 453 14.05 -23.30 4.48
CA ASP A 453 14.76 -22.35 5.31
C ASP A 453 15.97 -21.71 4.59
N GLU A 454 16.17 -22.04 3.32
CA GLU A 454 17.35 -21.61 2.53
C GLU A 454 16.98 -20.83 1.25
N TYR A 455 16.36 -19.65 1.41
CA TYR A 455 15.91 -18.84 0.28
C TYR A 455 17.04 -18.50 -0.67
N PHE A 456 18.18 -18.05 -0.15
CA PHE A 456 19.32 -17.68 -0.99
C PHE A 456 19.82 -18.88 -1.81
N GLU A 457 19.84 -20.06 -1.22
CA GLU A 457 20.29 -21.26 -1.92
C GLU A 457 19.30 -21.64 -3.01
N ASN A 458 18.03 -21.41 -2.73
CA ASN A 458 16.97 -21.67 -3.70
C ASN A 458 17.11 -20.74 -4.87
N ILE A 459 17.41 -19.45 -4.63
CA ILE A 459 17.53 -18.50 -5.76
C ILE A 459 18.78 -18.80 -6.58
N ILE A 460 19.87 -19.27 -5.91
CA ILE A 460 21.12 -19.66 -6.56
C ILE A 460 20.87 -20.88 -7.46
N GLN A 461 20.15 -21.87 -6.93
CA GLN A 461 19.75 -23.06 -7.68
C GLN A 461 18.93 -22.66 -8.90
N ASN A 462 18.03 -21.66 -8.76
CA ASN A 462 17.23 -21.20 -9.86
C ASN A 462 18.07 -20.58 -10.93
N LEU A 463 19.10 -19.80 -10.55
CA LEU A 463 19.98 -19.15 -11.53
C LEU A 463 20.73 -20.20 -12.37
N LYS A 464 21.29 -21.23 -11.73
CA LYS A 464 22.05 -22.30 -12.40
C LYS A 464 21.13 -23.10 -13.31
N PHE A 465 19.92 -23.46 -12.80
CA PHE A 465 18.93 -24.20 -13.59
C PHE A 465 18.51 -23.41 -14.83
N SER A 466 18.19 -22.13 -14.69
CA SER A 466 17.77 -21.28 -15.81
C SER A 466 18.88 -21.15 -16.86
N GLN A 467 20.12 -20.98 -16.40
CA GLN A 467 21.22 -20.80 -17.32
C GLN A 467 21.58 -22.14 -18.03
N SER A 468 21.57 -23.27 -17.30
CA SER A 468 21.86 -24.57 -17.90
C SER A 468 20.81 -24.93 -18.96
N LYS A 469 19.51 -24.63 -18.68
CA LYS A 469 18.42 -24.90 -19.61
C LYS A 469 18.56 -24.13 -20.92
N GLN A 470 18.98 -22.84 -20.86
CA GLN A 470 19.11 -22.02 -22.07
C GLN A 470 20.33 -22.44 -22.91
N LEU A 471 21.46 -22.76 -22.26
CA LEU A 471 22.69 -23.18 -22.92
C LEU A 471 22.54 -24.53 -23.64
N LYS A 472 21.92 -25.55 -22.99
CA LYS A 472 21.71 -26.87 -23.61
C LYS A 472 20.78 -26.83 -24.84
N LYS A 473 20.17 -25.66 -25.12
CA LYS A 473 19.30 -25.47 -26.28
C LYS A 473 20.08 -25.32 -27.61
N LEU A 474 21.38 -24.99 -27.56
CA LEU A 474 22.22 -24.69 -28.71
C LEU A 474 22.12 -25.72 -29.84
N ARG A 475 22.30 -26.99 -29.49
CA ARG A 475 22.27 -28.04 -30.47
C ARG A 475 20.87 -28.61 -30.67
N GLU A 476 19.86 -27.92 -30.13
CA GLU A 476 18.48 -28.39 -30.21
C GLU A 476 17.64 -27.56 -31.13
N LYS A 477 16.56 -28.16 -31.63
CA LYS A 477 15.61 -27.45 -32.48
C LYS A 477 14.66 -26.72 -31.55
N VAL A 478 14.25 -25.51 -31.96
CA VAL A 478 13.30 -24.64 -31.26
C VAL A 478 11.98 -25.43 -31.11
N ASP A 479 11.44 -25.50 -29.89
CA ASP A 479 10.19 -26.22 -29.67
C ASP A 479 9.02 -25.37 -30.17
N LYS A 480 8.25 -25.91 -31.12
CA LYS A 480 7.12 -25.22 -31.74
C LYS A 480 5.94 -24.98 -30.78
N ASP A 481 5.69 -25.95 -29.90
CA ASP A 481 4.60 -25.93 -28.91
C ASP A 481 4.83 -24.93 -27.75
N GLU A 482 6.11 -24.66 -27.41
CA GLU A 482 6.54 -23.81 -26.31
C GLU A 482 5.88 -22.41 -26.27
N TRP A 483 5.25 -22.08 -25.12
CA TRP A 483 4.63 -20.76 -24.90
C TRP A 483 5.69 -19.75 -24.54
N ILE A 484 5.66 -18.57 -25.15
CA ILE A 484 6.66 -17.54 -24.84
C ILE A 484 6.36 -16.76 -23.53
N SER A 485 5.25 -17.11 -22.85
CA SER A 485 4.84 -16.48 -21.61
C SER A 485 3.97 -17.41 -20.78
N GLY A 486 4.03 -17.23 -19.46
CA GLY A 486 3.16 -17.94 -18.54
C GLY A 486 1.79 -17.30 -18.65
N ALA A 487 0.77 -17.98 -18.15
CA ALA A 487 -0.61 -17.53 -18.17
C ALA A 487 -0.91 -16.43 -17.13
N ALA A 488 -0.23 -16.42 -15.96
CA ALA A 488 -0.53 -15.46 -14.90
C ALA A 488 0.23 -14.18 -15.15
N VAL A 489 -0.09 -13.51 -16.26
CA VAL A 489 0.64 -12.35 -16.78
C VAL A 489 -0.36 -11.37 -17.34
N VAL A 490 -0.26 -10.12 -16.96
CA VAL A 490 -1.12 -9.05 -17.51
C VAL A 490 -0.28 -8.36 -18.56
N ASN A 491 -0.31 -8.95 -19.74
CA ASN A 491 0.39 -8.49 -20.94
C ASN A 491 -0.05 -9.40 -22.10
N ALA A 492 0.45 -9.11 -23.30
CA ALA A 492 0.21 -9.91 -24.50
C ALA A 492 1.47 -9.78 -25.29
N PHE A 493 1.70 -10.66 -26.25
CA PHE A 493 3.00 -10.65 -26.93
C PHE A 493 2.91 -11.03 -28.39
N TYR A 494 3.93 -10.63 -29.12
CA TYR A 494 4.16 -11.02 -30.49
C TYR A 494 5.58 -11.57 -30.52
N SER A 495 5.77 -12.77 -31.14
CA SER A 495 7.11 -13.33 -31.31
C SER A 495 7.44 -13.31 -32.78
N SER A 496 8.47 -12.54 -33.18
CA SER A 496 8.85 -12.44 -34.59
C SER A 496 9.42 -13.75 -35.14
N GLY A 497 10.12 -14.48 -34.29
CA GLY A 497 10.76 -15.76 -34.60
C GLY A 497 9.78 -16.91 -34.77
N ARG A 498 8.59 -16.82 -34.17
CA ARG A 498 7.56 -17.86 -34.30
C ARG A 498 6.35 -17.35 -35.10
N ASN A 499 6.31 -16.02 -35.41
CA ASN A 499 5.17 -15.35 -36.06
C ASN A 499 3.93 -15.77 -35.32
N GLN A 500 3.93 -15.47 -34.01
CA GLN A 500 2.85 -15.86 -33.15
C GLN A 500 2.46 -14.75 -32.19
N ILE A 501 1.15 -14.65 -31.94
CA ILE A 501 0.52 -13.70 -31.01
C ILE A 501 0.04 -14.50 -29.78
N VAL A 502 0.36 -13.98 -28.56
CA VAL A 502 0.07 -14.65 -27.30
C VAL A 502 -0.78 -13.76 -26.39
N PHE A 503 -1.93 -14.28 -25.92
CA PHE A 503 -2.86 -13.58 -25.04
C PHE A 503 -3.06 -14.36 -23.74
N PRO A 504 -2.12 -14.20 -22.77
CA PRO A 504 -2.26 -14.92 -21.49
C PRO A 504 -3.56 -14.66 -20.77
N ALA A 505 -4.05 -15.65 -19.96
CA ALA A 505 -5.26 -15.49 -19.13
C ALA A 505 -5.28 -14.13 -18.35
N GLY A 506 -4.11 -13.71 -17.84
CA GLY A 506 -3.97 -12.47 -17.08
C GLY A 506 -4.51 -11.21 -17.74
N ILE A 507 -4.46 -11.13 -19.09
CA ILE A 507 -4.96 -9.91 -19.76
C ILE A 507 -6.43 -10.06 -20.19
N LEU A 508 -6.96 -11.29 -20.15
CA LEU A 508 -8.33 -11.58 -20.61
C LEU A 508 -9.34 -11.36 -19.53
N GLN A 509 -9.43 -10.11 -19.10
CA GLN A 509 -10.30 -9.71 -18.00
C GLN A 509 -10.63 -8.22 -18.12
N PRO A 510 -11.66 -7.70 -17.43
CA PRO A 510 -11.97 -6.27 -17.53
C PRO A 510 -10.77 -5.41 -17.12
N PRO A 511 -10.54 -4.24 -17.73
CA PRO A 511 -11.36 -3.56 -18.75
C PRO A 511 -11.15 -4.06 -20.17
N PHE A 512 -10.16 -4.95 -20.37
CA PHE A 512 -9.82 -5.46 -21.72
C PHE A 512 -10.91 -6.35 -22.30
N PHE A 513 -11.34 -7.35 -21.53
CA PHE A 513 -12.27 -8.37 -22.01
C PHE A 513 -13.13 -8.93 -20.94
N SER A 514 -14.41 -9.11 -21.28
CA SER A 514 -15.42 -9.86 -20.52
C SER A 514 -16.50 -10.27 -21.47
N ALA A 515 -16.96 -11.54 -21.42
CA ALA A 515 -18.09 -11.98 -22.28
C ALA A 515 -19.36 -11.31 -21.73
N GLN A 516 -19.27 -10.77 -20.50
CA GLN A 516 -20.36 -10.07 -19.82
C GLN A 516 -20.34 -8.53 -20.00
N GLN A 517 -19.32 -7.94 -20.67
CA GLN A 517 -19.32 -6.49 -20.88
C GLN A 517 -19.69 -6.17 -22.33
N SER A 518 -20.07 -4.92 -22.61
CA SER A 518 -20.44 -4.48 -23.98
C SER A 518 -19.31 -4.80 -24.97
N ASN A 519 -19.67 -5.06 -26.23
CA ASN A 519 -18.64 -5.34 -27.23
C ASN A 519 -17.83 -4.12 -27.59
N SER A 520 -18.42 -2.93 -27.42
CA SER A 520 -17.73 -1.66 -27.69
C SER A 520 -16.49 -1.63 -26.77
N LEU A 521 -16.65 -2.08 -25.51
CA LEU A 521 -15.58 -2.15 -24.50
C LEU A 521 -14.60 -3.26 -24.84
N ASN A 522 -15.08 -4.44 -25.24
CA ASN A 522 -14.20 -5.55 -25.66
C ASN A 522 -13.31 -5.22 -26.85
N TYR A 523 -13.87 -4.56 -27.89
CA TYR A 523 -13.11 -4.20 -29.08
C TYR A 523 -12.16 -3.06 -28.77
N GLY A 524 -12.57 -2.11 -27.93
CA GLY A 524 -11.71 -0.99 -27.57
C GLY A 524 -10.59 -1.38 -26.62
N GLY A 525 -10.79 -2.48 -25.90
CA GLY A 525 -9.85 -3.07 -24.95
C GLY A 525 -9.03 -4.17 -25.59
N ILE A 526 -9.45 -5.41 -25.43
CA ILE A 526 -8.69 -6.53 -25.99
C ILE A 526 -8.63 -6.52 -27.52
N GLY A 527 -9.65 -5.97 -28.21
CA GLY A 527 -9.59 -5.91 -29.67
C GLY A 527 -8.38 -5.12 -30.11
N MET A 528 -8.20 -3.97 -29.45
CA MET A 528 -7.10 -3.09 -29.69
C MET A 528 -5.75 -3.78 -29.34
N VAL A 529 -5.71 -4.54 -28.27
CA VAL A 529 -4.50 -5.27 -27.85
C VAL A 529 -4.16 -6.31 -28.91
N ILE A 530 -5.19 -7.04 -29.43
CA ILE A 530 -5.04 -8.02 -30.51
C ILE A 530 -4.47 -7.32 -31.75
N GLY A 531 -5.06 -6.19 -32.12
CA GLY A 531 -4.58 -5.40 -33.25
C GLY A 531 -3.14 -4.97 -33.09
N HIS A 532 -2.77 -4.50 -31.88
CA HIS A 532 -1.40 -4.09 -31.53
C HIS A 532 -0.44 -5.26 -31.77
N GLU A 533 -0.77 -6.48 -31.25
CA GLU A 533 0.14 -7.62 -31.40
C GLU A 533 0.28 -8.11 -32.85
N ILE A 534 -0.80 -8.06 -33.65
CA ILE A 534 -0.74 -8.48 -35.07
C ILE A 534 0.16 -7.46 -35.78
N THR A 535 -0.10 -6.14 -35.53
CA THR A 535 0.67 -5.05 -36.14
C THR A 535 2.18 -5.15 -35.83
N HIS A 536 2.58 -5.80 -34.70
CA HIS A 536 4.00 -5.99 -34.40
C HIS A 536 4.70 -6.88 -35.47
N GLY A 537 3.96 -7.72 -36.16
CA GLY A 537 4.49 -8.54 -37.25
C GLY A 537 4.83 -7.71 -38.48
N PHE A 538 4.35 -6.45 -38.50
CA PHE A 538 4.48 -5.53 -39.62
C PHE A 538 5.06 -4.15 -39.24
N ASP A 539 5.67 -4.04 -38.04
CA ASP A 539 6.24 -2.74 -37.61
C ASP A 539 7.68 -2.58 -38.12
N ASP A 540 8.40 -1.52 -37.74
CA ASP A 540 9.78 -1.30 -38.21
C ASP A 540 10.75 -2.48 -37.93
N ASN A 541 10.42 -3.39 -37.00
CA ASN A 541 11.21 -4.58 -36.69
C ASN A 541 10.58 -5.81 -37.33
N GLY A 542 9.33 -6.12 -36.93
CA GLY A 542 8.59 -7.29 -37.37
C GLY A 542 8.50 -7.50 -38.88
N ARG A 543 8.40 -6.41 -39.66
CA ARG A 543 8.25 -6.46 -41.12
C ARG A 543 9.49 -7.06 -41.83
N ASN A 544 10.63 -7.14 -41.13
CA ASN A 544 11.86 -7.72 -41.65
C ASN A 544 11.87 -9.25 -41.50
N PHE A 545 10.81 -9.80 -40.89
CA PHE A 545 10.66 -11.23 -40.65
C PHE A 545 9.55 -11.82 -41.49
N ASN A 546 9.76 -13.03 -42.02
CA ASN A 546 8.77 -13.68 -42.88
C ASN A 546 7.78 -14.54 -42.08
N LYS A 547 6.81 -15.17 -42.77
CA LYS A 547 5.74 -15.99 -42.22
C LYS A 547 6.20 -17.15 -41.33
N ASP A 548 7.45 -17.58 -41.49
CA ASP A 548 8.04 -18.68 -40.71
C ASP A 548 8.95 -18.17 -39.62
N GLY A 549 9.08 -16.84 -39.54
CA GLY A 549 9.88 -16.16 -38.53
C GLY A 549 11.32 -15.89 -38.88
N ASP A 550 11.68 -15.98 -40.16
CA ASP A 550 13.04 -15.73 -40.62
C ASP A 550 13.29 -14.30 -41.02
N LEU A 551 14.46 -13.77 -40.65
CA LEU A 551 14.91 -12.42 -40.97
C LEU A 551 15.32 -12.41 -42.47
N VAL A 552 14.33 -12.11 -43.32
CA VAL A 552 14.48 -12.07 -44.78
C VAL A 552 13.60 -10.96 -45.35
N ASP A 553 14.17 -10.18 -46.28
CA ASP A 553 13.49 -9.08 -46.95
C ASP A 553 12.49 -9.58 -47.98
N TRP A 554 11.20 -9.40 -47.67
CA TRP A 554 10.08 -9.72 -48.55
C TRP A 554 9.44 -8.44 -49.09
N TRP A 555 10.12 -7.30 -48.94
CA TRP A 555 9.64 -6.00 -49.42
C TRP A 555 10.39 -5.58 -50.68
N THR A 556 9.70 -4.90 -51.61
CA THR A 556 10.37 -4.32 -52.78
C THR A 556 10.95 -3.00 -52.25
N GLN A 557 12.02 -2.48 -52.90
CA GLN A 557 12.69 -1.23 -52.53
C GLN A 557 11.70 -0.06 -52.39
N GLN A 558 10.74 0.06 -53.33
CA GLN A 558 9.77 1.16 -53.29
C GLN A 558 8.75 0.99 -52.14
N SER A 559 8.32 -0.25 -51.84
CA SER A 559 7.37 -0.50 -50.76
C SER A 559 8.03 -0.16 -49.38
N ALA A 560 9.27 -0.67 -49.15
CA ALA A 560 10.08 -0.38 -47.96
C ALA A 560 10.30 1.13 -47.80
N SER A 561 10.69 1.83 -48.90
CA SER A 561 10.92 3.28 -48.89
C SER A 561 9.65 4.04 -48.48
N ASN A 562 8.48 3.66 -49.05
CA ASN A 562 7.19 4.27 -48.72
C ASN A 562 6.77 3.96 -47.28
N PHE A 563 7.15 2.78 -46.73
CA PHE A 563 6.88 2.43 -45.32
C PHE A 563 7.64 3.42 -44.38
N LYS A 564 8.95 3.60 -44.61
CA LYS A 564 9.86 4.49 -43.87
C LYS A 564 9.38 5.92 -43.86
N GLU A 565 8.84 6.35 -45.00
CA GLU A 565 8.29 7.69 -45.19
C GLU A 565 7.03 7.84 -44.36
N GLN A 566 6.09 6.89 -44.47
CA GLN A 566 4.84 6.92 -43.70
C GLN A 566 5.15 6.90 -42.18
N SER A 567 6.09 6.04 -41.79
CA SER A 567 6.50 5.86 -40.39
C SER A 567 7.30 7.08 -39.79
N GLN A 568 7.96 7.86 -40.65
CA GLN A 568 8.74 9.05 -40.26
C GLN A 568 7.85 10.13 -39.63
N CYS A 569 6.55 10.18 -40.03
CA CYS A 569 5.52 11.04 -39.48
C CYS A 569 5.39 10.76 -37.98
N MET A 570 5.35 9.45 -37.60
CA MET A 570 5.14 9.07 -36.20
C MET A 570 6.35 9.33 -35.36
N VAL A 571 7.54 9.25 -35.97
CA VAL A 571 8.83 9.56 -35.32
C VAL A 571 8.76 11.03 -34.90
N TYR A 572 8.34 11.92 -35.84
CA TYR A 572 8.27 13.35 -35.55
C TYR A 572 7.13 13.66 -34.60
N GLN A 573 5.94 13.04 -34.82
CA GLN A 573 4.78 13.28 -33.95
C GLN A 573 5.12 12.98 -32.46
N TYR A 574 5.60 11.77 -32.17
CA TYR A 574 5.88 11.36 -30.80
C TYR A 574 7.16 11.98 -30.22
N GLY A 575 8.16 12.19 -31.07
CA GLY A 575 9.37 12.90 -30.69
C GLY A 575 9.09 14.33 -30.25
N ASN A 576 7.97 14.91 -30.68
CA ASN A 576 7.61 16.28 -30.29
C ASN A 576 6.83 16.34 -29.02
N PHE A 577 6.37 15.20 -28.50
CA PHE A 577 5.68 15.26 -27.21
C PHE A 577 6.73 15.48 -26.14
N SER A 578 6.43 16.39 -25.22
CA SER A 578 7.28 16.79 -24.12
C SER A 578 6.57 16.39 -22.86
N TRP A 579 7.31 15.70 -22.00
CA TRP A 579 6.76 15.11 -20.80
C TRP A 579 7.22 15.85 -19.56
N ASP A 580 6.28 16.54 -18.91
CA ASP A 580 6.50 17.34 -17.70
C ASP A 580 7.13 16.54 -16.57
N LEU A 581 6.66 15.28 -16.36
CA LEU A 581 7.14 14.41 -15.28
C LEU A 581 8.59 14.03 -15.46
N ALA A 582 9.08 14.03 -16.72
CA ALA A 582 10.45 13.73 -17.11
C ALA A 582 11.28 15.03 -17.31
N GLY A 583 10.84 16.09 -16.64
CA GLY A 583 11.51 17.39 -16.68
C GLY A 583 11.47 18.10 -18.01
N GLY A 584 10.36 17.98 -18.75
CA GLY A 584 10.19 18.62 -20.05
C GLY A 584 10.88 17.93 -21.21
N GLN A 585 11.50 16.75 -20.98
CA GLN A 585 12.17 16.04 -22.04
C GLN A 585 11.21 15.46 -23.05
N HIS A 586 11.67 15.41 -24.31
N HIS A 586 11.62 15.45 -24.32
CA HIS A 586 10.98 14.88 -25.49
CA HIS A 586 10.77 14.88 -25.36
C HIS A 586 11.03 13.36 -25.45
C HIS A 586 10.97 13.38 -25.41
N LEU A 587 9.96 12.69 -25.95
CA LEU A 587 9.96 11.23 -26.09
C LEU A 587 10.93 10.89 -27.18
N ASN A 588 11.49 9.69 -27.13
CA ASN A 588 12.39 9.26 -28.19
C ASN A 588 11.49 8.62 -29.29
N GLY A 589 11.22 9.41 -30.33
CA GLY A 589 10.36 9.02 -31.45
C GLY A 589 10.84 7.83 -32.25
N ILE A 590 12.16 7.59 -32.23
CA ILE A 590 12.77 6.45 -32.91
C ILE A 590 12.58 5.17 -32.05
N ASN A 591 13.00 5.21 -30.77
CA ASN A 591 12.87 4.04 -29.89
C ASN A 591 11.44 3.61 -29.60
N THR A 592 10.49 4.54 -29.64
CA THR A 592 9.07 4.23 -29.39
C THR A 592 8.27 3.92 -30.67
N LEU A 593 8.93 3.97 -31.86
CA LEU A 593 8.29 3.82 -33.18
C LEU A 593 7.54 2.53 -33.36
N GLY A 594 8.20 1.40 -33.08
CA GLY A 594 7.61 0.07 -33.14
C GLY A 594 6.31 -0.02 -32.39
N GLU A 595 6.29 0.50 -31.12
CA GLU A 595 5.08 0.51 -30.30
C GLU A 595 4.03 1.47 -30.79
N ASN A 596 4.43 2.67 -31.27
CA ASN A 596 3.49 3.67 -31.79
C ASN A 596 2.83 3.18 -33.11
N ILE A 597 3.58 2.50 -33.98
CA ILE A 597 3.03 1.91 -35.20
C ILE A 597 1.99 0.86 -34.76
N ALA A 598 2.35 0.01 -33.79
CA ALA A 598 1.47 -1.05 -33.28
C ALA A 598 0.21 -0.49 -32.65
N ASP A 599 0.33 0.61 -31.87
CA ASP A 599 -0.83 1.25 -31.24
C ASP A 599 -1.76 1.85 -32.31
N ASN A 600 -1.17 2.58 -33.26
CA ASN A 600 -1.93 3.22 -34.32
C ASN A 600 -2.60 2.19 -35.25
N GLY A 601 -1.87 1.14 -35.62
CA GLY A 601 -2.35 0.03 -36.42
C GLY A 601 -3.47 -0.67 -35.69
N GLY A 602 -3.22 -1.05 -34.43
CA GLY A 602 -4.22 -1.73 -33.59
C GLY A 602 -5.51 -1.00 -33.34
N LEU A 603 -5.43 0.32 -33.09
CA LEU A 603 -6.65 1.10 -32.90
C LEU A 603 -7.55 1.08 -34.15
N GLY A 604 -6.96 1.25 -35.32
CA GLY A 604 -7.67 1.25 -36.60
C GLY A 604 -8.40 -0.06 -36.87
N GLN A 605 -7.69 -1.19 -36.69
CA GLN A 605 -8.20 -2.54 -36.90
C GLN A 605 -9.32 -2.91 -35.96
N ALA A 606 -9.22 -2.54 -34.67
CA ALA A 606 -10.25 -2.82 -33.67
C ALA A 606 -11.53 -1.97 -33.90
N TYR A 607 -11.37 -0.72 -34.29
CA TYR A 607 -12.54 0.12 -34.51
C TYR A 607 -13.30 -0.36 -35.76
N ARG A 608 -12.55 -0.77 -36.79
CA ARG A 608 -13.16 -1.24 -38.03
C ARG A 608 -13.84 -2.58 -37.79
N ALA A 609 -13.19 -3.47 -37.00
CA ALA A 609 -13.80 -4.75 -36.64
C ALA A 609 -15.07 -4.49 -35.80
N TYR A 610 -15.06 -3.44 -34.98
CA TYR A 610 -16.26 -3.11 -34.19
C TYR A 610 -17.40 -2.55 -35.08
N GLN A 611 -17.05 -1.76 -36.11
CA GLN A 611 -18.06 -1.23 -37.06
C GLN A 611 -18.67 -2.41 -37.83
N ASN A 612 -17.83 -3.37 -38.25
CA ASN A 612 -18.25 -4.61 -38.90
C ASN A 612 -19.20 -5.40 -37.99
N TYR A 613 -18.95 -5.40 -36.66
CA TYR A 613 -19.81 -6.06 -35.66
C TYR A 613 -21.20 -5.38 -35.63
N ILE A 614 -21.24 -4.03 -35.60
CA ILE A 614 -22.48 -3.24 -35.58
C ILE A 614 -23.25 -3.52 -36.90
N LYS A 615 -22.56 -3.60 -38.05
CA LYS A 615 -23.21 -3.92 -39.32
C LYS A 615 -23.93 -5.27 -39.23
N LYS A 616 -23.22 -6.34 -38.81
CA LYS A 616 -23.74 -7.70 -38.67
C LYS A 616 -24.78 -7.88 -37.58
N ASN A 617 -24.62 -7.22 -36.42
CA ASN A 617 -25.52 -7.50 -35.29
C ASN A 617 -26.39 -6.32 -34.81
N GLY A 618 -26.18 -5.14 -35.38
CA GLY A 618 -26.90 -3.94 -34.96
C GLY A 618 -26.38 -3.36 -33.66
N GLU A 619 -26.85 -2.15 -33.33
CA GLU A 619 -26.47 -1.42 -32.13
C GLU A 619 -26.72 -2.22 -30.82
N GLU A 620 -25.83 -1.98 -29.84
CA GLU A 620 -25.90 -2.62 -28.54
C GLU A 620 -26.75 -1.72 -27.65
N LYS A 621 -27.33 -2.28 -26.59
CA LYS A 621 -28.09 -1.51 -25.60
C LYS A 621 -27.16 -0.50 -24.95
N LEU A 622 -27.64 0.72 -24.71
CA LEU A 622 -26.85 1.77 -24.07
C LEU A 622 -26.53 1.44 -22.63
N LEU A 623 -25.47 2.10 -22.08
CA LEU A 623 -25.05 1.95 -20.70
C LEU A 623 -25.74 3.02 -19.88
N PRO A 624 -26.29 2.67 -18.71
CA PRO A 624 -26.96 3.71 -17.90
C PRO A 624 -25.99 4.71 -17.29
N GLY A 625 -26.49 5.91 -16.99
CA GLY A 625 -25.72 6.99 -16.39
C GLY A 625 -24.68 7.62 -17.30
N LEU A 626 -24.51 7.06 -18.51
CA LEU A 626 -23.55 7.50 -19.53
C LEU A 626 -24.29 7.94 -20.74
N ASP A 627 -24.22 9.23 -21.04
CA ASP A 627 -24.88 9.78 -22.22
C ASP A 627 -23.90 9.83 -23.38
N LEU A 628 -23.46 8.63 -23.78
CA LEU A 628 -22.53 8.35 -24.88
C LEU A 628 -23.04 7.18 -25.68
N ASN A 629 -22.76 7.16 -26.97
CA ASN A 629 -23.14 6.03 -27.78
C ASN A 629 -21.97 5.02 -27.73
N HIS A 630 -22.16 3.84 -28.30
CA HIS A 630 -21.15 2.78 -28.26
C HIS A 630 -19.86 3.09 -29.08
N LYS A 631 -19.91 3.99 -30.09
CA LYS A 631 -18.70 4.37 -30.84
C LYS A 631 -17.80 5.19 -29.89
N GLN A 632 -18.44 6.03 -29.05
CA GLN A 632 -17.81 6.88 -28.06
C GLN A 632 -17.27 6.09 -26.88
N LEU A 633 -18.04 5.09 -26.42
CA LEU A 633 -17.64 4.17 -25.35
C LEU A 633 -16.43 3.34 -25.74
N PHE A 634 -16.31 2.99 -27.03
CA PHE A 634 -15.16 2.26 -27.56
C PHE A 634 -13.87 3.07 -27.27
N PHE A 635 -13.88 4.36 -27.59
CA PHE A 635 -12.74 5.24 -27.38
C PHE A 635 -12.48 5.50 -25.92
N LEU A 636 -13.56 5.58 -25.12
CA LEU A 636 -13.51 5.85 -23.69
C LEU A 636 -12.81 4.70 -23.00
N ASN A 637 -13.16 3.44 -23.33
CA ASN A 637 -12.54 2.25 -22.75
C ASN A 637 -11.10 2.15 -23.14
N PHE A 638 -10.82 2.38 -24.42
CA PHE A 638 -9.49 2.40 -25.00
C PHE A 638 -8.58 3.33 -24.17
N ALA A 639 -9.05 4.58 -23.95
CA ALA A 639 -8.29 5.56 -23.19
C ALA A 639 -8.14 5.19 -21.70
N GLN A 640 -9.18 4.62 -21.07
CA GLN A 640 -9.14 4.30 -19.65
C GLN A 640 -8.20 3.20 -19.28
N VAL A 641 -7.69 2.46 -20.28
CA VAL A 641 -6.64 1.42 -20.05
C VAL A 641 -5.41 2.16 -19.44
N TRP A 642 -5.20 3.41 -19.87
CA TRP A 642 -4.01 4.13 -19.43
C TRP A 642 -4.23 5.26 -18.40
N CYS A 643 -5.38 5.28 -17.70
CA CYS A 643 -5.55 6.23 -16.55
C CYS A 643 -4.47 5.87 -15.57
N GLY A 644 -3.62 6.83 -15.24
CA GLY A 644 -2.50 6.56 -14.39
C GLY A 644 -1.51 7.69 -14.44
N THR A 645 -0.45 7.57 -13.65
CA THR A 645 0.62 8.57 -13.59
C THR A 645 1.91 7.89 -13.14
N TYR A 646 3.01 8.63 -13.22
CA TYR A 646 4.36 8.16 -12.96
C TYR A 646 5.00 9.04 -11.90
N ARG A 647 5.93 8.48 -11.11
CA ARG A 647 6.76 9.28 -10.22
C ARG A 647 7.79 9.95 -11.14
N PRO A 648 8.16 11.22 -10.90
CA PRO A 648 9.13 11.89 -11.80
C PRO A 648 10.47 11.14 -11.98
N GLU A 649 10.96 10.44 -10.93
CA GLU A 649 12.21 9.67 -11.02
C GLU A 649 12.02 8.57 -12.02
N TYR A 650 10.84 7.90 -11.96
CA TYR A 650 10.55 6.83 -12.91
C TYR A 650 10.26 7.33 -14.31
N ALA A 651 9.70 8.54 -14.47
CA ALA A 651 9.50 9.16 -15.80
C ALA A 651 10.87 9.37 -16.50
N VAL A 652 11.87 9.85 -15.76
CA VAL A 652 13.24 10.05 -16.27
C VAL A 652 13.85 8.71 -16.73
N ASN A 653 13.54 7.66 -15.98
CA ASN A 653 14.00 6.31 -16.27
C ASN A 653 13.28 5.73 -17.54
N SER A 654 11.94 5.62 -17.51
CA SER A 654 11.16 5.05 -18.59
C SER A 654 11.28 5.80 -19.91
N ILE A 655 11.45 7.14 -19.88
CA ILE A 655 11.61 7.89 -21.15
C ILE A 655 12.86 7.41 -21.92
N LYS A 656 13.84 6.76 -21.22
CA LYS A 656 15.05 6.23 -21.82
C LYS A 656 14.97 4.74 -22.02
N THR A 657 14.28 4.04 -21.13
CA THR A 657 14.29 2.58 -21.13
C THR A 657 13.04 1.91 -21.71
N ASP A 658 11.89 2.60 -21.70
CA ASP A 658 10.67 1.99 -22.19
C ASP A 658 10.53 2.14 -23.70
N VAL A 659 10.25 1.03 -24.43
CA VAL A 659 10.02 1.12 -25.89
C VAL A 659 8.60 1.66 -26.19
N HIS A 660 7.74 1.68 -25.17
CA HIS A 660 6.38 2.23 -25.28
C HIS A 660 6.42 3.68 -24.95
N SER A 661 5.49 4.46 -25.53
CA SER A 661 5.37 5.84 -25.10
C SER A 661 4.59 5.78 -23.77
N PRO A 662 4.68 6.79 -22.89
CA PRO A 662 3.85 6.78 -21.67
C PRO A 662 2.37 6.78 -22.05
N GLY A 663 1.56 6.14 -21.21
CA GLY A 663 0.11 5.96 -21.38
C GLY A 663 -0.63 7.16 -21.92
N ASN A 664 -0.41 8.33 -21.32
CA ASN A 664 -1.10 9.53 -21.80
C ASN A 664 -0.80 9.83 -23.26
N PHE A 665 0.45 9.66 -23.72
CA PHE A 665 0.83 9.95 -25.09
C PHE A 665 0.41 8.88 -26.08
N ARG A 666 0.24 7.62 -25.60
CA ARG A 666 -0.26 6.52 -26.43
C ARG A 666 -1.72 6.85 -26.76
N ILE A 667 -2.46 7.41 -25.80
CA ILE A 667 -3.84 7.84 -25.92
C ILE A 667 -3.93 9.08 -26.81
N ILE A 668 -3.18 10.15 -26.49
CA ILE A 668 -3.21 11.36 -27.30
C ILE A 668 -2.75 11.11 -28.73
N GLY A 669 -1.60 10.46 -28.89
CA GLY A 669 -0.98 10.18 -30.17
C GLY A 669 -1.86 9.41 -31.12
N THR A 670 -2.38 8.25 -30.68
CA THR A 670 -3.27 7.42 -31.49
C THR A 670 -4.56 8.12 -31.90
N LEU A 671 -5.22 8.78 -30.97
CA LEU A 671 -6.48 9.49 -31.26
C LEU A 671 -6.29 10.72 -32.15
N GLN A 672 -5.12 11.39 -32.06
CA GLN A 672 -4.81 12.52 -32.97
C GLN A 672 -4.76 12.04 -34.40
N ASN A 673 -4.25 10.80 -34.63
CA ASN A 673 -4.14 10.20 -35.95
C ASN A 673 -5.44 9.53 -36.43
N SER A 674 -6.47 9.54 -35.62
CA SER A 674 -7.73 8.86 -35.90
C SER A 674 -8.86 9.83 -36.33
N ALA A 675 -9.22 9.76 -37.61
CA ALA A 675 -10.31 10.58 -38.17
C ALA A 675 -11.59 10.06 -37.57
N GLU A 676 -11.65 8.73 -37.34
CA GLU A 676 -12.77 8.04 -36.74
C GLU A 676 -13.07 8.54 -35.37
N PHE A 677 -12.01 8.82 -34.55
CA PHE A 677 -12.16 9.40 -33.20
C PHE A 677 -12.82 10.78 -33.29
N SER A 678 -12.28 11.66 -34.12
CA SER A 678 -12.77 13.04 -34.32
C SER A 678 -14.23 13.13 -34.77
N GLU A 679 -14.67 12.17 -35.58
CA GLU A 679 -16.06 12.11 -36.02
C GLU A 679 -16.95 11.69 -34.86
N ALA A 680 -16.51 10.69 -34.05
CA ALA A 680 -17.29 10.23 -32.89
C ALA A 680 -17.46 11.30 -31.87
N PHE A 681 -16.43 12.18 -31.67
CA PHE A 681 -16.53 13.22 -30.66
C PHE A 681 -16.74 14.64 -31.26
N HIS A 682 -17.00 14.70 -32.58
CA HIS A 682 -17.30 15.92 -33.34
C HIS A 682 -16.25 17.00 -33.12
N CYS A 683 -14.98 16.62 -33.25
CA CYS A 683 -13.84 17.52 -33.01
C CYS A 683 -13.65 18.52 -34.14
N ARG A 684 -13.57 19.80 -33.79
CA ARG A 684 -13.27 20.88 -34.75
C ARG A 684 -11.88 20.65 -35.35
N LYS A 685 -11.67 21.06 -36.61
CA LYS A 685 -10.36 20.91 -37.26
C LYS A 685 -9.31 21.73 -36.52
N ASN A 686 -8.11 21.15 -36.37
CA ASN A 686 -6.96 21.74 -35.68
C ASN A 686 -7.21 22.02 -34.17
N SER A 687 -8.22 21.34 -33.56
CA SER A 687 -8.39 21.31 -32.11
C SER A 687 -7.22 20.37 -31.70
N TYR A 688 -6.80 20.39 -30.44
CA TYR A 688 -5.65 19.57 -30.02
C TYR A 688 -5.75 18.08 -30.42
N MET A 689 -6.93 17.50 -30.24
CA MET A 689 -7.18 16.09 -30.55
C MET A 689 -7.38 15.81 -32.03
N ASN A 690 -7.57 16.86 -32.86
CA ASN A 690 -7.82 16.72 -34.29
C ASN A 690 -6.87 17.54 -35.19
N PRO A 691 -5.57 17.22 -35.22
CA PRO A 691 -4.67 17.95 -36.12
C PRO A 691 -4.95 17.62 -37.60
N GLU A 692 -4.59 18.57 -38.49
CA GLU A 692 -4.74 18.44 -39.93
C GLU A 692 -3.92 17.25 -40.45
N LYS A 693 -2.64 17.21 -40.11
CA LYS A 693 -1.73 16.15 -40.48
C LYS A 693 -1.94 14.97 -39.54
N LYS A 694 -2.23 13.82 -40.14
CA LYS A 694 -2.49 12.58 -39.41
C LYS A 694 -1.53 11.52 -39.92
N CYS A 695 -0.84 10.85 -39.01
CA CYS A 695 0.11 9.80 -39.40
C CYS A 695 -0.62 8.50 -39.54
N ARG A 696 -0.31 7.78 -40.62
CA ARG A 696 -0.96 6.52 -40.95
C ARG A 696 0.08 5.58 -41.53
N VAL A 697 0.05 4.32 -41.12
CA VAL A 697 0.89 3.33 -41.76
C VAL A 697 -0.03 2.14 -42.01
N TRP A 698 -0.54 1.42 -40.99
CA TRP A 698 -1.47 0.32 -41.24
C TRP A 698 -2.97 0.74 -41.07
N GLY B 3 -39.56 1.29 -12.95
CA GLY B 3 -39.35 1.98 -11.68
C GLY B 3 -37.94 1.76 -11.11
N ILE B 4 -36.94 1.89 -11.98
CA ILE B 4 -35.54 1.71 -11.62
C ILE B 4 -34.86 3.06 -11.76
N CYS B 5 -34.05 3.42 -10.78
CA CYS B 5 -33.29 4.65 -10.81
C CYS B 5 -32.13 4.45 -11.78
N LYS B 6 -31.93 5.36 -12.72
CA LYS B 6 -30.86 5.16 -13.70
C LYS B 6 -29.89 6.34 -13.75
N SER B 7 -29.82 7.12 -12.65
CA SER B 7 -28.93 8.26 -12.52
C SER B 7 -27.48 7.76 -12.32
N SER B 8 -26.49 8.66 -12.57
CA SER B 8 -25.05 8.43 -12.39
C SER B 8 -24.80 7.98 -10.96
N ASP B 9 -25.45 8.64 -9.99
CA ASP B 9 -25.32 8.37 -8.55
C ASP B 9 -25.86 7.01 -8.14
N CYS B 10 -27.01 6.61 -8.71
CA CYS B 10 -27.61 5.31 -8.46
C CYS B 10 -26.70 4.19 -9.02
N ILE B 11 -26.11 4.40 -10.21
CA ILE B 11 -25.22 3.39 -10.85
C ILE B 11 -23.97 3.18 -9.98
N LYS B 12 -23.40 4.27 -9.46
CA LYS B 12 -22.22 4.21 -8.57
C LYS B 12 -22.55 3.54 -7.25
N SER B 13 -23.72 3.84 -6.61
CA SER B 13 -24.12 3.14 -5.38
C SER B 13 -24.30 1.67 -5.64
N ALA B 14 -25.01 1.33 -6.76
CA ALA B 14 -25.28 -0.05 -7.13
C ALA B 14 -23.98 -0.83 -7.38
N ALA B 15 -23.07 -0.28 -8.19
CA ALA B 15 -21.77 -0.92 -8.51
C ALA B 15 -20.98 -1.26 -7.21
N ARG B 16 -20.86 -0.29 -6.29
CA ARG B 16 -20.17 -0.48 -5.02
C ARG B 16 -20.81 -1.66 -4.26
N LEU B 17 -22.16 -1.62 -4.08
CA LEU B 17 -22.89 -2.67 -3.37
C LEU B 17 -22.68 -4.03 -4.02
N ILE B 18 -22.72 -4.10 -5.36
CA ILE B 18 -22.53 -5.33 -6.13
C ILE B 18 -21.11 -5.88 -5.99
N GLN B 19 -20.10 -5.01 -6.14
CA GLN B 19 -18.70 -5.40 -6.08
C GLN B 19 -18.28 -5.95 -4.70
N ASN B 20 -18.87 -5.42 -3.60
CA ASN B 20 -18.50 -5.90 -2.27
C ASN B 20 -19.13 -7.20 -1.85
N MET B 21 -20.29 -7.53 -2.38
CA MET B 21 -21.02 -8.69 -1.92
C MET B 21 -20.64 -10.01 -2.60
N ASP B 22 -21.01 -11.11 -1.94
CA ASP B 22 -20.86 -12.47 -2.46
C ASP B 22 -22.29 -13.04 -2.51
N ALA B 23 -22.93 -12.90 -3.67
CA ALA B 23 -24.29 -13.36 -3.91
C ALA B 23 -24.47 -14.91 -3.85
N THR B 24 -23.35 -15.70 -3.77
CA THR B 24 -23.38 -17.18 -3.67
C THR B 24 -23.50 -17.65 -2.21
N THR B 25 -23.47 -16.70 -1.27
CA THR B 25 -23.63 -16.99 0.14
C THR B 25 -25.08 -16.75 0.50
N GLU B 26 -25.64 -17.60 1.35
CA GLU B 26 -27.03 -17.48 1.79
C GLU B 26 -27.10 -16.39 2.90
N PRO B 27 -27.85 -15.28 2.68
CA PRO B 27 -27.89 -14.20 3.67
C PRO B 27 -28.21 -14.61 5.10
N CYS B 28 -29.04 -15.65 5.25
CA CYS B 28 -29.45 -16.14 6.57
C CYS B 28 -28.45 -17.12 7.17
N THR B 29 -27.45 -17.54 6.38
CA THR B 29 -26.39 -18.41 6.90
C THR B 29 -25.26 -17.51 7.47
N ASP B 30 -24.80 -16.50 6.69
CA ASP B 30 -23.75 -15.57 7.11
C ASP B 30 -23.93 -14.27 6.36
N PHE B 31 -24.61 -13.31 6.97
CA PHE B 31 -24.85 -12.05 6.26
C PHE B 31 -23.58 -11.24 6.03
N PHE B 32 -22.56 -11.38 6.91
CA PHE B 32 -21.29 -10.66 6.72
C PHE B 32 -20.62 -11.14 5.45
N LYS B 33 -20.59 -12.47 5.23
CA LYS B 33 -20.00 -13.03 4.03
C LYS B 33 -20.84 -12.69 2.81
N TYR B 34 -22.16 -12.65 2.95
CA TYR B 34 -23.03 -12.27 1.84
C TYR B 34 -22.80 -10.81 1.49
N ALA B 35 -22.76 -9.92 2.48
CA ALA B 35 -22.60 -8.50 2.21
C ALA B 35 -21.18 -8.11 1.81
N CYS B 36 -20.17 -8.85 2.32
CA CYS B 36 -18.77 -8.45 2.16
C CYS B 36 -17.85 -9.41 1.50
N GLY B 37 -18.31 -10.61 1.14
CA GLY B 37 -17.48 -11.64 0.50
C GLY B 37 -16.68 -11.24 -0.72
N GLY B 38 -17.26 -10.39 -1.55
CA GLY B 38 -16.57 -9.90 -2.75
C GLY B 38 -15.40 -8.99 -2.37
N TRP B 39 -15.60 -8.11 -1.36
CA TRP B 39 -14.56 -7.19 -0.91
C TRP B 39 -13.42 -8.05 -0.34
N LEU B 40 -13.78 -9.05 0.47
CA LEU B 40 -12.83 -9.96 1.12
C LEU B 40 -11.94 -10.71 0.11
N LYS B 41 -12.53 -11.19 -0.99
CA LYS B 41 -11.79 -11.90 -2.03
C LYS B 41 -10.83 -10.98 -2.78
N ARG B 42 -11.25 -9.75 -3.03
CA ARG B 42 -10.46 -8.79 -3.81
C ARG B 42 -9.36 -8.03 -3.05
N ASN B 43 -9.54 -7.86 -1.75
CA ASN B 43 -8.60 -7.02 -1.02
C ASN B 43 -7.59 -7.77 -0.16
N VAL B 44 -6.46 -7.12 0.04
CA VAL B 44 -5.37 -7.59 0.89
C VAL B 44 -5.06 -6.41 1.80
N ILE B 45 -4.67 -6.69 3.04
CA ILE B 45 -4.31 -5.63 3.98
C ILE B 45 -2.99 -5.02 3.56
N PRO B 46 -2.93 -3.68 3.37
CA PRO B 46 -1.64 -3.04 3.01
C PRO B 46 -0.58 -3.30 4.08
N GLU B 47 0.71 -3.26 3.71
CA GLU B 47 1.82 -3.47 4.66
C GLU B 47 1.85 -2.49 5.86
N THR B 48 1.27 -1.33 5.67
CA THR B 48 1.24 -0.25 6.63
C THR B 48 -0.04 -0.24 7.45
N SER B 49 -0.99 -1.19 7.23
CA SER B 49 -2.28 -1.22 7.92
C SER B 49 -2.39 -2.36 8.87
N SER B 50 -2.96 -2.12 10.05
CA SER B 50 -3.12 -3.22 11.00
C SER B 50 -4.54 -3.82 10.80
N ARG B 51 -5.40 -3.02 10.19
CA ARG B 51 -6.78 -3.38 9.86
C ARG B 51 -7.10 -2.68 8.56
N TYR B 52 -7.84 -3.32 7.64
CA TYR B 52 -8.18 -2.64 6.38
C TYR B 52 -9.61 -2.99 6.07
N GLY B 53 -10.31 -2.06 5.42
CA GLY B 53 -11.73 -2.24 5.07
C GLY B 53 -12.33 -0.96 4.56
N ASN B 54 -13.63 -0.99 4.20
CA ASN B 54 -14.33 0.21 3.68
C ASN B 54 -14.22 1.41 4.57
N PHE B 55 -14.26 1.18 5.88
CA PHE B 55 -14.19 2.24 6.88
C PHE B 55 -12.80 2.88 6.95
N ASP B 56 -11.73 2.07 7.01
CA ASP B 56 -10.31 2.55 7.03
C ASP B 56 -9.94 3.22 5.71
N ILE B 57 -10.53 2.77 4.61
CA ILE B 57 -10.33 3.39 3.28
C ILE B 57 -10.83 4.85 3.33
N LEU B 58 -11.97 5.10 4.00
CA LEU B 58 -12.51 6.45 4.11
C LEU B 58 -11.53 7.37 4.80
N ARG B 59 -10.82 6.84 5.83
CA ARG B 59 -9.80 7.60 6.56
C ARG B 59 -8.57 7.84 5.69
N ASP B 60 -8.16 6.82 4.91
CA ASP B 60 -7.03 6.97 3.97
C ASP B 60 -7.37 8.04 2.94
N GLU B 61 -8.62 8.05 2.47
CA GLU B 61 -9.07 9.07 1.49
C GLU B 61 -9.16 10.48 2.08
N LEU B 62 -9.46 10.59 3.38
CA LEU B 62 -9.51 11.90 4.03
C LEU B 62 -8.07 12.43 4.11
N GLU B 63 -7.08 11.54 4.34
CA GLU B 63 -5.66 11.99 4.39
C GLU B 63 -5.24 12.59 3.06
N VAL B 64 -5.76 12.04 1.95
CA VAL B 64 -5.49 12.56 0.59
C VAL B 64 -5.95 14.03 0.53
N VAL B 65 -7.17 14.30 1.06
CA VAL B 65 -7.71 15.67 1.09
C VAL B 65 -6.79 16.57 1.91
N LEU B 66 -6.35 16.10 3.10
CA LEU B 66 -5.49 16.88 3.97
C LEU B 66 -4.17 17.21 3.29
N LYS B 67 -3.58 16.24 2.53
CA LYS B 67 -2.34 16.47 1.78
C LYS B 67 -2.59 17.61 0.75
N ASP B 68 -3.69 17.52 -0.02
CA ASP B 68 -4.02 18.53 -1.02
C ASP B 68 -4.14 19.94 -0.42
N VAL B 69 -4.75 20.07 0.78
CA VAL B 69 -4.97 21.39 1.39
C VAL B 69 -3.82 21.91 2.25
N LEU B 70 -2.87 21.05 2.61
CA LEU B 70 -1.74 21.51 3.42
C LEU B 70 -0.46 21.71 2.63
N GLN B 71 -0.29 20.99 1.53
CA GLN B 71 0.99 20.94 0.80
C GLN B 71 1.34 22.18 -0.05
N GLU B 72 0.36 23.03 -0.34
CA GLU B 72 0.63 24.20 -1.18
C GLU B 72 0.30 25.53 -0.47
N PRO B 73 1.28 26.42 -0.26
CA PRO B 73 0.95 27.76 0.28
C PRO B 73 0.08 28.53 -0.73
N LYS B 74 -0.75 29.45 -0.21
CA LYS B 74 -1.66 30.33 -0.97
C LYS B 74 -1.55 31.72 -0.32
N THR B 75 -1.55 32.81 -1.12
CA THR B 75 -1.43 34.17 -0.55
C THR B 75 -2.59 34.53 0.36
N GLU B 76 -3.79 34.03 0.05
CA GLU B 76 -4.98 34.29 0.85
C GLU B 76 -4.97 33.63 2.26
N ASP B 77 -4.08 32.65 2.49
CA ASP B 77 -3.99 31.93 3.78
C ASP B 77 -3.85 32.85 5.00
N ILE B 78 -4.76 32.71 5.97
CA ILE B 78 -4.71 33.43 7.23
C ILE B 78 -3.57 32.82 8.04
N VAL B 79 -3.09 33.54 9.08
CA VAL B 79 -1.98 33.10 9.91
C VAL B 79 -2.19 31.67 10.46
N ALA B 80 -3.37 31.37 11.03
CA ALA B 80 -3.67 30.02 11.55
C ALA B 80 -3.38 28.92 10.49
N VAL B 81 -3.76 29.17 9.22
CA VAL B 81 -3.52 28.28 8.09
C VAL B 81 -2.03 28.21 7.74
N GLN B 82 -1.35 29.38 7.76
CA GLN B 82 0.08 29.48 7.51
C GLN B 82 0.85 28.61 8.51
N LYS B 83 0.44 28.65 9.79
CA LYS B 83 1.05 27.88 10.87
C LYS B 83 0.85 26.37 10.65
N ALA B 84 -0.38 25.94 10.24
CA ALA B 84 -0.67 24.53 9.93
C ALA B 84 0.19 24.03 8.77
N LYS B 85 0.32 24.84 7.70
CA LYS B 85 1.14 24.48 6.54
C LYS B 85 2.63 24.43 6.86
N ALA B 86 3.11 25.34 7.74
CA ALA B 86 4.52 25.38 8.16
C ALA B 86 4.80 24.14 9.04
N LEU B 87 3.86 23.77 9.94
CA LEU B 87 3.95 22.54 10.75
C LEU B 87 4.03 21.32 9.81
N TYR B 88 3.14 21.23 8.82
CA TYR B 88 3.17 20.15 7.82
C TYR B 88 4.51 20.09 7.07
N ARG B 89 5.05 21.25 6.61
CA ARG B 89 6.33 21.30 5.89
C ARG B 89 7.49 20.78 6.75
N SER B 90 7.53 21.15 8.04
CA SER B 90 8.57 20.66 8.97
C SER B 90 8.47 19.14 9.19
N CYS B 91 7.25 18.62 9.21
CA CYS B 91 7.02 17.17 9.39
C CYS B 91 7.49 16.35 8.19
N ILE B 92 7.20 16.80 6.94
CA ILE B 92 7.55 16.04 5.73
C ILE B 92 9.01 16.18 5.31
N ASN B 93 9.74 17.13 5.90
CA ASN B 93 11.14 17.30 5.52
C ASN B 93 12.04 16.27 6.24
N GLU B 94 12.08 15.05 5.66
CA GLU B 94 12.85 13.92 6.15
C GLU B 94 14.36 14.12 6.05
N SER B 95 14.83 14.95 5.10
CA SER B 95 16.27 15.22 4.99
C SER B 95 16.78 16.04 6.18
N ALA B 96 16.00 17.08 6.63
CA ALA B 96 16.32 17.90 7.82
C ALA B 96 16.23 17.04 9.08
N ILE B 97 15.22 16.17 9.16
CA ILE B 97 15.06 15.28 10.32
C ILE B 97 16.26 14.33 10.40
N ASP B 98 16.61 13.67 9.28
CA ASP B 98 17.74 12.75 9.27
C ASP B 98 19.08 13.43 9.63
N SER B 99 19.31 14.67 9.19
CA SER B 99 20.52 15.42 9.49
C SER B 99 20.68 15.76 10.97
N ARG B 100 19.57 15.87 11.71
CA ARG B 100 19.57 16.16 13.14
C ARG B 100 19.91 14.90 14.02
N GLY B 101 19.91 13.70 13.44
CA GLY B 101 20.18 12.44 14.13
C GLY B 101 19.30 12.26 15.33
N GLY B 102 19.93 12.04 16.49
CA GLY B 102 19.24 11.91 17.75
C GLY B 102 19.42 13.12 18.65
N GLU B 103 20.15 14.15 18.16
CA GLU B 103 20.47 15.42 18.84
C GLU B 103 19.26 16.07 19.51
N PRO B 104 18.09 16.21 18.84
CA PRO B 104 16.94 16.81 19.53
C PRO B 104 16.52 16.04 20.80
N LEU B 105 16.66 14.69 20.82
CA LEU B 105 16.35 13.88 21.99
C LEU B 105 17.41 14.11 23.08
N LEU B 106 18.70 14.12 22.71
CA LEU B 106 19.81 14.30 23.66
C LEU B 106 19.66 15.60 24.43
N LYS B 107 19.25 16.66 23.72
CA LYS B 107 19.03 17.99 24.28
C LYS B 107 17.86 18.03 25.24
N LEU B 108 16.86 17.14 25.03
CA LEU B 108 15.65 17.04 25.84
C LEU B 108 15.86 16.21 27.11
N LEU B 109 16.67 15.15 27.01
CA LEU B 109 16.95 14.19 28.08
C LEU B 109 17.23 14.84 29.49
N PRO B 110 18.08 15.91 29.66
CA PRO B 110 18.28 16.45 31.02
C PRO B 110 17.03 17.02 31.70
N ASP B 111 16.07 17.51 30.90
CA ASP B 111 14.85 18.13 31.42
C ASP B 111 13.82 17.11 31.95
N ILE B 112 14.09 15.82 31.80
CA ILE B 112 13.22 14.74 32.29
C ILE B 112 13.97 13.90 33.32
N TYR B 113 15.11 14.44 33.81
CA TYR B 113 16.05 13.82 34.76
C TYR B 113 16.84 12.69 34.07
N GLY B 114 17.09 12.84 32.77
CA GLY B 114 17.82 11.88 31.92
C GLY B 114 17.25 10.49 31.82
N TRP B 115 17.97 9.60 31.12
CA TRP B 115 17.62 8.17 30.99
C TRP B 115 18.86 7.44 31.54
N PRO B 116 18.79 7.02 32.83
CA PRO B 116 19.98 6.44 33.49
C PRO B 116 20.88 5.55 32.64
N VAL B 117 20.32 4.54 31.96
CA VAL B 117 21.01 3.57 31.10
C VAL B 117 21.87 4.21 30.01
N ALA B 118 21.45 5.38 29.54
CA ALA B 118 22.11 6.09 28.47
C ALA B 118 22.90 7.31 28.98
N THR B 119 23.06 7.39 30.33
CA THR B 119 23.78 8.45 31.05
C THR B 119 24.99 7.86 31.80
N GLU B 120 26.12 8.56 31.75
CA GLU B 120 27.29 8.16 32.54
C GLU B 120 27.18 8.92 33.86
N ASN B 121 27.38 8.22 35.01
CA ASN B 121 27.29 8.77 36.37
C ASN B 121 25.95 9.47 36.62
N TRP B 122 24.84 8.77 36.32
CA TRP B 122 23.47 9.29 36.50
C TRP B 122 23.20 9.77 37.94
N GLU B 123 23.50 8.91 38.92
CA GLU B 123 23.32 9.17 40.36
C GLU B 123 23.97 10.51 40.79
N GLN B 124 25.18 10.81 40.28
CA GLN B 124 25.90 12.03 40.57
C GLN B 124 25.20 13.25 39.97
N LYS B 125 24.81 13.13 38.69
CA LYS B 125 24.18 14.18 37.89
C LYS B 125 22.77 14.57 38.31
N TYR B 126 21.89 13.58 38.61
CA TYR B 126 20.48 13.88 38.90
C TYR B 126 19.96 13.47 40.26
N GLY B 127 20.54 12.42 40.84
CA GLY B 127 20.14 11.85 42.13
C GLY B 127 19.99 12.84 43.28
N ALA B 128 20.77 13.94 43.24
CA ALA B 128 20.75 15.02 44.23
C ALA B 128 19.42 15.77 44.22
N SER B 129 18.87 16.03 43.02
CA SER B 129 17.62 16.75 42.83
C SER B 129 16.47 15.82 42.41
N TRP B 130 16.63 14.50 42.59
CA TRP B 130 15.62 13.55 42.15
C TRP B 130 14.64 13.12 43.20
N THR B 131 13.35 13.24 42.86
CA THR B 131 12.21 12.73 43.63
C THR B 131 11.15 12.15 42.67
N ALA B 132 10.41 11.13 43.12
CA ALA B 132 9.33 10.52 42.36
C ALA B 132 8.22 11.55 42.08
N GLU B 133 7.87 12.44 43.04
CA GLU B 133 6.85 13.49 42.86
C GLU B 133 7.30 14.47 41.75
N LYS B 134 8.60 14.89 41.76
CA LYS B 134 9.15 15.82 40.77
C LYS B 134 9.26 15.19 39.37
N ALA B 135 9.78 13.94 39.33
CA ALA B 135 10.00 13.18 38.10
C ALA B 135 8.68 12.81 37.39
N ILE B 136 7.67 12.33 38.14
CA ILE B 136 6.36 12.00 37.58
C ILE B 136 5.68 13.26 37.08
N ALA B 137 5.71 14.32 37.90
CA ALA B 137 5.10 15.60 37.58
C ALA B 137 5.71 16.29 36.37
N GLN B 138 7.05 16.21 36.19
CA GLN B 138 7.74 16.84 35.06
C GLN B 138 7.26 16.29 33.73
N LEU B 139 7.20 14.96 33.63
CA LEU B 139 6.76 14.27 32.41
C LEU B 139 5.30 14.58 32.11
N ASN B 140 4.47 14.64 33.17
CA ASN B 140 3.05 14.96 33.10
C ASN B 140 2.76 16.39 32.63
N SER B 141 3.14 17.38 33.44
CA SER B 141 2.86 18.81 33.21
C SER B 141 3.53 19.41 31.99
N LYS B 142 4.75 19.01 31.68
CA LYS B 142 5.43 19.60 30.53
C LYS B 142 5.23 18.83 29.24
N TYR B 143 5.08 17.49 29.32
CA TYR B 143 5.05 16.67 28.10
C TYR B 143 3.83 15.81 27.89
N GLY B 144 2.90 15.82 28.84
CA GLY B 144 1.67 15.03 28.75
C GLY B 144 1.91 13.54 28.86
N LYS B 145 3.08 13.12 29.34
CA LYS B 145 3.44 11.71 29.51
C LYS B 145 3.10 11.27 30.95
N LYS B 146 2.13 10.37 31.09
CA LYS B 146 1.67 9.94 32.41
C LYS B 146 2.22 8.60 32.79
N VAL B 147 3.15 8.60 33.76
CA VAL B 147 3.83 7.38 34.19
C VAL B 147 3.58 7.11 35.66
N LEU B 148 3.40 5.83 36.06
CA LEU B 148 3.16 5.34 37.44
C LEU B 148 1.84 5.81 38.03
N ILE B 149 1.64 7.14 38.10
CA ILE B 149 0.40 7.73 38.61
C ILE B 149 -0.10 8.65 37.53
N ASN B 150 -1.33 8.42 37.05
CA ASN B 150 -1.94 9.27 36.04
C ASN B 150 -2.79 10.35 36.72
N LEU B 151 -2.25 11.58 36.78
CA LEU B 151 -2.90 12.75 37.35
C LEU B 151 -3.39 13.62 36.18
N PHE B 152 -4.69 13.91 36.12
CA PHE B 152 -5.20 14.80 35.07
C PHE B 152 -6.31 15.70 35.52
N VAL B 153 -6.54 16.80 34.78
CA VAL B 153 -7.66 17.74 34.93
C VAL B 153 -8.71 17.33 33.88
N GLY B 154 -9.93 17.10 34.32
CA GLY B 154 -11.06 16.73 33.48
C GLY B 154 -12.39 17.13 34.11
N THR B 155 -13.49 16.91 33.37
CA THR B 155 -14.85 17.24 33.81
C THR B 155 -15.24 16.44 35.05
N ASP B 156 -15.86 17.12 36.06
CA ASP B 156 -16.33 16.46 37.26
C ASP B 156 -17.55 15.66 36.86
N ASP B 157 -17.49 14.35 37.05
CA ASP B 157 -18.58 13.45 36.70
C ASP B 157 -19.90 13.82 37.38
N LYS B 158 -19.84 14.25 38.66
CA LYS B 158 -21.03 14.59 39.44
C LYS B 158 -21.41 16.09 39.32
N ASN B 159 -20.53 16.91 38.71
CA ASN B 159 -20.74 18.34 38.48
C ASN B 159 -20.18 18.75 37.10
N SER B 160 -20.92 18.36 36.04
CA SER B 160 -20.61 18.54 34.61
C SER B 160 -20.17 19.95 34.18
N VAL B 161 -20.49 20.99 34.96
CA VAL B 161 -20.10 22.38 34.63
C VAL B 161 -18.69 22.73 35.10
N ASN B 162 -18.11 21.89 35.97
CA ASN B 162 -16.80 22.15 36.54
C ASN B 162 -15.76 21.06 36.23
N HIS B 163 -14.49 21.42 36.40
CA HIS B 163 -13.31 20.57 36.23
C HIS B 163 -12.73 20.20 37.59
N VAL B 164 -12.19 18.97 37.68
CA VAL B 164 -11.54 18.44 38.87
C VAL B 164 -10.30 17.66 38.54
N ILE B 165 -9.46 17.47 39.55
CA ILE B 165 -8.27 16.67 39.43
C ILE B 165 -8.69 15.21 39.62
N HIS B 166 -8.22 14.34 38.71
CA HIS B 166 -8.49 12.92 38.77
C HIS B 166 -7.17 12.22 39.00
N ILE B 167 -7.22 11.04 39.61
CA ILE B 167 -6.06 10.19 39.85
C ILE B 167 -6.46 8.83 39.36
N ASP B 168 -5.68 8.30 38.40
CA ASP B 168 -5.96 7.02 37.83
C ASP B 168 -4.66 6.26 37.58
N GLN B 169 -4.78 4.97 37.32
CA GLN B 169 -3.67 4.10 36.97
C GLN B 169 -3.18 4.56 35.57
N PRO B 170 -1.87 4.46 35.26
CA PRO B 170 -1.40 4.91 33.95
C PRO B 170 -1.54 3.83 32.89
N ARG B 171 -1.33 4.23 31.62
CA ARG B 171 -1.29 3.28 30.51
C ARG B 171 0.07 2.54 30.58
N LEU B 172 0.18 1.42 29.88
CA LEU B 172 1.41 0.62 29.85
C LEU B 172 2.11 0.79 28.49
N GLY B 173 3.38 0.40 28.39
CA GLY B 173 4.15 0.44 27.15
C GLY B 173 3.59 -0.54 26.14
N LEU B 174 3.11 -1.67 26.63
CA LEU B 174 2.45 -2.69 25.84
C LEU B 174 0.93 -2.37 25.79
N PRO B 175 0.16 -2.90 24.82
CA PRO B 175 -1.27 -2.49 24.66
C PRO B 175 -2.20 -2.68 25.86
N SER B 176 -2.08 -3.82 26.55
CA SER B 176 -2.90 -4.09 27.74
C SER B 176 -2.08 -4.88 28.77
N ARG B 177 -2.62 -5.00 29.99
CA ARG B 177 -2.01 -5.73 31.10
C ARG B 177 -1.75 -7.20 30.75
N ASP B 178 -2.61 -7.79 29.89
CA ASP B 178 -2.52 -9.17 29.44
C ASP B 178 -1.17 -9.50 28.81
N TYR B 179 -0.59 -8.55 28.06
CA TYR B 179 0.68 -8.73 27.38
C TYR B 179 1.81 -9.06 28.34
N TYR B 180 1.76 -8.53 29.58
CA TYR B 180 2.83 -8.69 30.56
C TYR B 180 2.95 -10.13 31.10
N GLU B 181 2.02 -11.04 30.72
CA GLU B 181 2.09 -12.46 31.02
C GLU B 181 3.39 -12.97 30.37
N CYS B 182 3.68 -12.47 29.12
CA CYS B 182 4.86 -12.73 28.30
C CYS B 182 5.03 -14.18 27.87
N THR B 183 3.92 -14.89 27.69
CA THR B 183 3.93 -16.28 27.23
C THR B 183 2.90 -16.43 26.10
N GLY B 184 3.09 -17.45 25.28
CA GLY B 184 2.18 -17.72 24.17
C GLY B 184 2.15 -16.60 23.14
N ILE B 185 0.96 -16.09 22.87
CA ILE B 185 0.68 -15.01 21.90
C ILE B 185 1.32 -13.67 22.27
N TYR B 186 1.80 -13.53 23.53
CA TYR B 186 2.47 -12.34 24.07
C TYR B 186 3.99 -12.40 24.13
N LYS B 187 4.59 -13.58 23.94
CA LYS B 187 6.03 -13.75 24.01
C LYS B 187 6.77 -12.85 23.00
N GLU B 188 6.40 -12.91 21.70
CA GLU B 188 7.07 -12.09 20.68
C GLU B 188 7.06 -10.59 21.00
N ALA B 189 5.92 -10.06 21.52
CA ALA B 189 5.76 -8.65 21.87
C ALA B 189 6.65 -8.27 23.05
N CYS B 190 6.77 -9.16 24.05
CA CYS B 190 7.60 -8.92 25.25
C CYS B 190 9.05 -8.90 24.88
N THR B 191 9.47 -9.86 24.03
CA THR B 191 10.83 -9.91 23.50
C THR B 191 11.15 -8.65 22.66
N ALA B 192 10.24 -8.28 21.73
CA ALA B 192 10.45 -7.10 20.88
C ALA B 192 10.56 -5.82 21.70
N TYR B 193 9.77 -5.72 22.78
CA TYR B 193 9.69 -4.56 23.66
C TYR B 193 10.99 -4.27 24.36
N VAL B 194 11.59 -5.29 24.97
CA VAL B 194 12.88 -5.20 25.68
C VAL B 194 14.02 -4.95 24.73
N ASP B 195 14.01 -5.63 23.57
CA ASP B 195 14.99 -5.45 22.50
C ASP B 195 14.94 -4.04 21.96
N PHE B 196 13.71 -3.45 21.90
CA PHE B 196 13.49 -2.07 21.46
C PHE B 196 14.18 -1.14 22.49
N MET B 197 13.94 -1.35 23.81
CA MET B 197 14.56 -0.54 24.87
C MET B 197 16.09 -0.53 24.71
N ILE B 198 16.67 -1.73 24.55
CA ILE B 198 18.11 -1.95 24.39
C ILE B 198 18.62 -1.29 23.12
N SER B 199 17.92 -1.49 21.97
CA SER B 199 18.33 -0.84 20.72
C SER B 199 18.40 0.67 20.87
N VAL B 200 17.44 1.29 21.57
CA VAL B 200 17.44 2.76 21.72
C VAL B 200 18.53 3.24 22.67
N ALA B 201 18.71 2.54 23.82
CA ALA B 201 19.76 2.81 24.80
C ALA B 201 21.13 2.77 24.10
N ARG B 202 21.34 1.73 23.25
CA ARG B 202 22.55 1.54 22.47
C ARG B 202 22.77 2.69 21.49
N LEU B 203 21.72 3.14 20.77
CA LEU B 203 21.88 4.28 19.85
C LEU B 203 22.23 5.59 20.56
N ILE B 204 21.59 5.86 21.71
CA ILE B 204 21.78 7.09 22.49
C ILE B 204 23.22 7.11 23.03
N ARG B 205 23.67 5.98 23.60
CA ARG B 205 25.03 5.80 24.12
C ARG B 205 26.04 5.96 22.98
N GLN B 206 25.77 5.37 21.80
CA GLN B 206 26.66 5.51 20.64
C GLN B 206 26.78 6.97 20.17
N GLU B 207 25.66 7.69 20.13
CA GLU B 207 25.67 9.08 19.69
C GLU B 207 26.38 10.00 20.69
N GLU B 208 26.17 9.77 22.00
CA GLU B 208 26.79 10.53 23.09
C GLU B 208 28.29 10.20 23.22
N ARG B 209 28.77 9.19 22.44
CA ARG B 209 30.13 8.66 22.38
C ARG B 209 30.55 8.05 23.70
N LEU B 210 29.60 7.34 24.33
CA LEU B 210 29.77 6.66 25.60
C LEU B 210 30.12 5.18 25.38
N PRO B 211 30.88 4.54 26.31
CA PRO B 211 31.18 3.10 26.13
C PRO B 211 29.93 2.25 26.32
N ILE B 212 29.90 1.07 25.68
CA ILE B 212 28.73 0.19 25.74
C ILE B 212 29.11 -1.22 26.22
N ASP B 213 28.46 -1.62 27.33
CA ASP B 213 28.52 -2.94 27.95
C ASP B 213 27.15 -3.59 27.67
N GLU B 214 27.13 -4.45 26.63
CA GLU B 214 25.93 -5.16 26.20
C GLU B 214 25.20 -5.87 27.32
N ASN B 215 25.93 -6.59 28.21
CA ASN B 215 25.27 -7.30 29.32
C ASN B 215 24.62 -6.37 30.32
N GLN B 216 25.16 -5.16 30.48
CA GLN B 216 24.61 -4.15 31.39
C GLN B 216 23.35 -3.50 30.78
N LEU B 217 23.31 -3.32 29.41
CA LEU B 217 22.13 -2.77 28.73
C LEU B 217 21.02 -3.77 28.93
N ALA B 218 21.32 -5.07 28.67
CA ALA B 218 20.37 -6.17 28.84
C ALA B 218 19.83 -6.24 30.26
N LEU B 219 20.73 -6.16 31.27
CA LEU B 219 20.36 -6.19 32.68
C LEU B 219 19.43 -5.05 33.08
N GLU B 220 19.81 -3.81 32.77
CA GLU B 220 19.03 -2.64 33.10
C GLU B 220 17.64 -2.61 32.46
N MET B 221 17.54 -3.04 31.19
CA MET B 221 16.26 -2.98 30.48
C MET B 221 15.38 -4.14 30.86
N ASN B 222 16.00 -5.29 31.23
CA ASN B 222 15.21 -6.40 31.72
C ASN B 222 14.57 -6.05 33.05
N LYS B 223 15.24 -5.20 33.84
CA LYS B 223 14.73 -4.74 35.12
C LYS B 223 13.54 -3.75 34.94
N VAL B 224 13.59 -2.92 33.89
CA VAL B 224 12.54 -1.98 33.50
C VAL B 224 11.29 -2.83 33.23
N MET B 225 11.48 -3.92 32.45
CA MET B 225 10.42 -4.87 32.14
C MET B 225 9.85 -5.51 33.40
N GLU B 226 10.72 -5.91 34.37
CA GLU B 226 10.20 -6.55 35.60
C GLU B 226 9.41 -5.58 36.47
N LEU B 227 9.84 -4.31 36.50
CA LEU B 227 9.12 -3.27 37.21
C LEU B 227 7.75 -3.06 36.53
N GLU B 228 7.74 -2.94 35.18
CA GLU B 228 6.49 -2.68 34.47
C GLU B 228 5.50 -3.83 34.55
N LYS B 229 6.02 -5.07 34.62
CA LYS B 229 5.18 -6.25 34.78
C LYS B 229 4.45 -6.18 36.13
N GLU B 230 5.12 -5.64 37.18
CA GLU B 230 4.53 -5.50 38.52
C GLU B 230 3.47 -4.40 38.49
N ILE B 231 3.76 -3.27 37.81
CA ILE B 231 2.80 -2.18 37.64
C ILE B 231 1.56 -2.70 36.88
N ALA B 232 1.76 -3.42 35.75
CA ALA B 232 0.68 -3.98 34.94
C ALA B 232 -0.26 -4.84 35.80
N ASN B 233 0.32 -5.80 36.53
CA ASN B 233 -0.43 -6.72 37.39
C ASN B 233 -1.22 -6.00 38.52
N ALA B 234 -0.74 -4.83 38.95
CA ALA B 234 -1.36 -3.98 39.98
C ALA B 234 -2.62 -3.25 39.45
N THR B 235 -2.66 -2.92 38.12
CA THR B 235 -3.76 -2.16 37.50
C THR B 235 -5.05 -2.97 37.53
N ALA B 236 -6.18 -2.25 37.65
CA ALA B 236 -7.50 -2.88 37.62
C ALA B 236 -7.83 -3.30 36.16
N LYS B 237 -8.47 -4.47 35.98
CA LYS B 237 -8.91 -4.97 34.68
C LYS B 237 -10.03 -4.03 34.17
N PRO B 238 -10.22 -3.87 32.83
CA PRO B 238 -11.32 -3.00 32.34
C PRO B 238 -12.72 -3.39 32.85
N GLU B 239 -12.99 -4.71 33.04
CA GLU B 239 -14.24 -5.29 33.58
C GLU B 239 -14.61 -4.72 34.97
N ASP B 240 -13.59 -4.32 35.75
CA ASP B 240 -13.76 -3.78 37.09
C ASP B 240 -13.75 -2.26 37.09
N ARG B 241 -13.88 -1.63 35.90
CA ARG B 241 -13.88 -0.17 35.74
C ARG B 241 -15.06 0.31 34.86
N ASN B 242 -15.99 -0.60 34.56
CA ASN B 242 -17.16 -0.38 33.70
C ASN B 242 -18.34 0.36 34.38
N ASP B 243 -18.35 0.44 35.73
CA ASP B 243 -19.41 1.10 36.49
C ASP B 243 -18.92 2.47 36.91
N PRO B 244 -19.41 3.58 36.31
CA PRO B 244 -18.90 4.91 36.70
C PRO B 244 -19.24 5.33 38.13
N MET B 245 -20.29 4.73 38.75
CA MET B 245 -20.68 5.00 40.14
C MET B 245 -19.62 4.47 41.10
N LEU B 246 -19.18 3.21 40.89
CA LEU B 246 -18.15 2.55 41.69
C LEU B 246 -16.76 3.14 41.47
N LEU B 247 -16.49 3.64 40.25
CA LEU B 247 -15.20 4.22 39.88
C LEU B 247 -15.00 5.58 40.52
N TYR B 248 -16.06 6.40 40.58
CA TYR B 248 -16.02 7.75 41.15
C TYR B 248 -15.85 7.72 42.68
N ASN B 249 -14.68 8.17 43.16
CA ASN B 249 -14.32 8.25 44.58
C ASN B 249 -13.70 9.62 44.85
N LYS B 250 -14.55 10.61 45.17
CA LYS B 250 -14.10 11.98 45.47
C LYS B 250 -13.52 11.98 46.88
N MET B 251 -12.30 12.50 46.99
CA MET B 251 -11.54 12.54 48.23
C MET B 251 -10.76 13.83 48.22
N THR B 252 -10.32 14.27 49.39
CA THR B 252 -9.48 15.46 49.57
C THR B 252 -8.06 14.91 49.45
N LEU B 253 -7.04 15.76 49.14
CA LEU B 253 -5.66 15.28 49.07
C LEU B 253 -5.27 14.55 50.37
N ALA B 254 -5.79 15.07 51.51
CA ALA B 254 -5.61 14.55 52.86
C ALA B 254 -6.00 13.07 52.96
N GLN B 255 -7.25 12.70 52.58
CA GLN B 255 -7.77 11.32 52.62
C GLN B 255 -6.92 10.33 51.82
N ILE B 256 -6.45 10.76 50.59
CA ILE B 256 -5.57 9.99 49.69
C ILE B 256 -4.22 9.72 50.41
N GLN B 257 -3.69 10.75 51.10
CA GLN B 257 -2.44 10.64 51.89
C GLN B 257 -2.58 9.61 53.03
N ASN B 258 -3.78 9.46 53.57
CA ASN B 258 -4.10 8.52 54.65
C ASN B 258 -4.37 7.10 54.11
N ASN B 259 -5.21 6.98 53.06
CA ASN B 259 -5.60 5.70 52.46
C ASN B 259 -4.53 5.09 51.53
N PHE B 260 -3.73 5.94 50.87
CA PHE B 260 -2.72 5.48 49.89
C PHE B 260 -1.36 6.15 50.08
N SER B 261 -0.55 5.62 50.99
CA SER B 261 0.80 6.13 51.23
C SER B 261 1.77 5.43 50.26
N LEU B 262 2.79 6.14 49.78
CA LEU B 262 3.77 5.50 48.91
C LEU B 262 5.16 5.86 49.39
N GLU B 263 6.01 4.86 49.60
CA GLU B 263 7.41 5.10 49.98
C GLU B 263 8.24 4.78 48.73
N ILE B 264 8.86 5.81 48.14
CA ILE B 264 9.66 5.68 46.93
C ILE B 264 11.06 6.21 47.17
N ASN B 265 12.09 5.35 46.93
CA ASN B 265 13.52 5.66 47.08
C ASN B 265 13.82 6.04 48.55
N GLY B 266 13.11 5.37 49.47
CA GLY B 266 13.16 5.59 50.91
C GLY B 266 12.58 6.92 51.36
N LYS B 267 11.58 7.43 50.60
CA LYS B 267 10.94 8.73 50.87
C LYS B 267 9.42 8.64 50.78
N PRO B 268 8.67 9.09 51.82
CA PRO B 268 7.21 9.06 51.73
C PRO B 268 6.71 10.12 50.75
N PHE B 269 5.95 9.64 49.77
CA PHE B 269 5.36 10.39 48.68
C PHE B 269 4.33 11.36 49.23
N SER B 270 4.51 12.66 48.92
CA SER B 270 3.59 13.72 49.29
C SER B 270 2.67 14.03 48.09
N TRP B 271 1.42 13.54 48.17
CA TRP B 271 0.39 13.76 47.15
C TRP B 271 0.14 15.23 46.89
N LEU B 272 0.23 16.07 47.94
CA LEU B 272 0.07 17.52 47.88
C LEU B 272 1.24 18.20 47.13
N ASN B 273 2.47 17.69 47.32
CA ASN B 273 3.67 18.19 46.65
C ASN B 273 3.57 17.86 45.14
N PHE B 274 3.19 16.62 44.84
CA PHE B 274 3.01 16.09 43.48
C PHE B 274 1.96 16.91 42.73
N THR B 275 0.76 17.12 43.34
CA THR B 275 -0.33 17.90 42.76
C THR B 275 0.12 19.33 42.44
N ASN B 276 0.90 19.95 43.35
CA ASN B 276 1.41 21.31 43.18
C ASN B 276 2.53 21.40 42.17
N GLU B 277 3.36 20.35 42.06
CA GLU B 277 4.47 20.27 41.09
C GLU B 277 3.89 20.32 39.65
N ILE B 278 2.69 19.74 39.46
CA ILE B 278 1.96 19.77 38.20
C ILE B 278 1.22 21.10 38.07
N MET B 279 0.32 21.42 39.04
CA MET B 279 -0.55 22.61 38.98
C MET B 279 0.16 23.95 38.94
N SER B 280 1.42 24.02 39.43
CA SER B 280 2.24 25.25 39.39
C SER B 280 2.56 25.67 37.96
N THR B 281 2.67 24.70 37.03
CA THR B 281 2.96 24.91 35.60
C THR B 281 2.04 25.99 35.01
N VAL B 282 0.76 26.05 35.47
CA VAL B 282 -0.16 27.10 35.01
C VAL B 282 -0.62 28.01 36.19
N ASN B 283 0.27 28.19 37.19
CA ASN B 283 0.15 29.05 38.37
C ASN B 283 -1.19 28.88 39.13
N ILE B 284 -1.36 27.69 39.71
CA ILE B 284 -2.51 27.28 40.52
C ILE B 284 -1.97 26.53 41.75
N SER B 285 -2.23 27.08 42.95
CA SER B 285 -1.80 26.44 44.20
C SER B 285 -2.91 25.52 44.70
N ILE B 286 -2.53 24.39 45.31
CA ILE B 286 -3.45 23.36 45.81
C ILE B 286 -3.22 23.10 47.32
N THR B 287 -4.29 22.81 48.08
CA THR B 287 -4.25 22.53 49.53
C THR B 287 -4.67 21.06 49.77
N ASN B 288 -4.52 20.54 51.00
CA ASN B 288 -4.92 19.16 51.31
C ASN B 288 -6.45 18.96 51.32
N GLU B 289 -7.23 20.07 51.17
CA GLU B 289 -8.70 20.09 51.17
C GLU B 289 -9.31 19.95 49.77
N GLU B 290 -8.55 20.32 48.70
CA GLU B 290 -8.97 20.24 47.29
C GLU B 290 -9.43 18.83 46.97
N ASP B 291 -10.62 18.74 46.36
CA ASP B 291 -11.19 17.46 45.98
C ASP B 291 -10.52 16.90 44.73
N VAL B 292 -10.31 15.58 44.75
CA VAL B 292 -9.63 14.78 43.76
C VAL B 292 -10.47 13.54 43.55
N VAL B 293 -10.81 13.27 42.29
CA VAL B 293 -11.56 12.07 41.95
C VAL B 293 -10.52 10.96 41.78
N VAL B 294 -10.64 9.86 42.54
CA VAL B 294 -9.70 8.76 42.54
C VAL B 294 -10.35 7.59 41.84
N TYR B 295 -9.97 7.38 40.58
CA TYR B 295 -10.52 6.29 39.78
C TYR B 295 -9.88 4.97 40.10
N ALA B 296 -8.61 4.97 40.52
CA ALA B 296 -7.93 3.69 40.78
C ALA B 296 -7.43 3.56 42.21
N PRO B 297 -8.31 3.20 43.18
CA PRO B 297 -7.86 3.09 44.57
C PRO B 297 -7.10 1.80 44.87
N GLU B 298 -7.60 0.61 44.45
CA GLU B 298 -6.90 -0.65 44.68
C GLU B 298 -5.55 -0.71 43.99
N TYR B 299 -5.37 0.06 42.89
CA TYR B 299 -4.08 0.11 42.20
C TYR B 299 -3.11 0.87 43.10
N LEU B 300 -3.54 2.04 43.59
CA LEU B 300 -2.76 2.90 44.49
C LEU B 300 -2.39 2.16 45.81
N THR B 301 -3.21 1.14 46.20
CA THR B 301 -3.02 0.26 47.35
C THR B 301 -1.92 -0.76 46.97
N LYS B 302 -2.15 -1.54 45.88
CA LYS B 302 -1.23 -2.54 45.29
C LYS B 302 0.17 -2.00 44.93
N LEU B 303 0.27 -0.66 44.67
CA LEU B 303 1.47 0.07 44.26
C LEU B 303 2.52 0.29 45.35
N LYS B 304 2.09 0.65 46.59
CA LYS B 304 2.96 0.91 47.76
C LYS B 304 4.09 -0.13 47.95
N PRO B 305 3.80 -1.45 48.15
CA PRO B 305 4.89 -2.41 48.31
C PRO B 305 5.79 -2.65 47.09
N ILE B 306 5.31 -2.27 45.88
CA ILE B 306 6.08 -2.43 44.65
C ILE B 306 7.21 -1.39 44.57
N LEU B 307 6.85 -0.12 44.77
CA LEU B 307 7.73 1.03 44.63
C LEU B 307 8.81 1.16 45.70
N THR B 308 8.69 0.44 46.84
CA THR B 308 9.72 0.42 47.90
C THR B 308 10.94 -0.45 47.47
N LYS B 309 10.70 -1.44 46.57
CA LYS B 309 11.68 -2.41 46.05
C LYS B 309 12.62 -1.87 44.94
N TYR B 310 12.35 -0.68 44.41
CA TYR B 310 13.14 -0.14 43.30
C TYR B 310 13.77 1.17 43.64
N SER B 311 14.95 1.41 43.05
CA SER B 311 15.74 2.61 43.22
C SER B 311 15.27 3.73 42.28
N ALA B 312 15.79 4.96 42.50
CA ALA B 312 15.54 6.15 41.70
C ALA B 312 15.94 5.85 40.26
N ARG B 313 17.03 5.11 40.12
CA ARG B 313 17.62 4.70 38.86
C ARG B 313 16.67 3.79 38.06
N ASP B 314 16.16 2.72 38.71
CA ASP B 314 15.25 1.76 38.09
C ASP B 314 13.95 2.43 37.65
N LEU B 315 13.42 3.34 38.50
CA LEU B 315 12.19 4.06 38.21
C LEU B 315 12.34 5.03 37.07
N GLN B 316 13.43 5.82 37.05
CA GLN B 316 13.71 6.80 35.98
C GLN B 316 14.00 6.10 34.66
N ASN B 317 14.55 4.87 34.72
CA ASN B 317 14.80 4.08 33.54
C ASN B 317 13.47 3.72 32.85
N LEU B 318 12.40 3.44 33.65
CA LEU B 318 11.08 3.14 33.10
C LEU B 318 10.41 4.41 32.60
N MET B 319 10.30 5.40 33.47
CA MET B 319 9.63 6.69 33.22
C MET B 319 10.15 7.39 31.98
N SER B 320 11.48 7.46 31.83
CA SER B 320 12.08 8.07 30.66
C SER B 320 11.86 7.23 29.41
N TRP B 321 11.96 5.89 29.54
CA TRP B 321 11.74 5.00 28.39
C TRP B 321 10.32 5.21 27.81
N ARG B 322 9.30 5.29 28.70
CA ARG B 322 7.89 5.46 28.35
C ARG B 322 7.68 6.73 27.53
N PHE B 323 8.56 7.73 27.70
CA PHE B 323 8.48 8.95 26.88
C PHE B 323 9.25 8.75 25.56
N ILE B 324 10.52 8.28 25.65
CA ILE B 324 11.46 8.05 24.55
C ILE B 324 10.83 7.15 23.46
N MET B 325 10.11 6.08 23.91
CA MET B 325 9.33 5.14 23.10
C MET B 325 8.52 5.87 22.00
N ASP B 326 7.87 6.96 22.39
CA ASP B 326 6.97 7.78 21.57
C ASP B 326 7.70 8.76 20.66
N LEU B 327 8.95 9.12 20.98
CA LEU B 327 9.69 10.16 20.28
C LEU B 327 10.61 9.66 19.20
N VAL B 328 10.97 8.39 19.31
CA VAL B 328 11.88 7.71 18.41
C VAL B 328 11.43 7.82 16.93
N SER B 329 10.12 7.80 16.67
CA SER B 329 9.56 7.91 15.31
C SER B 329 9.74 9.32 14.71
N SER B 330 10.02 10.34 15.54
CA SER B 330 10.20 11.75 15.14
C SER B 330 11.69 12.12 14.96
N LEU B 331 12.58 11.13 15.09
CA LEU B 331 14.02 11.31 14.95
C LEU B 331 14.50 10.72 13.62
N SER B 332 15.84 10.62 13.40
CA SER B 332 16.42 10.12 12.15
C SER B 332 16.04 8.67 11.87
N ARG B 333 16.26 8.23 10.61
CA ARG B 333 15.98 6.88 10.14
C ARG B 333 16.50 5.79 11.07
N THR B 334 17.67 5.96 11.65
CA THR B 334 18.29 4.97 12.54
C THR B 334 17.42 4.71 13.79
N TYR B 335 16.87 5.79 14.38
CA TYR B 335 15.98 5.73 15.51
C TYR B 335 14.64 5.16 15.09
N LYS B 336 14.12 5.57 13.91
CA LYS B 336 12.86 5.04 13.36
C LYS B 336 12.92 3.52 13.23
N GLU B 337 14.01 2.97 12.64
CA GLU B 337 14.26 1.54 12.43
C GLU B 337 14.21 0.71 13.72
N SER B 338 14.66 1.28 14.85
CA SER B 338 14.75 0.57 16.14
C SER B 338 13.38 0.05 16.63
N ARG B 339 12.29 0.67 16.17
CA ARG B 339 10.91 0.33 16.53
C ARG B 339 10.30 -0.75 15.64
N ASN B 340 10.99 -1.17 14.57
CA ASN B 340 10.41 -2.09 13.57
C ASN B 340 9.79 -3.35 14.14
N ALA B 341 10.56 -4.18 14.93
CA ALA B 341 10.01 -5.46 15.45
C ALA B 341 8.87 -5.25 16.46
N PHE B 342 8.97 -4.16 17.23
CA PHE B 342 7.97 -3.79 18.22
C PHE B 342 6.63 -3.47 17.52
N ARG B 343 6.60 -2.60 16.49
CA ARG B 343 5.28 -2.35 15.91
C ARG B 343 4.82 -3.54 15.09
N LYS B 344 5.73 -4.36 14.55
CA LYS B 344 5.24 -5.57 13.87
C LYS B 344 4.56 -6.52 14.92
N ALA B 345 5.10 -6.63 16.13
CA ALA B 345 4.52 -7.53 17.14
C ALA B 345 3.15 -7.01 17.66
N LEU B 346 2.97 -5.69 17.75
CA LEU B 346 1.72 -5.10 18.23
C LEU B 346 0.66 -4.86 17.14
N TYR B 347 1.10 -4.59 15.90
CA TYR B 347 0.22 -4.17 14.80
C TYR B 347 0.26 -5.04 13.57
N GLY B 348 1.34 -5.81 13.43
CA GLY B 348 1.60 -6.67 12.28
C GLY B 348 2.11 -5.97 11.05
N THR B 349 2.24 -4.66 11.13
CA THR B 349 2.68 -3.81 10.02
C THR B 349 4.17 -3.97 9.82
N THR B 350 4.62 -4.02 8.57
CA THR B 350 6.06 -4.24 8.25
C THR B 350 6.69 -2.91 7.84
N SER B 351 5.88 -1.86 7.79
CA SER B 351 6.37 -0.56 7.34
C SER B 351 5.52 0.49 7.98
N GLU B 352 6.09 1.68 8.15
CA GLU B 352 5.37 2.83 8.66
C GLU B 352 4.58 3.37 7.49
N THR B 353 3.48 4.04 7.80
CA THR B 353 2.61 4.72 6.86
C THR B 353 3.43 5.83 6.16
N ALA B 354 3.08 6.22 4.90
CA ALA B 354 3.73 7.31 4.16
C ALA B 354 3.92 8.54 5.07
N THR B 355 5.09 9.17 5.00
CA THR B 355 5.39 10.35 5.80
C THR B 355 4.30 11.43 5.66
N TRP B 356 3.87 11.77 4.43
CA TRP B 356 2.84 12.80 4.23
C TRP B 356 1.54 12.47 4.97
N ARG B 357 1.18 11.16 5.05
CA ARG B 357 -0.02 10.70 5.76
C ARG B 357 0.09 10.89 7.26
N ARG B 358 1.22 10.46 7.83
CA ARG B 358 1.48 10.65 9.25
C ARG B 358 1.46 12.15 9.56
N CYS B 359 2.06 12.95 8.68
CA CYS B 359 2.14 14.39 8.86
C CYS B 359 0.82 15.11 8.75
N ALA B 360 0.01 14.78 7.72
CA ALA B 360 -1.33 15.34 7.60
C ALA B 360 -2.14 15.01 8.88
N ASN B 361 -2.06 13.76 9.38
CA ASN B 361 -2.74 13.34 10.61
C ASN B 361 -2.20 14.05 11.84
N TYR B 362 -0.88 14.22 11.91
CA TYR B 362 -0.30 14.91 13.05
C TYR B 362 -0.78 16.38 13.08
N VAL B 363 -0.75 17.08 11.92
CA VAL B 363 -1.14 18.50 11.91
C VAL B 363 -2.66 18.64 12.20
N ASN B 364 -3.47 17.68 11.72
CA ASN B 364 -4.90 17.64 11.99
C ASN B 364 -5.20 17.45 13.50
N GLY B 365 -4.41 16.59 14.16
CA GLY B 365 -4.59 16.31 15.57
C GLY B 365 -4.23 17.45 16.50
N ASN B 366 -3.30 18.30 16.08
CA ASN B 366 -2.80 19.39 16.89
C ASN B 366 -3.40 20.75 16.56
N MET B 367 -4.01 20.88 15.36
CA MET B 367 -4.64 22.14 14.89
C MET B 367 -5.95 21.76 14.24
N GLU B 368 -6.81 21.08 15.01
CA GLU B 368 -8.06 20.53 14.50
C GLU B 368 -8.98 21.58 13.89
N ASN B 369 -8.95 22.84 14.41
CA ASN B 369 -9.80 23.93 13.89
C ASN B 369 -9.28 24.51 12.59
N ALA B 370 -7.96 24.73 12.46
CA ALA B 370 -7.35 25.26 11.24
C ALA B 370 -7.49 24.22 10.10
N VAL B 371 -7.18 22.96 10.39
CA VAL B 371 -7.24 21.87 9.39
C VAL B 371 -8.72 21.55 9.11
N GLY B 372 -9.57 21.68 10.10
CA GLY B 372 -11.01 21.47 9.91
C GLY B 372 -11.58 22.46 8.91
N ARG B 373 -11.14 23.74 8.99
CA ARG B 373 -11.51 24.83 8.08
C ARG B 373 -11.09 24.47 6.65
N LEU B 374 -9.83 24.09 6.45
CA LEU B 374 -9.30 23.72 5.14
C LEU B 374 -10.03 22.53 4.57
N TYR B 375 -10.31 21.52 5.44
CA TYR B 375 -11.03 20.32 5.01
C TYR B 375 -12.44 20.65 4.49
N VAL B 376 -13.28 21.32 5.31
CA VAL B 376 -14.69 21.57 4.93
C VAL B 376 -14.84 22.46 3.68
N GLU B 377 -13.88 23.39 3.43
CA GLU B 377 -13.88 24.23 2.22
C GLU B 377 -13.60 23.39 0.97
N ALA B 378 -12.79 22.34 1.11
CA ALA B 378 -12.46 21.46 0.01
C ALA B 378 -13.45 20.32 -0.20
N ALA B 379 -14.05 19.77 0.85
CA ALA B 379 -14.77 18.51 0.71
C ALA B 379 -16.15 18.43 1.28
N PHE B 380 -16.61 19.45 2.05
CA PHE B 380 -17.90 19.39 2.70
C PHE B 380 -18.95 20.37 2.18
N ALA B 381 -20.15 19.86 1.88
CA ALA B 381 -21.27 20.69 1.43
C ALA B 381 -22.09 21.10 2.65
N GLY B 382 -22.16 22.41 2.88
CA GLY B 382 -22.91 23.02 3.98
C GLY B 382 -24.38 22.62 4.02
N GLU B 383 -24.99 22.29 2.85
CA GLU B 383 -26.38 21.86 2.82
C GLU B 383 -26.56 20.54 3.56
N SER B 384 -25.57 19.62 3.47
CA SER B 384 -25.61 18.32 4.18
C SER B 384 -26.00 18.48 5.65
N LYS B 385 -25.52 19.55 6.32
CA LYS B 385 -25.83 19.82 7.71
C LYS B 385 -27.36 19.74 7.97
N HIS B 386 -28.19 20.44 7.14
CA HIS B 386 -29.66 20.49 7.26
C HIS B 386 -30.35 19.16 7.04
N VAL B 387 -29.83 18.36 6.16
CA VAL B 387 -30.44 17.05 5.88
C VAL B 387 -30.14 16.07 7.05
N VAL B 388 -28.96 16.24 7.69
CA VAL B 388 -28.48 15.41 8.79
C VAL B 388 -29.24 15.79 10.08
N GLU B 389 -29.48 17.10 10.30
CA GLU B 389 -30.27 17.63 11.43
C GLU B 389 -31.65 16.97 11.44
N ASP B 390 -32.27 16.86 10.24
CA ASP B 390 -33.58 16.23 10.07
C ASP B 390 -33.55 14.76 10.45
N LEU B 391 -32.55 14.02 9.94
CA LEU B 391 -32.31 12.61 10.23
C LEU B 391 -32.14 12.41 11.72
N ILE B 392 -31.36 13.28 12.37
CA ILE B 392 -31.17 13.23 13.84
C ILE B 392 -32.53 13.36 14.55
N ALA B 393 -33.37 14.34 14.13
CA ALA B 393 -34.71 14.56 14.69
C ALA B 393 -35.55 13.32 14.54
N GLN B 394 -35.55 12.70 13.33
CA GLN B 394 -36.30 11.47 13.11
C GLN B 394 -35.85 10.35 14.02
N ILE B 395 -34.51 10.19 14.23
CA ILE B 395 -33.99 9.10 15.06
C ILE B 395 -34.24 9.36 16.55
N ARG B 396 -34.04 10.59 17.02
CA ARG B 396 -34.32 10.99 18.40
C ARG B 396 -35.81 10.72 18.70
N GLU B 397 -36.72 11.05 17.75
CA GLU B 397 -38.15 10.81 17.92
C GLU B 397 -38.45 9.35 18.07
N VAL B 398 -37.86 8.49 17.21
CA VAL B 398 -38.05 7.04 17.28
C VAL B 398 -37.61 6.52 18.64
N PHE B 399 -36.46 6.99 19.15
CA PHE B 399 -35.95 6.56 20.44
C PHE B 399 -36.95 6.85 21.56
N ILE B 400 -37.50 8.07 21.57
CA ILE B 400 -38.50 8.56 22.54
C ILE B 400 -39.77 7.72 22.46
N GLN B 401 -40.23 7.46 21.25
CA GLN B 401 -41.42 6.67 21.01
C GLN B 401 -41.24 5.18 21.36
N THR B 402 -39.99 4.69 21.40
CA THR B 402 -39.65 3.30 21.74
C THR B 402 -39.68 3.11 23.29
N LEU B 403 -39.48 4.19 24.06
CA LEU B 403 -39.54 4.13 25.52
C LEU B 403 -40.89 3.56 26.03
N ASP B 404 -42.04 4.10 25.52
CA ASP B 404 -43.38 3.63 25.87
C ASP B 404 -43.59 2.14 25.56
N ASP B 405 -42.76 1.57 24.69
CA ASP B 405 -42.81 0.15 24.29
C ASP B 405 -41.91 -0.75 25.18
N LEU B 406 -41.18 -0.15 26.15
CA LEU B 406 -40.30 -0.92 27.01
C LEU B 406 -41.03 -1.54 28.20
N THR B 407 -41.29 -2.85 28.07
CA THR B 407 -41.97 -3.67 29.08
C THR B 407 -41.27 -3.60 30.43
N TRP B 408 -39.91 -3.77 30.42
CA TRP B 408 -39.02 -3.82 31.59
C TRP B 408 -38.78 -2.47 32.28
N MET B 409 -39.43 -1.39 31.81
CA MET B 409 -39.24 -0.06 32.39
C MET B 409 -40.51 0.51 33.08
N ASP B 410 -40.36 1.59 33.90
CA ASP B 410 -41.48 2.21 34.61
C ASP B 410 -41.62 3.72 34.35
N ALA B 411 -42.86 4.21 34.44
CA ALA B 411 -43.31 5.59 34.23
C ALA B 411 -42.31 6.68 34.60
N GLU B 412 -41.83 6.75 35.87
CA GLU B 412 -40.86 7.75 36.31
C GLU B 412 -39.52 7.63 35.57
N THR B 413 -39.02 6.38 35.35
CA THR B 413 -37.76 6.15 34.64
C THR B 413 -37.92 6.50 33.16
N LYS B 414 -39.04 6.04 32.56
CA LYS B 414 -39.41 6.32 31.17
C LYS B 414 -39.54 7.80 30.93
N LYS B 415 -40.11 8.55 31.91
CA LYS B 415 -40.27 10.00 31.82
C LYS B 415 -38.89 10.68 31.90
N ARG B 416 -38.03 10.20 32.80
CA ARG B 416 -36.67 10.71 33.02
C ARG B 416 -35.76 10.42 31.83
N ALA B 417 -35.92 9.24 31.21
CA ALA B 417 -35.19 8.81 30.03
C ALA B 417 -35.57 9.77 28.88
N GLU B 418 -36.89 9.98 28.69
CA GLU B 418 -37.43 10.88 27.67
C GLU B 418 -36.89 12.28 27.84
N GLU B 419 -36.79 12.76 29.09
CA GLU B 419 -36.24 14.07 29.42
C GLU B 419 -34.74 14.19 29.09
N LYS B 420 -33.99 13.07 29.19
CA LYS B 420 -32.57 13.08 28.79
C LYS B 420 -32.48 13.05 27.27
N ALA B 421 -33.25 12.14 26.62
CA ALA B 421 -33.32 12.04 25.14
C ALA B 421 -33.70 13.37 24.47
N LEU B 422 -34.62 14.14 25.10
CA LEU B 422 -35.05 15.44 24.56
C LEU B 422 -33.99 16.50 24.70
N ALA B 423 -33.19 16.41 25.77
CA ALA B 423 -32.13 17.37 26.10
C ALA B 423 -30.80 17.18 25.34
N ILE B 424 -30.66 16.09 24.54
CA ILE B 424 -29.42 15.83 23.78
C ILE B 424 -29.16 16.93 22.77
N LYS B 425 -27.99 17.58 22.90
CA LYS B 425 -27.56 18.60 21.96
C LYS B 425 -26.78 17.93 20.81
N GLU B 426 -27.06 18.31 19.56
CA GLU B 426 -26.41 17.77 18.38
C GLU B 426 -25.38 18.77 17.85
N ARG B 427 -24.27 18.26 17.27
CA ARG B 427 -23.19 19.05 16.66
C ARG B 427 -22.94 18.41 15.32
N ILE B 428 -23.16 19.17 14.24
CA ILE B 428 -23.08 18.64 12.90
C ILE B 428 -22.09 19.35 12.02
N GLY B 429 -21.26 18.54 11.37
CA GLY B 429 -20.26 18.96 10.40
C GLY B 429 -19.07 19.68 10.95
N TYR B 430 -19.23 20.99 11.20
CA TYR B 430 -18.15 21.86 11.65
C TYR B 430 -18.66 23.07 12.43
N PRO B 431 -17.91 23.63 13.42
CA PRO B 431 -18.37 24.88 14.06
C PRO B 431 -18.26 26.01 13.02
N ASP B 432 -19.36 26.76 12.79
CA ASP B 432 -19.35 27.81 11.76
C ASP B 432 -18.17 28.83 11.88
N ASP B 433 -17.76 29.14 13.12
CA ASP B 433 -16.68 30.07 13.49
C ASP B 433 -15.33 29.81 12.84
N ILE B 434 -14.97 28.53 12.61
CA ILE B 434 -13.68 28.18 12.01
C ILE B 434 -13.58 28.70 10.57
N VAL B 435 -14.72 28.88 9.92
CA VAL B 435 -14.78 29.41 8.56
C VAL B 435 -15.05 30.93 8.57
N SER B 436 -16.01 31.38 9.39
CA SER B 436 -16.50 32.76 9.43
C SER B 436 -15.73 33.74 10.34
N ASN B 437 -14.86 33.25 11.26
CA ASN B 437 -14.15 34.12 12.18
C ASN B 437 -12.66 33.84 12.19
N ASP B 438 -11.97 34.38 11.15
CA ASP B 438 -10.53 34.25 10.91
C ASP B 438 -9.73 34.71 12.11
N ASN B 439 -10.18 35.81 12.78
CA ASN B 439 -9.51 36.40 13.94
C ASN B 439 -9.44 35.50 15.13
N LYS B 440 -10.59 34.88 15.48
CA LYS B 440 -10.76 33.94 16.61
C LYS B 440 -9.87 32.72 16.40
N LEU B 441 -9.78 32.24 15.13
CA LEU B 441 -8.95 31.12 14.72
C LEU B 441 -7.46 31.46 14.82
N ASN B 442 -7.05 32.68 14.38
CA ASN B 442 -5.66 33.14 14.50
C ASN B 442 -5.27 33.23 15.98
N ASN B 443 -6.19 33.78 16.81
CA ASN B 443 -5.98 33.95 18.26
C ASN B 443 -5.81 32.61 18.97
N GLU B 444 -6.51 31.57 18.50
CA GLU B 444 -6.41 30.24 19.09
C GLU B 444 -4.97 29.74 19.07
N TYR B 445 -4.24 29.99 17.99
CA TYR B 445 -2.87 29.52 17.85
C TYR B 445 -1.79 30.58 18.08
N LEU B 446 -2.15 31.71 18.74
CA LEU B 446 -1.26 32.83 19.03
C LEU B 446 0.11 32.40 19.57
N GLU B 447 0.10 31.60 20.64
CA GLU B 447 1.27 31.09 21.37
C GLU B 447 2.14 30.08 20.60
N LEU B 448 1.70 29.61 19.42
CA LEU B 448 2.44 28.63 18.61
C LEU B 448 3.32 29.30 17.58
N ASN B 449 4.62 28.98 17.61
CA ASN B 449 5.57 29.52 16.65
C ASN B 449 6.47 28.38 16.19
N TYR B 450 6.21 27.92 14.98
CA TYR B 450 6.94 26.81 14.42
C TYR B 450 8.10 27.21 13.55
N LYS B 451 9.15 26.41 13.59
CA LYS B 451 10.35 26.58 12.78
C LYS B 451 10.22 25.49 11.72
N GLU B 452 10.32 25.84 10.42
CA GLU B 452 10.17 24.86 9.35
C GLU B 452 11.25 23.80 9.30
N ASP B 453 12.40 24.08 9.88
CA ASP B 453 13.49 23.11 9.88
C ASP B 453 13.60 22.35 11.20
N GLU B 454 12.69 22.61 12.17
CA GLU B 454 12.74 22.01 13.50
C GLU B 454 11.46 21.23 13.88
N TYR B 455 11.30 20.08 13.28
CA TYR B 455 10.13 19.26 13.54
C TYR B 455 10.02 18.81 14.99
N PHE B 456 11.12 18.30 15.56
CA PHE B 456 11.13 17.84 16.93
C PHE B 456 10.79 18.95 17.93
N GLU B 457 11.35 20.15 17.72
CA GLU B 457 11.04 21.27 18.61
C GLU B 457 9.55 21.64 18.50
N ASN B 458 9.00 21.54 17.27
CA ASN B 458 7.59 21.82 17.02
C ASN B 458 6.73 20.85 17.76
N ILE B 459 7.11 19.54 17.77
CA ILE B 459 6.27 18.55 18.46
C ILE B 459 6.35 18.73 19.98
N ILE B 460 7.53 19.14 20.47
CA ILE B 460 7.75 19.43 21.91
C ILE B 460 6.90 20.63 22.33
N GLN B 461 6.91 21.68 21.54
CA GLN B 461 6.08 22.86 21.75
C GLN B 461 4.59 22.48 21.79
N ASN B 462 4.18 21.57 20.89
CA ASN B 462 2.79 21.10 20.89
C ASN B 462 2.44 20.36 22.15
N LEU B 463 3.37 19.56 22.70
CA LEU B 463 3.10 18.80 23.92
C LEU B 463 2.86 19.74 25.11
N LYS B 464 3.70 20.77 25.26
CA LYS B 464 3.63 21.74 26.35
C LYS B 464 2.34 22.55 26.22
N PHE B 465 2.04 23.02 25.00
CA PHE B 465 0.83 23.78 24.73
C PHE B 465 -0.44 22.98 25.07
N SER B 466 -0.51 21.71 24.62
CA SER B 466 -1.66 20.84 24.90
C SER B 466 -1.85 20.57 26.38
N GLN B 467 -0.74 20.32 27.09
CA GLN B 467 -0.84 20.05 28.52
C GLN B 467 -1.15 21.31 29.34
N SER B 468 -0.50 22.45 29.01
CA SER B 468 -0.72 23.74 29.68
C SER B 468 -1.92 24.51 29.08
N LYS B 469 -2.99 23.76 28.70
CA LYS B 469 -4.26 24.19 28.13
C LYS B 469 -5.31 23.32 28.82
N GLN B 470 -4.98 22.02 29.06
CA GLN B 470 -5.86 21.14 29.82
C GLN B 470 -5.80 21.46 31.33
N LEU B 471 -4.59 21.75 31.84
CA LEU B 471 -4.39 22.05 33.27
C LEU B 471 -5.05 23.38 33.70
N LYS B 472 -4.90 24.46 32.89
CA LYS B 472 -5.51 25.76 33.19
C LYS B 472 -7.07 25.71 33.21
N LYS B 473 -7.66 24.58 32.81
CA LYS B 473 -9.11 24.40 32.79
C LYS B 473 -9.70 24.13 34.19
N LEU B 474 -8.86 23.70 35.15
CA LEU B 474 -9.29 23.32 36.51
C LEU B 474 -10.18 24.38 37.19
N ARG B 475 -9.69 25.64 37.25
CA ARG B 475 -10.34 26.83 37.83
C ARG B 475 -11.31 27.47 36.82
N GLU B 476 -11.78 26.71 35.80
CA GLU B 476 -12.67 27.25 34.78
C GLU B 476 -13.94 26.45 34.64
N LYS B 477 -14.99 27.10 34.14
CA LYS B 477 -16.25 26.45 33.86
C LYS B 477 -16.09 25.79 32.50
N VAL B 478 -16.68 24.60 32.32
CA VAL B 478 -16.69 23.84 31.08
C VAL B 478 -17.31 24.73 29.97
N ASP B 479 -16.59 24.91 28.83
CA ASP B 479 -17.09 25.73 27.73
C ASP B 479 -18.19 24.97 27.00
N LYS B 480 -19.40 25.55 26.97
CA LYS B 480 -20.58 24.98 26.34
C LYS B 480 -20.47 24.86 24.82
N ASP B 481 -19.86 25.86 24.18
CA ASP B 481 -19.66 25.95 22.74
C ASP B 481 -18.63 24.97 22.17
N GLU B 482 -17.62 24.60 22.98
CA GLU B 482 -16.51 23.72 22.62
C GLU B 482 -16.91 22.39 21.95
N TRP B 483 -16.33 22.13 20.76
CA TRP B 483 -16.56 20.88 20.03
C TRP B 483 -15.62 19.80 20.59
N ILE B 484 -16.14 18.62 20.84
CA ILE B 484 -15.31 17.54 21.39
C ILE B 484 -14.46 16.83 20.28
N SER B 485 -14.58 17.28 19.02
CA SER B 485 -13.85 16.71 17.89
C SER B 485 -13.70 17.74 16.78
N GLY B 486 -12.62 17.61 16.02
CA GLY B 486 -12.40 18.40 14.81
C GLY B 486 -13.34 17.87 13.75
N ALA B 487 -13.54 18.65 12.68
CA ALA B 487 -14.41 18.30 11.56
C ALA B 487 -13.78 17.27 10.59
N ALA B 488 -12.44 17.29 10.41
CA ALA B 488 -11.75 16.37 9.47
C ALA B 488 -11.49 15.04 10.17
N VAL B 489 -12.57 14.36 10.52
CA VAL B 489 -12.55 13.13 11.36
C VAL B 489 -13.60 12.19 10.85
N VAL B 490 -13.22 10.92 10.59
CA VAL B 490 -14.16 9.90 10.15
C VAL B 490 -14.53 9.09 11.39
N ASN B 491 -15.46 9.63 12.14
CA ASN B 491 -16.01 9.07 13.38
C ASN B 491 -17.19 9.95 13.81
N ALA B 492 -17.85 9.57 14.90
CA ALA B 492 -18.96 10.33 15.49
C ALA B 492 -18.84 10.07 16.97
N PHE B 493 -19.43 10.93 17.81
CA PHE B 493 -19.22 10.81 19.25
C PHE B 493 -20.44 11.12 20.07
N TYR B 494 -20.40 10.63 21.30
CA TYR B 494 -21.35 10.94 22.35
C TYR B 494 -20.52 11.40 23.55
N SER B 495 -20.87 12.55 24.15
CA SER B 495 -20.22 13.05 25.36
C SER B 495 -21.22 12.94 26.52
N SER B 496 -20.93 12.10 27.53
CA SER B 496 -21.84 11.90 28.66
C SER B 496 -21.93 13.14 29.54
N GLY B 497 -20.83 13.88 29.64
CA GLY B 497 -20.71 15.10 30.41
C GLY B 497 -21.43 16.29 29.83
N ARG B 498 -21.65 16.30 28.51
CA ARG B 498 -22.36 17.39 27.85
C ARG B 498 -23.73 16.93 27.34
N ASN B 499 -24.01 15.60 27.39
CA ASN B 499 -25.21 14.95 26.84
C ASN B 499 -25.37 15.49 25.42
N GLN B 500 -24.34 15.19 24.59
CA GLN B 500 -24.18 15.72 23.26
C GLN B 500 -23.73 14.65 22.28
N ILE B 501 -24.30 14.70 21.07
CA ILE B 501 -23.96 13.84 19.93
C ILE B 501 -23.26 14.71 18.88
N VAL B 502 -22.11 14.22 18.35
CA VAL B 502 -21.27 14.97 17.42
C VAL B 502 -21.04 14.16 16.14
N PHE B 503 -21.35 14.76 14.97
CA PHE B 503 -21.23 14.16 13.63
C PHE B 503 -20.33 15.01 12.76
N PRO B 504 -18.97 14.85 12.91
CA PRO B 504 -18.04 15.64 12.08
C PRO B 504 -18.26 15.49 10.58
N ALA B 505 -17.89 16.53 9.79
CA ALA B 505 -17.98 16.47 8.31
C ALA B 505 -17.37 15.17 7.73
N GLY B 506 -16.26 14.71 8.30
CA GLY B 506 -15.58 13.49 7.87
C GLY B 506 -16.42 12.24 7.77
N ILE B 507 -17.44 12.09 8.62
CA ILE B 507 -18.28 10.86 8.53
C ILE B 507 -19.53 11.09 7.64
N LEU B 508 -19.80 12.34 7.27
CA LEU B 508 -20.99 12.69 6.49
C LEU B 508 -20.69 12.60 5.01
N GLN B 509 -20.42 11.38 4.58
CA GLN B 509 -20.05 11.07 3.20
C GLN B 509 -20.34 9.60 2.91
N PRO B 510 -20.40 9.17 1.63
CA PRO B 510 -20.67 7.77 1.34
C PRO B 510 -19.63 6.85 2.00
N PRO B 511 -20.00 5.63 2.46
CA PRO B 511 -21.31 4.96 2.33
C PRO B 511 -22.33 5.42 3.39
N PHE B 512 -21.88 6.25 4.38
CA PHE B 512 -22.76 6.67 5.49
C PHE B 512 -23.87 7.61 5.02
N PHE B 513 -23.50 8.67 4.31
CA PHE B 513 -24.43 9.71 3.92
C PHE B 513 -24.07 10.37 2.62
N SER B 514 -25.09 10.61 1.80
CA SER B 514 -25.02 11.42 0.59
C SER B 514 -26.43 11.86 0.27
N ALA B 515 -26.61 13.14 -0.06
CA ALA B 515 -27.94 13.64 -0.49
C ALA B 515 -28.26 13.03 -1.85
N GLN B 516 -27.22 12.49 -2.54
CA GLN B 516 -27.28 11.84 -3.85
C GLN B 516 -27.44 10.31 -3.80
N GLN B 517 -27.46 9.68 -2.61
CA GLN B 517 -27.68 8.24 -2.55
C GLN B 517 -29.09 7.93 -1.99
N SER B 518 -29.58 6.70 -2.20
CA SER B 518 -30.90 6.27 -1.71
C SER B 518 -31.02 6.49 -0.18
N ASN B 519 -32.24 6.76 0.30
CA ASN B 519 -32.42 6.96 1.73
C ASN B 519 -32.26 5.67 2.53
N SER B 520 -32.49 4.52 1.91
CA SER B 520 -32.30 3.25 2.61
C SER B 520 -30.83 3.16 3.00
N LEU B 521 -29.92 3.62 2.08
CA LEU B 521 -28.47 3.65 2.32
C LEU B 521 -28.15 4.68 3.40
N ASN B 522 -28.74 5.89 3.33
CA ASN B 522 -28.53 6.92 4.36
C ASN B 522 -28.96 6.50 5.77
N TYR B 523 -30.12 5.84 5.88
CA TYR B 523 -30.63 5.40 7.19
C TYR B 523 -29.84 4.20 7.68
N GLY B 524 -29.44 3.30 6.78
CA GLY B 524 -28.64 2.13 7.15
C GLY B 524 -27.20 2.48 7.50
N GLY B 525 -26.75 3.63 7.01
CA GLY B 525 -25.41 4.17 7.22
C GLY B 525 -25.41 5.18 8.34
N ILE B 526 -25.52 6.47 7.99
CA ILE B 526 -25.49 7.52 9.03
C ILE B 526 -26.68 7.42 10.02
N GLY B 527 -27.84 6.92 9.59
CA GLY B 527 -28.98 6.80 10.49
C GLY B 527 -28.63 5.89 11.66
N MET B 528 -28.05 4.71 11.33
CA MET B 528 -27.49 3.74 12.25
C MET B 528 -26.45 4.37 13.20
N VAL B 529 -25.53 5.19 12.65
CA VAL B 529 -24.49 5.88 13.41
C VAL B 529 -25.11 6.85 14.41
N ILE B 530 -26.15 7.59 13.95
CA ILE B 530 -26.89 8.55 14.79
C ILE B 530 -27.55 7.77 15.93
N GLY B 531 -28.19 6.67 15.60
CA GLY B 531 -28.85 5.82 16.60
C GLY B 531 -27.85 5.29 17.63
N HIS B 532 -26.66 4.83 17.16
CA HIS B 532 -25.57 4.36 18.02
C HIS B 532 -25.17 5.45 19.01
N GLU B 533 -24.94 6.69 18.54
CA GLU B 533 -24.51 7.78 19.43
C GLU B 533 -25.58 8.20 20.45
N ILE B 534 -26.88 8.18 20.06
CA ILE B 534 -27.97 8.54 20.97
C ILE B 534 -28.00 7.46 22.05
N THR B 535 -27.99 6.17 21.62
CA THR B 535 -28.03 5.03 22.50
C THR B 535 -26.86 5.04 23.54
N HIS B 536 -25.72 5.70 23.24
CA HIS B 536 -24.61 5.81 24.20
C HIS B 536 -25.05 6.58 25.46
N GLY B 537 -26.05 7.46 25.34
CA GLY B 537 -26.56 8.19 26.50
C GLY B 537 -27.35 7.29 27.44
N PHE B 538 -27.67 6.09 26.97
CA PHE B 538 -28.51 5.12 27.66
C PHE B 538 -27.89 3.71 27.79
N ASP B 539 -26.56 3.58 27.56
CA ASP B 539 -25.89 2.28 27.65
C ASP B 539 -25.44 2.01 29.10
N ASP B 540 -24.73 0.90 29.37
CA ASP B 540 -24.26 0.57 30.73
C ASP B 540 -23.45 1.70 31.43
N ASN B 541 -22.90 2.67 30.66
CA ASN B 541 -22.17 3.80 31.22
C ASN B 541 -23.05 5.07 31.19
N GLY B 542 -23.46 5.47 29.98
CA GLY B 542 -24.26 6.67 29.75
C GLY B 542 -25.51 6.82 30.59
N ARG B 543 -26.22 5.70 30.88
CA ARG B 543 -27.47 5.70 31.64
C ARG B 543 -27.31 6.20 33.10
N ASN B 544 -26.05 6.26 33.60
CA ASN B 544 -25.73 6.71 34.94
C ASN B 544 -25.62 8.21 34.98
N PHE B 545 -25.75 8.86 33.81
CA PHE B 545 -25.63 10.31 33.66
C PHE B 545 -26.98 10.94 33.33
N ASN B 546 -27.27 12.12 33.90
CA ASN B 546 -28.53 12.80 33.68
C ASN B 546 -28.47 13.75 32.47
N LYS B 547 -29.59 14.41 32.14
CA LYS B 547 -29.80 15.33 31.02
C LYS B 547 -28.80 16.50 30.95
N ASP B 548 -28.18 16.84 32.09
CA ASP B 548 -27.20 17.92 32.18
C ASP B 548 -25.78 17.38 32.21
N GLY B 549 -25.65 16.05 32.16
CA GLY B 549 -24.37 15.36 32.13
C GLY B 549 -23.78 14.98 33.47
N ASP B 550 -24.59 14.98 34.54
CA ASP B 550 -24.15 14.63 35.89
C ASP B 550 -24.34 13.16 36.20
N LEU B 551 -23.36 12.57 36.89
CA LEU B 551 -23.37 11.17 37.34
C LEU B 551 -24.32 11.06 38.54
N VAL B 552 -25.59 10.83 38.26
CA VAL B 552 -26.66 10.72 39.24
C VAL B 552 -27.66 9.66 38.81
N ASP B 553 -28.08 8.82 39.78
CA ASP B 553 -29.03 7.74 39.55
C ASP B 553 -30.44 8.27 39.39
N TRP B 554 -30.96 8.18 38.15
CA TRP B 554 -32.33 8.55 37.78
C TRP B 554 -33.16 7.30 37.49
N TRP B 555 -32.63 6.11 37.87
CA TRP B 555 -33.30 4.84 37.68
C TRP B 555 -33.88 4.30 39.00
N THR B 556 -35.05 3.64 38.91
CA THR B 556 -35.64 2.95 40.06
C THR B 556 -34.87 1.63 40.14
N GLN B 557 -34.80 1.02 41.34
CA GLN B 557 -34.13 -0.25 41.57
C GLN B 557 -34.58 -1.35 40.59
N GLN B 558 -35.90 -1.44 40.34
CA GLN B 558 -36.44 -2.48 39.46
C GLN B 558 -36.08 -2.23 38.00
N SER B 559 -36.11 -0.95 37.55
CA SER B 559 -35.75 -0.57 36.18
C SER B 559 -34.27 -0.95 35.93
N ALA B 560 -33.34 -0.46 36.80
CA ALA B 560 -31.90 -0.75 36.75
C ALA B 560 -31.64 -2.26 36.73
N SER B 561 -32.29 -3.02 37.64
CA SER B 561 -32.15 -4.48 37.71
C SER B 561 -32.56 -5.15 36.39
N ASN B 562 -33.71 -4.76 35.81
CA ASN B 562 -34.17 -5.35 34.54
C ASN B 562 -33.23 -4.94 33.40
N PHE B 563 -32.68 -3.68 33.44
CA PHE B 563 -31.71 -3.23 32.42
C PHE B 563 -30.52 -4.20 32.38
N LYS B 564 -29.91 -4.47 33.56
CA LYS B 564 -28.77 -5.38 33.74
C LYS B 564 -29.08 -6.79 33.24
N GLU B 565 -30.32 -7.26 33.44
CA GLU B 565 -30.89 -8.55 33.07
C GLU B 565 -31.07 -8.65 31.54
N GLN B 566 -31.54 -7.54 30.91
CA GLN B 566 -31.71 -7.46 29.45
C GLN B 566 -30.31 -7.37 28.79
N SER B 567 -29.40 -6.54 29.37
CA SER B 567 -28.04 -6.35 28.86
C SER B 567 -27.12 -7.58 29.05
N GLN B 568 -27.41 -8.45 30.04
CA GLN B 568 -26.64 -9.67 30.33
C GLN B 568 -26.70 -10.66 29.16
N CYS B 569 -27.78 -10.60 28.38
CA CYS B 569 -28.00 -11.40 27.16
C CYS B 569 -26.88 -11.07 26.17
N MET B 570 -26.57 -9.77 26.00
CA MET B 570 -25.57 -9.32 25.03
C MET B 570 -24.17 -9.65 25.48
N VAL B 571 -23.94 -9.67 26.80
CA VAL B 571 -22.66 -10.06 27.41
C VAL B 571 -22.39 -11.50 26.99
N TYR B 572 -23.40 -12.37 27.16
CA TYR B 572 -23.28 -13.78 26.81
C TYR B 572 -23.22 -14.00 25.33
N GLN B 573 -24.08 -13.30 24.55
CA GLN B 573 -24.09 -13.43 23.08
C GLN B 573 -22.70 -13.14 22.48
N TYR B 574 -22.15 -11.95 22.76
CA TYR B 574 -20.85 -11.52 22.19
C TYR B 574 -19.66 -12.22 22.82
N GLY B 575 -19.75 -12.55 24.11
CA GLY B 575 -18.73 -13.34 24.79
C GLY B 575 -18.59 -14.73 24.18
N ASN B 576 -19.63 -15.23 23.49
CA ASN B 576 -19.59 -16.56 22.86
C ASN B 576 -19.01 -16.54 21.49
N PHE B 577 -18.80 -15.34 20.89
CA PHE B 577 -18.17 -15.29 19.58
C PHE B 577 -16.69 -15.55 19.78
N SER B 578 -16.10 -16.39 18.94
CA SER B 578 -14.70 -16.75 18.95
C SER B 578 -14.11 -16.21 17.66
N TRP B 579 -12.96 -15.53 17.79
CA TRP B 579 -12.31 -14.88 16.69
C TRP B 579 -11.04 -15.57 16.25
N ASP B 580 -11.09 -16.18 15.05
CA ASP B 580 -9.99 -16.92 14.43
C ASP B 580 -8.68 -16.12 14.33
N LEU B 581 -8.79 -14.84 13.92
CA LEU B 581 -7.63 -13.96 13.74
C LEU B 581 -6.90 -13.68 15.03
N ALA B 582 -7.62 -13.77 16.17
CA ALA B 582 -7.10 -13.58 17.53
C ALA B 582 -6.75 -14.96 18.17
N GLY B 583 -6.53 -15.97 17.34
CA GLY B 583 -6.17 -17.31 17.78
C GLY B 583 -7.26 -18.06 18.52
N GLY B 584 -8.51 -17.89 18.08
CA GLY B 584 -9.65 -18.57 18.67
C GLY B 584 -10.16 -17.99 19.97
N GLN B 585 -9.60 -16.85 20.43
CA GLN B 585 -10.04 -16.22 21.67
C GLN B 585 -11.46 -15.65 21.53
N HIS B 586 -12.23 -15.69 22.62
CA HIS B 586 -13.60 -15.19 22.69
C HIS B 586 -13.55 -13.70 22.93
N LEU B 587 -14.56 -12.99 22.45
CA LEU B 587 -14.65 -11.56 22.68
C LEU B 587 -14.94 -11.33 24.12
N ASN B 588 -14.53 -10.19 24.64
CA ASN B 588 -14.83 -9.83 26.00
C ASN B 588 -16.22 -9.14 25.97
N GLY B 589 -17.26 -9.93 26.29
CA GLY B 589 -18.66 -9.51 26.32
C GLY B 589 -18.97 -8.38 27.29
N ILE B 590 -18.15 -8.25 28.34
CA ILE B 590 -18.30 -7.18 29.32
C ILE B 590 -17.71 -5.87 28.77
N ASN B 591 -16.45 -5.90 28.33
CA ASN B 591 -15.79 -4.71 27.80
C ASN B 591 -16.41 -4.15 26.51
N THR B 592 -17.04 -5.02 25.71
CA THR B 592 -17.70 -4.61 24.45
C THR B 592 -19.20 -4.27 24.61
N LEU B 593 -19.76 -4.41 25.83
CA LEU B 593 -21.19 -4.23 26.13
C LEU B 593 -21.75 -2.88 25.75
N GLY B 594 -21.11 -1.81 26.19
CA GLY B 594 -21.49 -0.44 25.86
C GLY B 594 -21.68 -0.24 24.37
N GLU B 595 -20.71 -0.71 23.55
CA GLU B 595 -20.77 -0.63 22.09
C GLU B 595 -21.80 -1.52 21.48
N ASN B 596 -21.97 -2.76 22.00
CA ASN B 596 -22.97 -3.70 21.51
C ASN B 596 -24.41 -3.22 21.81
N ILE B 597 -24.62 -2.62 22.99
CA ILE B 597 -25.93 -2.02 23.32
C ILE B 597 -26.19 -0.89 22.29
N ALA B 598 -25.17 -0.03 22.06
CA ALA B 598 -25.29 1.10 21.14
C ALA B 598 -25.56 0.64 19.73
N ASP B 599 -24.90 -0.44 19.27
CA ASP B 599 -25.10 -0.98 17.94
C ASP B 599 -26.50 -1.53 17.78
N ASN B 600 -26.94 -2.32 18.75
CA ASN B 600 -28.25 -2.95 18.73
C ASN B 600 -29.37 -1.93 18.83
N GLY B 601 -29.21 -0.95 19.72
CA GLY B 601 -30.13 0.18 19.88
C GLY B 601 -30.22 0.98 18.60
N GLY B 602 -29.06 1.36 18.06
CA GLY B 602 -28.94 2.15 16.82
C GLY B 602 -29.54 1.51 15.58
N LEU B 603 -29.33 0.19 15.42
CA LEU B 603 -29.90 -0.48 14.26
C LEU B 603 -31.46 -0.44 14.27
N GLY B 604 -32.04 -0.69 15.44
CA GLY B 604 -33.49 -0.69 15.63
C GLY B 604 -34.11 0.64 15.31
N GLN B 605 -33.53 1.72 15.87
CA GLN B 605 -33.99 3.10 15.70
C GLN B 605 -33.91 3.58 14.25
N ALA B 606 -32.82 3.26 13.54
CA ALA B 606 -32.62 3.65 12.13
C ALA B 606 -33.57 2.91 11.18
N TYR B 607 -33.83 1.63 11.44
CA TYR B 607 -34.74 0.89 10.59
C TYR B 607 -36.21 1.39 10.73
N ARG B 608 -36.64 1.70 11.97
CA ARG B 608 -37.97 2.22 12.31
C ARG B 608 -38.09 3.59 11.70
N ALA B 609 -37.05 4.43 11.80
CA ALA B 609 -37.07 5.76 11.20
C ALA B 609 -37.14 5.64 9.67
N TYR B 610 -36.51 4.61 9.09
CA TYR B 610 -36.60 4.41 7.65
C TYR B 610 -38.03 3.94 7.22
N GLN B 611 -38.67 3.10 8.05
CA GLN B 611 -40.04 2.63 7.77
C GLN B 611 -40.98 3.84 7.83
N ASN B 612 -40.78 4.73 8.83
CA ASN B 612 -41.50 6.00 8.99
C ASN B 612 -41.32 6.87 7.76
N TYR B 613 -40.10 6.87 7.15
CA TYR B 613 -39.81 7.62 5.92
C TYR B 613 -40.64 7.08 4.74
N ILE B 614 -40.70 5.73 4.59
CA ILE B 614 -41.46 5.07 3.53
C ILE B 614 -42.96 5.40 3.74
N LYS B 615 -43.46 5.42 4.98
CA LYS B 615 -44.86 5.77 5.25
C LYS B 615 -45.15 7.20 4.74
N LYS B 616 -44.34 8.19 5.15
CA LYS B 616 -44.48 9.60 4.76
C LYS B 616 -44.22 9.91 3.30
N ASN B 617 -43.24 9.24 2.66
CA ASN B 617 -42.86 9.61 1.29
C ASN B 617 -43.04 8.51 0.22
N GLY B 618 -43.40 7.30 0.63
CA GLY B 618 -43.56 6.18 -0.30
C GLY B 618 -42.24 5.57 -0.71
N GLU B 619 -42.30 4.39 -1.34
CA GLU B 619 -41.15 3.61 -1.81
C GLU B 619 -40.19 4.40 -2.70
N GLU B 620 -38.89 4.06 -2.62
CA GLU B 620 -37.88 4.71 -3.45
C GLU B 620 -37.72 3.87 -4.70
N LYS B 621 -37.23 4.48 -5.80
CA LYS B 621 -36.94 3.74 -7.04
C LYS B 621 -35.86 2.70 -6.75
N LEU B 622 -35.99 1.51 -7.34
CA LEU B 622 -35.04 0.44 -7.16
C LEU B 622 -33.68 0.76 -7.78
N LEU B 623 -32.62 0.07 -7.30
CA LEU B 623 -31.26 0.23 -7.82
C LEU B 623 -31.05 -0.78 -8.90
N PRO B 624 -30.45 -0.39 -10.05
CA PRO B 624 -30.24 -1.37 -11.13
C PRO B 624 -29.17 -2.40 -10.81
N GLY B 625 -29.25 -3.56 -11.47
CA GLY B 625 -28.33 -4.66 -11.28
C GLY B 625 -28.41 -5.36 -9.94
N LEU B 626 -29.25 -4.84 -9.03
CA LEU B 626 -29.48 -5.38 -7.69
C LEU B 626 -30.90 -5.81 -7.58
N ASP B 627 -31.14 -7.10 -7.42
CA ASP B 627 -32.49 -7.62 -7.29
C ASP B 627 -32.87 -7.73 -5.81
N LEU B 628 -32.88 -6.56 -5.15
CA LEU B 628 -33.17 -6.38 -3.73
C LEU B 628 -34.08 -5.20 -3.58
N ASN B 629 -34.94 -5.23 -2.58
CA ASN B 629 -35.81 -4.09 -2.31
C ASN B 629 -35.05 -3.16 -1.35
N HIS B 630 -35.60 -1.98 -1.05
CA HIS B 630 -34.93 -1.00 -0.22
C HIS B 630 -34.80 -1.41 1.27
N LYS B 631 -35.66 -2.32 1.78
CA LYS B 631 -35.55 -2.82 3.15
C LYS B 631 -34.27 -3.67 3.24
N GLN B 632 -34.01 -4.44 2.18
CA GLN B 632 -32.85 -5.31 2.03
C GLN B 632 -31.56 -4.50 1.79
N LEU B 633 -31.63 -3.44 0.98
CA LEU B 633 -30.52 -2.53 0.71
C LEU B 633 -30.09 -1.78 1.97
N PHE B 634 -31.04 -1.49 2.86
CA PHE B 634 -30.77 -0.85 4.15
C PHE B 634 -29.77 -1.73 4.94
N PHE B 635 -30.05 -3.03 5.02
CA PHE B 635 -29.20 -3.96 5.75
C PHE B 635 -27.90 -4.20 5.04
N LEU B 636 -27.92 -4.20 3.71
CA LEU B 636 -26.75 -4.42 2.86
C LEU B 636 -25.75 -3.29 3.08
N ASN B 637 -26.22 -2.02 3.10
CA ASN B 637 -25.34 -0.88 3.32
C ASN B 637 -24.79 -0.90 4.73
N PHE B 638 -25.66 -1.18 5.70
CA PHE B 638 -25.31 -1.31 7.10
C PHE B 638 -24.12 -2.27 7.27
N ALA B 639 -24.23 -3.44 6.66
CA ALA B 639 -23.21 -4.46 6.74
C ALA B 639 -21.93 -4.08 6.00
N GLN B 640 -22.03 -3.42 4.84
CA GLN B 640 -20.86 -3.04 4.05
C GLN B 640 -19.99 -1.98 4.67
N VAL B 641 -20.47 -1.31 5.72
CA VAL B 641 -19.66 -0.32 6.48
C VAL B 641 -18.47 -1.11 7.06
N TRP B 642 -18.71 -2.40 7.42
CA TRP B 642 -17.67 -3.19 8.06
C TRP B 642 -17.00 -4.25 7.18
N CYS B 643 -17.10 -4.17 5.82
CA CYS B 643 -16.30 -5.06 4.97
C CYS B 643 -14.84 -4.72 5.28
N GLY B 644 -14.09 -5.72 5.70
CA GLY B 644 -12.72 -5.48 6.12
C GLY B 644 -12.18 -6.68 6.86
N THR B 645 -10.90 -6.58 7.25
CA THR B 645 -10.20 -7.64 7.99
C THR B 645 -9.07 -7.04 8.81
N TYR B 646 -8.46 -7.86 9.69
CA TYR B 646 -7.42 -7.47 10.63
C TYR B 646 -6.19 -8.32 10.44
N ARG B 647 -5.00 -7.76 10.77
CA ARG B 647 -3.77 -8.57 10.84
C ARG B 647 -3.89 -9.36 12.16
N PRO B 648 -3.47 -10.64 12.18
CA PRO B 648 -3.61 -11.42 13.44
C PRO B 648 -2.93 -10.78 14.67
N GLU B 649 -1.77 -10.08 14.49
CA GLU B 649 -1.10 -9.38 15.58
C GLU B 649 -1.99 -8.32 16.12
N TYR B 650 -2.68 -7.58 15.22
CA TYR B 650 -3.60 -6.54 15.63
C TYR B 650 -4.91 -7.11 16.23
N ALA B 651 -5.39 -8.27 15.78
CA ALA B 651 -6.57 -8.93 16.37
C ALA B 651 -6.30 -9.28 17.85
N VAL B 652 -5.08 -9.79 18.17
CA VAL B 652 -4.65 -10.10 19.55
C VAL B 652 -4.66 -8.83 20.42
N ASN B 653 -4.22 -7.74 19.82
CA ASN B 653 -4.19 -6.43 20.44
C ASN B 653 -5.65 -5.89 20.68
N SER B 654 -6.43 -5.69 19.62
CA SER B 654 -7.79 -5.12 19.68
C SER B 654 -8.78 -5.95 20.50
N ILE B 655 -8.65 -7.27 20.51
CA ILE B 655 -9.55 -8.10 21.35
C ILE B 655 -9.42 -7.72 22.86
N LYS B 656 -8.29 -7.10 23.26
CA LYS B 656 -8.05 -6.67 24.63
C LYS B 656 -8.24 -5.18 24.78
N THR B 657 -7.93 -4.41 23.72
CA THR B 657 -7.94 -2.94 23.86
C THR B 657 -9.15 -2.24 23.27
N ASP B 658 -9.82 -2.86 22.30
CA ASP B 658 -10.94 -2.19 21.63
C ASP B 658 -12.25 -2.40 22.39
N VAL B 659 -12.99 -1.31 22.67
CA VAL B 659 -14.30 -1.41 23.35
C VAL B 659 -15.39 -1.88 22.36
N HIS B 660 -15.09 -1.80 21.06
CA HIS B 660 -16.00 -2.25 20.01
C HIS B 660 -15.74 -3.69 19.73
N SER B 661 -16.78 -4.41 19.27
CA SER B 661 -16.54 -5.77 18.80
C SER B 661 -15.97 -5.60 17.39
N PRO B 662 -15.22 -6.60 16.84
CA PRO B 662 -14.74 -6.48 15.46
C PRO B 662 -15.92 -6.37 14.49
N GLY B 663 -15.72 -5.64 13.39
CA GLY B 663 -16.72 -5.37 12.36
C GLY B 663 -17.63 -6.53 12.01
N ASN B 664 -17.06 -7.68 11.73
CA ASN B 664 -17.84 -8.87 11.38
C ASN B 664 -18.85 -9.27 12.48
N PHE B 665 -18.46 -9.20 13.74
CA PHE B 665 -19.33 -9.57 14.87
C PHE B 665 -20.35 -8.48 15.22
N ARG B 666 -20.06 -7.20 14.88
CA ARG B 666 -20.99 -6.09 15.06
C ARG B 666 -22.15 -6.34 14.11
N ILE B 667 -21.83 -6.82 12.88
CA ILE B 667 -22.78 -7.16 11.82
C ILE B 667 -23.55 -8.40 12.19
N ILE B 668 -22.87 -9.51 12.53
CA ILE B 668 -23.56 -10.75 12.90
C ILE B 668 -24.41 -10.59 14.15
N GLY B 669 -23.83 -10.04 15.20
CA GLY B 669 -24.49 -9.83 16.48
C GLY B 669 -25.77 -9.02 16.40
N THR B 670 -25.70 -7.80 15.80
CA THR B 670 -26.86 -6.93 15.64
C THR B 670 -27.98 -7.55 14.84
N LEU B 671 -27.65 -8.14 13.68
CA LEU B 671 -28.65 -8.75 12.82
C LEU B 671 -29.30 -10.01 13.43
N GLN B 672 -28.54 -10.77 14.25
CA GLN B 672 -29.09 -11.93 14.97
C GLN B 672 -30.19 -11.48 15.91
N ASN B 673 -30.03 -10.30 16.54
CA ASN B 673 -31.01 -9.74 17.45
C ASN B 673 -32.17 -8.98 16.76
N SER B 674 -32.15 -8.90 15.42
CA SER B 674 -33.11 -8.15 14.64
C SER B 674 -34.14 -9.03 13.94
N ALA B 675 -35.39 -8.95 14.42
CA ALA B 675 -36.52 -9.69 13.84
C ALA B 675 -36.79 -9.08 12.48
N GLU B 676 -36.60 -7.75 12.41
CA GLU B 676 -36.79 -6.97 11.18
C GLU B 676 -35.87 -7.42 10.08
N PHE B 677 -34.60 -7.77 10.42
CA PHE B 677 -33.63 -8.31 9.44
C PHE B 677 -34.12 -9.62 8.86
N SER B 678 -34.51 -10.56 9.73
CA SER B 678 -34.99 -11.89 9.37
C SER B 678 -36.24 -11.89 8.46
N GLU B 679 -37.14 -10.92 8.72
CA GLU B 679 -38.36 -10.65 7.96
C GLU B 679 -37.98 -10.16 6.52
N ALA B 680 -36.94 -9.28 6.39
CA ALA B 680 -36.47 -8.76 5.10
C ALA B 680 -35.76 -9.81 4.27
N PHE B 681 -35.02 -10.73 4.91
CA PHE B 681 -34.30 -11.74 4.15
C PHE B 681 -34.94 -13.15 4.26
N HIS B 682 -36.17 -13.22 4.84
CA HIS B 682 -37.00 -14.44 4.98
C HIS B 682 -36.20 -15.57 5.60
N CYS B 683 -35.58 -15.29 6.75
CA CYS B 683 -34.73 -16.25 7.45
C CYS B 683 -35.53 -17.28 8.22
N ARG B 684 -35.24 -18.57 7.98
CA ARG B 684 -35.88 -19.68 8.72
C ARG B 684 -35.52 -19.56 10.21
N LYS B 685 -36.42 -20.00 11.11
CA LYS B 685 -36.15 -19.94 12.56
C LYS B 685 -34.96 -20.82 12.88
N ASN B 686 -34.09 -20.33 13.79
CA ASN B 686 -32.87 -20.98 14.26
C ASN B 686 -31.82 -21.21 13.13
N SER B 687 -31.93 -20.44 12.01
CA SER B 687 -30.86 -20.38 10.99
C SER B 687 -29.80 -19.53 11.72
N TYR B 688 -28.53 -19.57 11.29
CA TYR B 688 -27.48 -18.82 12.02
C TYR B 688 -27.82 -17.35 12.29
N MET B 689 -28.37 -16.67 11.28
CA MET B 689 -28.73 -15.27 11.37
C MET B 689 -30.02 -14.99 12.11
N ASN B 690 -30.85 -16.04 12.37
CA ASN B 690 -32.14 -15.89 13.06
C ASN B 690 -32.31 -16.79 14.30
N PRO B 691 -31.54 -16.56 15.38
CA PRO B 691 -31.74 -17.38 16.58
C PRO B 691 -33.08 -17.07 17.26
N GLU B 692 -33.60 -18.06 18.02
CA GLU B 692 -34.83 -17.97 18.80
C GLU B 692 -34.70 -16.88 19.85
N LYS B 693 -33.63 -16.96 20.67
CA LYS B 693 -33.34 -15.96 21.70
C LYS B 693 -32.67 -14.75 21.03
N LYS B 694 -33.28 -13.59 21.24
CA LYS B 694 -32.82 -12.33 20.69
C LYS B 694 -32.63 -11.37 21.83
N CYS B 695 -31.47 -10.72 21.87
CA CYS B 695 -31.18 -9.78 22.93
C CYS B 695 -31.73 -8.44 22.53
N ARG B 696 -32.39 -7.77 23.46
CA ARG B 696 -33.01 -6.48 23.24
C ARG B 696 -32.83 -5.66 24.47
N VAL B 697 -32.52 -4.38 24.31
CA VAL B 697 -32.49 -3.48 25.44
C VAL B 697 -33.24 -2.23 24.96
N TRP B 698 -32.72 -1.47 23.96
CA TRP B 698 -33.46 -0.31 23.46
C TRP B 698 -34.19 -0.64 22.12
#